data_8U9L
#
_entry.id   8U9L
#
_cell.length_a   65.910
_cell.length_b   110.464
_cell.length_c   162.836
_cell.angle_alpha   82.20
_cell.angle_beta   77.98
_cell.angle_gamma   72.81
#
_symmetry.space_group_name_H-M   'P 1'
#
loop_
_entity.id
_entity.type
_entity.pdbx_description
1 polymer "DNA (5'-D(P*TP*TP*GP*AP*TP*GP*GP*GP*AP*AP*TP*TP*TP*CP*CP*GP*AP*TP*TP*C)-3')"
2 polymer "DNA (5'-D(P*GP*AP*AP*TP*CP*GP*GP*AP*AP*AP*TP*TP*CP*CP*CP*AP*TP*CP*AP*A)-3')"
3 polymer 'Transcription factor p65,Proto-oncogene c-Rel chimera'
#
loop_
_entity_poly.entity_id
_entity_poly.type
_entity_poly.pdbx_seq_one_letter_code
_entity_poly.pdbx_strand_id
1 'polydeoxyribonucleotide' (DT)(DT)(DG)(DA)(DT)(DG)(DG)(DG)(DA)(DA)(DT)(DT)(DT)(DC)(DC)(DG)(DA)(DT)(DT)(DC) E,C,I,M
2 'polydeoxyribonucleotide' (DG)(DA)(DA)(DT)(DC)(DG)(DG)(DA)(DA)(DA)(DT)(DT)(DC)(DC)(DC)(DA)(DT)(DC)(DA)(DA) F,D,J,N
3 'polypeptide(L)'
;MPYVEIIEQPKQRGMRFRYKCEGRSAGSIPGERSTDTTKTHPTIKINGYTGPGTVRISLVTKDPPHRPHPHELVGKDCRD
GYYEAEFGPERRPLFFQNLGIRCVKKKEVKEAIILRISAGINPFNVPEQQLLDIEDCDLNVVRLCFQVFLPDEHGNFTTA
LPPIVSNPIYDNRAPNTAELKICRVNRNSGSCLGGDEIFLLCDKVQKEDIEVYFTGPGWEARGSFSQADVHRQVAIVFRT
PPYADPSLQAPVRVSMQLRRPSDRELSEPMEFQYLPD
;
A,B,G,H,K,L,O,P
#
# COMPACT_ATOMS: atom_id res chain seq x y z
N PRO C 2 47.20 -60.28 31.68
CA PRO C 2 45.77 -60.56 31.83
C PRO C 2 45.04 -60.23 30.54
N TYR C 3 43.72 -60.21 30.58
CA TYR C 3 42.92 -59.87 29.40
C TYR C 3 41.63 -59.15 29.83
N VAL C 4 40.93 -58.61 28.84
CA VAL C 4 39.73 -57.81 29.05
C VAL C 4 38.51 -58.53 28.49
N GLU C 5 37.37 -58.37 29.16
CA GLU C 5 36.12 -59.00 28.71
C GLU C 5 34.95 -58.04 28.90
N ILE C 6 33.99 -58.14 27.99
CA ILE C 6 32.81 -57.28 28.01
C ILE C 6 31.72 -57.92 28.89
N ILE C 7 31.37 -57.20 29.95
CA ILE C 7 30.33 -57.61 30.89
C ILE C 7 28.96 -57.18 30.40
N GLU C 8 28.85 -55.93 29.92
CA GLU C 8 27.62 -55.38 29.33
C GLU C 8 27.91 -54.85 27.93
N GLN C 9 27.57 -55.67 26.93
CA GLN C 9 27.61 -55.30 25.53
C GLN C 9 26.74 -54.09 25.30
N PRO C 10 26.99 -53.33 24.24
CA PRO C 10 26.07 -52.24 23.88
C PRO C 10 24.77 -52.80 23.31
N LYS C 11 23.75 -51.96 23.34
CA LYS C 11 22.55 -52.24 22.55
C LYS C 11 22.93 -52.21 21.08
N GLN C 12 22.16 -52.88 20.25
CA GLN C 12 22.53 -52.99 18.85
C GLN C 12 21.68 -52.14 17.91
N ARG C 13 20.38 -52.09 18.15
CA ARG C 13 19.43 -51.40 17.28
C ARG C 13 18.61 -50.42 18.11
N GLY C 14 18.40 -49.22 17.56
CA GLY C 14 17.57 -48.31 18.30
C GLY C 14 17.95 -46.86 18.17
N MET C 15 19.24 -46.57 18.33
CA MET C 15 19.69 -45.19 18.30
C MET C 15 20.26 -44.88 16.91
N ARG C 16 20.05 -43.63 16.48
CA ARG C 16 20.57 -43.12 15.21
C ARG C 16 21.90 -42.42 15.43
N PHE C 17 22.82 -42.64 14.51
CA PHE C 17 24.10 -41.94 14.50
C PHE C 17 23.84 -40.46 14.23
N ARG C 18 24.08 -39.61 15.22
CA ARG C 18 23.92 -38.17 14.99
C ARG C 18 25.07 -37.65 14.12
N TYR C 19 24.75 -36.67 13.28
CA TYR C 19 25.78 -36.07 12.46
C TYR C 19 26.51 -34.98 13.22
N LYS C 20 27.62 -34.53 12.65
CA LYS C 20 28.37 -33.44 13.28
C LYS C 20 27.50 -32.19 13.32
N CYS C 21 26.75 -31.94 12.24
CA CYS C 21 25.86 -30.79 12.17
C CYS C 21 24.71 -30.86 13.15
N GLU C 22 24.28 -32.03 13.55
CA GLU C 22 23.22 -31.99 14.54
C GLU C 22 23.74 -31.55 15.92
N GLY C 23 25.05 -31.31 16.03
CA GLY C 23 25.73 -30.72 17.15
C GLY C 23 25.57 -31.59 18.38
N ARG C 24 25.49 -30.92 19.54
CA ARG C 24 25.21 -31.54 20.84
C ARG C 24 26.01 -32.82 21.04
N SER C 25 25.33 -33.87 21.50
CA SER C 25 25.95 -35.17 21.62
C SER C 25 25.01 -36.24 21.10
N ALA C 26 25.58 -37.34 20.64
CA ALA C 26 24.75 -38.42 20.14
C ALA C 26 24.14 -39.19 21.28
N GLY C 27 23.53 -38.49 22.23
CA GLY C 27 22.92 -39.15 23.37
C GLY C 27 23.93 -39.95 24.15
N SER C 28 23.65 -41.24 24.32
CA SER C 28 24.55 -42.09 25.08
C SER C 28 24.21 -43.55 24.78
N ILE C 29 25.18 -44.30 24.26
CA ILE C 29 24.94 -45.68 23.83
C ILE C 29 24.43 -46.47 25.02
N PRO C 30 23.25 -47.10 24.90
CA PRO C 30 22.68 -47.85 26.01
C PRO C 30 23.22 -49.27 26.07
N GLY C 31 23.19 -49.83 27.28
CA GLY C 31 23.53 -51.23 27.43
C GLY C 31 22.50 -52.14 26.82
N GLU C 32 22.94 -53.35 26.47
CA GLU C 32 22.09 -54.33 25.80
C GLU C 32 20.83 -54.61 26.61
N ARG C 33 20.96 -54.65 27.94
CA ARG C 33 19.88 -55.06 28.83
C ARG C 33 19.14 -53.89 29.45
N SER C 34 19.13 -52.76 28.76
CA SER C 34 18.44 -51.56 29.23
C SER C 34 16.92 -51.73 29.16
N THR C 35 16.22 -51.01 30.05
CA THR C 35 14.77 -50.95 30.08
C THR C 35 14.36 -49.53 30.47
N ASP C 36 13.07 -49.34 30.73
CA ASP C 36 12.65 -48.01 31.13
C ASP C 36 12.91 -47.74 32.61
N THR C 37 12.84 -48.77 33.45
CA THR C 37 13.12 -48.56 34.88
C THR C 37 14.55 -48.07 35.07
N THR C 38 15.54 -48.82 34.58
CA THR C 38 16.94 -48.48 34.74
C THR C 38 17.66 -48.72 33.42
N LYS C 39 18.57 -47.81 33.10
CA LYS C 39 19.36 -47.88 31.90
C LYS C 39 20.76 -48.37 32.21
N THR C 40 21.22 -49.37 31.45
CA THR C 40 22.55 -49.92 31.57
C THR C 40 23.52 -49.24 30.58
N HIS C 41 24.81 -49.38 30.86
CA HIS C 41 25.83 -48.76 30.03
C HIS C 41 26.85 -49.79 29.62
N PRO C 42 27.48 -49.62 28.45
CA PRO C 42 28.55 -50.51 28.05
C PRO C 42 29.57 -50.67 29.16
N THR C 43 29.76 -51.88 29.65
CA THR C 43 30.66 -52.08 30.79
C THR C 43 31.61 -53.23 30.55
N ILE C 44 32.86 -53.08 31.02
CA ILE C 44 33.90 -54.09 30.92
C ILE C 44 34.60 -54.29 32.26
N LYS C 45 35.35 -55.39 32.33
CA LYS C 45 36.27 -55.69 33.43
C LYS C 45 37.57 -56.25 32.85
N ILE C 46 38.65 -56.00 33.57
CA ILE C 46 39.98 -56.48 33.24
C ILE C 46 40.26 -57.73 34.08
N ASN C 47 40.01 -58.89 33.47
CA ASN C 47 40.16 -60.20 34.09
C ASN C 47 41.52 -60.37 34.76
N GLY C 48 41.51 -60.75 36.04
CA GLY C 48 42.74 -61.13 36.70
C GLY C 48 43.79 -60.04 36.75
N TYR C 49 43.44 -58.87 37.27
CA TYR C 49 44.41 -57.79 37.42
C TYR C 49 43.79 -56.70 38.26
N THR C 50 44.61 -56.06 39.09
CA THR C 50 44.22 -54.85 39.81
C THR C 50 45.41 -53.91 39.82
N GLY C 51 45.14 -52.64 39.57
CA GLY C 51 46.17 -51.63 39.44
C GLY C 51 45.79 -50.57 38.42
N PRO C 52 46.70 -49.67 38.11
CA PRO C 52 46.40 -48.55 37.21
C PRO C 52 46.44 -48.95 35.73
N GLY C 53 46.05 -48.00 34.88
CA GLY C 53 46.08 -48.23 33.45
C GLY C 53 45.28 -47.17 32.72
N THR C 54 44.99 -47.46 31.45
CA THR C 54 44.17 -46.57 30.62
C THR C 54 43.35 -47.39 29.63
N VAL C 55 42.11 -46.95 29.40
CA VAL C 55 41.23 -47.59 28.42
C VAL C 55 40.93 -46.61 27.29
N ARG C 56 41.13 -47.06 26.07
CA ARG C 56 40.87 -46.29 24.86
C ARG C 56 39.87 -47.00 23.96
N ILE C 57 38.78 -46.31 23.61
CA ILE C 57 37.69 -46.89 22.82
C ILE C 57 37.64 -46.20 21.45
N SER C 58 37.61 -47.00 20.39
CA SER C 58 37.43 -46.43 19.05
C SER C 58 36.47 -47.28 18.23
N LEU C 59 35.81 -46.67 17.25
CA LEU C 59 34.93 -47.44 16.38
C LEU C 59 35.72 -48.10 15.25
N VAL C 60 35.42 -49.38 15.00
CA VAL C 60 36.05 -50.19 13.96
C VAL C 60 34.94 -50.89 13.17
N THR C 61 35.30 -51.36 11.97
CA THR C 61 34.36 -52.06 11.10
C THR C 61 33.86 -53.38 11.70
N LYS C 62 32.74 -53.86 11.15
CA LYS C 62 32.09 -55.09 11.58
C LYS C 62 32.81 -56.34 11.10
N ASP C 63 33.42 -56.30 9.91
CA ASP C 63 33.83 -57.47 9.15
C ASP C 63 35.15 -58.03 9.64
N PRO C 64 35.51 -59.25 9.25
CA PRO C 64 36.65 -59.96 9.90
C PRO C 64 37.85 -59.06 10.11
N PRO C 65 38.50 -58.48 9.03
CA PRO C 65 39.60 -57.56 9.32
C PRO C 65 38.97 -56.31 9.88
N HIS C 66 39.21 -55.98 11.14
CA HIS C 66 38.51 -54.89 11.82
C HIS C 66 39.27 -53.57 11.60
N ARG C 67 39.08 -53.00 10.40
CA ARG C 67 39.65 -51.70 10.07
C ARG C 67 39.07 -50.60 10.96
N PRO C 68 39.84 -49.53 11.20
CA PRO C 68 39.28 -48.39 11.93
C PRO C 68 38.11 -47.79 11.18
N HIS C 69 37.14 -47.31 11.95
CA HIS C 69 35.94 -46.88 11.27
C HIS C 69 35.93 -45.36 11.14
N PRO C 70 35.42 -44.84 10.03
CA PRO C 70 35.36 -43.38 9.89
C PRO C 70 34.60 -42.67 10.99
N HIS C 71 33.46 -43.20 11.43
CA HIS C 71 32.68 -42.53 12.47
C HIS C 71 33.49 -42.43 13.76
N GLU C 72 32.99 -41.65 14.72
CA GLU C 72 33.80 -41.32 15.87
C GLU C 72 32.92 -41.10 17.10
N LEU C 73 33.51 -41.34 18.27
CA LEU C 73 32.85 -41.17 19.55
C LEU C 73 33.03 -39.78 20.11
N VAL C 74 32.05 -39.32 20.88
CA VAL C 74 32.11 -38.02 21.52
C VAL C 74 31.42 -38.10 22.87
N GLY C 75 31.96 -37.37 23.85
CA GLY C 75 31.45 -37.34 25.21
C GLY C 75 32.58 -37.26 26.21
N LYS C 76 32.25 -37.51 27.48
CA LYS C 76 33.24 -37.39 28.55
C LYS C 76 34.47 -38.22 28.20
N ASP C 77 35.64 -37.62 28.38
CA ASP C 77 36.93 -38.25 28.10
C ASP C 77 37.07 -38.66 26.63
N CYS C 78 36.33 -38.02 25.72
CA CYS C 78 36.51 -38.21 24.29
C CYS C 78 37.18 -36.99 23.68
N ARG C 79 38.09 -37.23 22.73
CA ARG C 79 38.72 -36.16 21.98
C ARG C 79 39.26 -36.76 20.69
N ASP C 80 39.30 -35.95 19.63
CA ASP C 80 39.85 -36.37 18.35
C ASP C 80 39.17 -37.60 17.78
N GLY C 81 37.96 -37.92 18.27
CA GLY C 81 37.15 -39.01 17.75
C GLY C 81 37.22 -40.36 18.47
N TYR C 82 37.92 -40.46 19.60
CA TYR C 82 37.98 -41.68 20.39
C TYR C 82 37.82 -41.35 21.87
N TYR C 83 37.64 -42.39 22.68
CA TYR C 83 37.59 -42.28 24.14
C TYR C 83 38.94 -42.74 24.68
N GLU C 84 39.51 -41.99 25.61
CA GLU C 84 40.77 -42.46 26.18
C GLU C 84 40.95 -41.98 27.61
N ALA C 85 41.57 -42.87 28.41
CA ALA C 85 42.28 -42.58 29.65
C ALA C 85 41.36 -42.59 30.86
N GLU C 86 41.99 -42.57 32.05
CA GLU C 86 41.42 -42.44 33.40
C GLU C 86 41.57 -43.77 34.13
N PHE C 87 40.46 -44.25 34.68
CA PHE C 87 40.28 -45.44 35.52
C PHE C 87 41.54 -46.19 35.86
N GLY C 88 42.21 -45.76 36.93
CA GLY C 88 43.43 -46.36 37.42
C GLY C 88 43.29 -47.14 38.72
N PRO C 89 42.86 -46.48 39.82
CA PRO C 89 42.95 -47.14 41.13
C PRO C 89 41.99 -48.32 41.28
N GLU C 90 40.81 -48.02 41.82
CA GLU C 90 39.73 -48.99 41.94
C GLU C 90 38.57 -48.53 41.07
N ARG C 91 37.37 -48.39 41.64
CA ARG C 91 36.15 -48.21 40.86
C ARG C 91 36.08 -49.31 39.81
N ARG C 92 36.19 -50.56 40.29
CA ARG C 92 36.58 -51.68 39.44
C ARG C 92 35.63 -51.95 38.29
N PRO C 93 34.31 -51.88 38.44
CA PRO C 93 33.46 -51.94 37.25
C PRO C 93 33.84 -50.78 36.34
N LEU C 94 34.19 -51.10 35.10
CA LEU C 94 34.66 -50.06 34.20
C LEU C 94 33.59 -49.80 33.15
N PHE C 95 32.71 -48.82 33.42
CA PHE C 95 31.60 -48.55 32.53
C PHE C 95 31.69 -47.18 31.86
N PHE C 96 31.06 -47.07 30.69
CA PHE C 96 31.22 -45.94 29.79
C PHE C 96 29.85 -45.42 29.40
N GLN C 97 29.30 -44.51 30.20
CA GLN C 97 27.94 -44.05 29.97
C GLN C 97 27.83 -42.83 29.06
N ASN C 98 28.90 -42.06 28.93
CA ASN C 98 28.88 -40.78 28.22
C ASN C 98 29.08 -40.92 26.70
N LEU C 99 28.96 -42.13 26.14
CA LEU C 99 29.39 -42.39 24.77
C LEU C 99 28.38 -41.88 23.77
N GLY C 100 28.86 -41.37 22.64
CA GLY C 100 27.98 -40.91 21.59
C GLY C 100 28.56 -41.13 20.21
N ILE C 101 27.81 -41.77 19.32
CA ILE C 101 28.30 -42.08 17.98
C ILE C 101 28.01 -40.88 17.07
N ARG C 102 29.06 -40.21 16.60
CA ARG C 102 28.96 -39.18 15.58
C ARG C 102 29.41 -39.78 14.24
N CYS C 103 28.55 -39.73 13.23
CA CYS C 103 28.91 -40.18 11.90
C CYS C 103 29.46 -39.02 11.09
N VAL C 104 30.38 -39.33 10.17
CA VAL C 104 30.98 -38.35 9.28
C VAL C 104 30.34 -38.46 7.91
N LYS C 105 30.25 -37.32 7.21
CA LYS C 105 29.69 -37.31 5.86
C LYS C 105 30.50 -38.23 4.95
N LYS C 106 29.83 -38.73 3.91
CA LYS C 106 30.43 -39.71 3.01
C LYS C 106 31.66 -39.14 2.30
N LYS C 107 31.69 -37.83 2.04
CA LYS C 107 32.87 -37.22 1.42
C LYS C 107 34.08 -37.29 2.35
N GLU C 108 33.93 -36.82 3.59
CA GLU C 108 35.03 -36.73 4.54
C GLU C 108 35.42 -38.05 5.20
N VAL C 109 35.14 -39.20 4.57
CA VAL C 109 35.48 -40.49 5.18
C VAL C 109 36.99 -40.70 5.16
N LYS C 110 37.61 -40.55 3.98
CA LYS C 110 39.06 -40.69 3.89
C LYS C 110 39.76 -39.81 4.91
N GLU C 111 39.41 -38.51 4.93
CA GLU C 111 40.03 -37.63 5.90
C GLU C 111 39.87 -38.15 7.33
N ALA C 112 38.83 -38.92 7.59
CA ALA C 112 38.60 -39.41 8.95
C ALA C 112 39.53 -40.57 9.27
N ILE C 113 39.59 -41.53 8.36
CA ILE C 113 40.41 -42.72 8.59
C ILE C 113 41.87 -42.33 8.77
N ILE C 114 42.38 -41.53 7.84
CA ILE C 114 43.74 -41.02 7.91
C ILE C 114 43.97 -40.22 9.18
N LEU C 115 42.98 -39.40 9.59
CA LEU C 115 43.15 -38.67 10.85
C LEU C 115 43.21 -39.61 12.02
N ARG C 116 42.56 -40.77 11.90
CA ARG C 116 42.61 -41.74 12.97
C ARG C 116 43.96 -42.46 12.99
N ILE C 117 44.34 -43.08 11.87
CA ILE C 117 45.59 -43.84 11.88
C ILE C 117 46.80 -42.95 12.02
N SER C 118 46.69 -41.65 11.69
CA SER C 118 47.77 -40.73 12.02
C SER C 118 47.97 -40.66 13.53
N ALA C 119 46.89 -40.70 14.28
CA ALA C 119 46.96 -40.81 15.73
C ALA C 119 47.39 -42.19 16.19
N GLY C 120 47.77 -43.06 15.24
CA GLY C 120 48.29 -44.38 15.55
C GLY C 120 47.28 -45.36 16.12
N ILE C 121 46.01 -45.20 15.76
CA ILE C 121 44.94 -46.09 16.20
C ILE C 121 44.65 -47.05 15.05
N ASN C 122 45.18 -48.26 15.12
CA ASN C 122 44.82 -49.34 14.19
C ASN C 122 44.81 -50.63 15.00
N PRO C 123 43.79 -50.79 15.88
CA PRO C 123 43.78 -51.90 16.85
C PRO C 123 44.17 -53.25 16.30
N PHE C 124 43.67 -53.60 15.12
CA PHE C 124 43.97 -54.90 14.54
C PHE C 124 44.98 -54.83 13.42
N ASN C 125 45.85 -53.83 13.46
CA ASN C 125 46.93 -53.62 12.49
C ASN C 125 46.64 -54.22 11.11
N VAL C 126 45.66 -53.62 10.43
CA VAL C 126 45.28 -53.99 9.07
C VAL C 126 46.27 -53.29 8.14
N PRO C 127 46.64 -53.89 7.01
CA PRO C 127 47.55 -53.23 6.07
C PRO C 127 47.05 -51.87 5.60
N GLU C 128 47.96 -51.06 5.05
CA GLU C 128 47.57 -49.76 4.50
C GLU C 128 46.79 -49.92 3.19
N GLN C 129 47.15 -50.92 2.39
CA GLN C 129 46.48 -51.18 1.12
C GLN C 129 44.97 -51.33 1.25
N GLN C 130 44.48 -51.83 2.40
CA GLN C 130 43.04 -52.02 2.60
C GLN C 130 42.35 -50.81 3.20
N LEU C 131 43.07 -49.98 3.96
CA LEU C 131 42.49 -48.78 4.53
C LEU C 131 42.01 -47.83 3.43
N LEU C 132 42.71 -47.87 2.28
CA LEU C 132 42.40 -47.15 1.04
C LEU C 132 40.96 -47.39 0.57
N ASP C 133 40.28 -48.38 1.17
CA ASP C 133 38.90 -48.75 0.82
C ASP C 133 37.91 -48.22 1.84
N ILE C 134 36.96 -49.08 2.25
CA ILE C 134 36.05 -48.92 3.39
C ILE C 134 34.75 -48.22 3.00
N GLU C 135 34.68 -47.63 1.80
CA GLU C 135 33.42 -47.03 1.35
C GLU C 135 32.43 -48.13 0.95
N ASP C 136 31.31 -48.21 1.68
CA ASP C 136 30.26 -49.22 1.48
C ASP C 136 29.10 -49.03 2.47
N CYS C 137 28.37 -50.13 2.75
CA CYS C 137 27.36 -50.22 3.80
C CYS C 137 27.96 -50.22 5.21
N ASP C 138 29.28 -50.20 5.35
CA ASP C 138 29.90 -50.14 6.66
C ASP C 138 29.78 -48.77 7.31
N LEU C 139 29.03 -47.85 6.72
CA LEU C 139 28.78 -46.58 7.38
C LEU C 139 27.62 -46.67 8.35
N ASN C 140 26.81 -47.72 8.23
CA ASN C 140 25.62 -47.93 9.04
C ASN C 140 25.85 -48.87 10.22
N VAL C 141 26.95 -49.62 10.25
CA VAL C 141 27.25 -50.56 11.33
C VAL C 141 28.65 -50.25 11.85
N VAL C 142 28.78 -50.05 13.16
CA VAL C 142 30.07 -49.82 13.79
C VAL C 142 30.23 -50.83 14.91
N ARG C 143 31.47 -50.96 15.39
CA ARG C 143 31.79 -51.80 16.54
C ARG C 143 32.66 -51.01 17.49
N LEU C 144 32.36 -51.11 18.79
CA LEU C 144 33.24 -50.56 19.82
C LEU C 144 34.48 -51.42 19.93
N CYS C 145 35.65 -50.78 20.01
CA CYS C 145 36.93 -51.47 20.18
C CYS C 145 37.64 -50.96 21.41
N PHE C 146 37.73 -51.81 22.43
CA PHE C 146 38.37 -51.46 23.70
C PHE C 146 39.83 -51.93 23.68
N GLN C 147 40.75 -50.97 23.74
CA GLN C 147 42.18 -51.21 23.91
C GLN C 147 42.55 -50.79 25.33
N VAL C 148 43.08 -51.73 26.11
CA VAL C 148 43.51 -51.45 27.48
C VAL C 148 45.03 -51.49 27.52
N PHE C 149 45.62 -50.45 28.09
CA PHE C 149 47.06 -50.33 28.26
C PHE C 149 47.39 -50.37 29.74
N LEU C 150 48.30 -51.28 30.12
CA LEU C 150 48.66 -51.55 31.50
C LEU C 150 50.04 -50.99 31.85
N PRO C 151 50.30 -50.64 33.11
CA PRO C 151 51.56 -50.00 33.48
C PRO C 151 52.76 -50.89 33.17
N ASP C 152 53.91 -50.26 32.96
CA ASP C 152 55.11 -50.98 32.57
C ASP C 152 56.33 -50.15 32.96
N GLU C 153 57.48 -50.85 33.01
CA GLU C 153 58.81 -50.36 33.42
C GLU C 153 58.86 -48.88 33.78
N HIS C 154 59.00 -48.58 35.07
CA HIS C 154 59.14 -47.26 35.67
C HIS C 154 57.79 -46.55 35.79
N GLY C 155 56.70 -47.14 35.30
CA GLY C 155 55.36 -46.67 35.59
C GLY C 155 54.67 -45.94 34.46
N ASN C 156 54.58 -46.55 33.28
CA ASN C 156 54.01 -45.91 32.11
C ASN C 156 53.02 -46.85 31.44
N PHE C 157 51.76 -46.42 31.32
CA PHE C 157 50.66 -47.17 30.71
C PHE C 157 50.87 -47.48 29.23
N THR C 158 51.68 -48.51 28.91
CA THR C 158 51.99 -48.87 27.53
C THR C 158 51.87 -50.35 27.17
N THR C 159 51.64 -51.25 28.14
CA THR C 159 51.73 -52.70 27.90
C THR C 159 50.87 -53.17 26.72
N ALA C 160 49.61 -52.74 26.67
CA ALA C 160 48.64 -53.12 25.64
C ALA C 160 48.28 -54.59 25.71
N LEU C 161 47.10 -54.86 26.23
CA LEU C 161 46.42 -56.14 26.19
C LEU C 161 45.77 -56.34 24.82
N PRO C 162 45.40 -57.56 24.48
CA PRO C 162 44.71 -57.79 23.21
C PRO C 162 43.44 -56.96 23.09
N PRO C 163 43.17 -56.41 21.91
CA PRO C 163 41.92 -55.69 21.68
C PRO C 163 40.71 -56.62 21.53
N ILE C 164 39.58 -56.20 22.09
CA ILE C 164 38.33 -56.94 21.93
C ILE C 164 37.27 -56.01 21.35
N VAL C 165 36.37 -56.58 20.55
CA VAL C 165 35.32 -55.82 19.91
C VAL C 165 33.98 -56.18 20.56
N SER C 166 33.04 -55.25 20.53
CA SER C 166 31.69 -55.51 20.99
C SER C 166 30.79 -56.00 19.86
N ASN C 167 29.54 -56.29 20.20
CA ASN C 167 28.54 -56.56 19.19
C ASN C 167 28.33 -55.31 18.34
N PRO C 168 27.96 -55.48 17.08
CA PRO C 168 27.80 -54.34 16.19
C PRO C 168 26.65 -53.45 16.64
N ILE C 169 26.81 -52.15 16.47
CA ILE C 169 25.76 -51.16 16.73
C ILE C 169 25.25 -50.63 15.40
N TYR C 170 23.94 -50.58 15.23
CA TYR C 170 23.36 -50.25 13.92
C TYR C 170 22.72 -48.87 13.91
N ASP C 171 22.90 -48.17 12.79
CA ASP C 171 22.32 -46.84 12.64
C ASP C 171 20.82 -46.94 12.49
N ASN C 172 20.06 -46.37 13.43
CA ASN C 172 18.62 -46.51 13.32
C ASN C 172 18.03 -45.69 12.18
N ARG C 173 18.79 -44.76 11.62
CA ARG C 173 18.36 -43.85 10.56
C ARG C 173 18.58 -44.40 9.15
N ALA C 174 19.54 -45.30 8.97
CA ALA C 174 19.71 -45.90 7.65
C ALA C 174 18.65 -46.97 7.43
N PRO C 175 17.94 -46.94 6.30
CA PRO C 175 16.80 -47.86 6.11
C PRO C 175 17.16 -49.32 6.22
N ASN C 176 18.38 -49.73 5.85
CA ASN C 176 18.74 -51.15 5.86
C ASN C 176 19.19 -51.65 7.22
N THR C 177 19.52 -50.74 8.13
CA THR C 177 19.89 -51.09 9.49
C THR C 177 18.87 -50.64 10.52
N ALA C 178 17.77 -50.01 10.11
CA ALA C 178 16.76 -49.50 11.03
C ALA C 178 16.02 -50.64 11.75
N GLU C 179 15.49 -50.30 12.93
CA GLU C 179 14.64 -51.18 13.71
C GLU C 179 13.26 -51.28 13.07
N LEU C 180 12.78 -52.50 12.88
CA LEU C 180 11.48 -52.74 12.24
C LEU C 180 10.31 -52.58 13.22
N LYS C 181 9.26 -51.89 12.77
CA LYS C 181 8.14 -51.58 13.64
C LYS C 181 6.84 -51.51 12.84
N ILE C 182 5.85 -52.32 13.22
CA ILE C 182 4.51 -52.19 12.67
C ILE C 182 3.77 -51.15 13.48
N CYS C 183 3.28 -50.11 12.82
CA CYS C 183 2.67 -49.03 13.60
C CYS C 183 1.17 -49.18 13.77
N ARG C 184 0.48 -49.60 12.73
CA ARG C 184 -0.98 -49.71 12.81
C ARG C 184 -1.49 -50.52 11.61
N VAL C 185 -2.57 -51.29 11.81
CA VAL C 185 -3.04 -52.21 10.76
C VAL C 185 -4.53 -52.11 10.50
N ASN C 186 -4.88 -52.45 9.26
CA ASN C 186 -6.24 -52.40 8.76
C ASN C 186 -7.20 -53.22 9.61
N ARG C 187 -6.79 -54.42 9.99
CA ARG C 187 -7.60 -55.39 10.70
C ARG C 187 -6.70 -56.56 11.05
N ASN C 188 -7.02 -57.24 12.15
CA ASN C 188 -6.15 -58.31 12.65
C ASN C 188 -6.94 -59.61 12.83
N SER C 189 -7.71 -59.98 11.81
CA SER C 189 -8.45 -61.23 11.81
C SER C 189 -8.99 -61.48 10.40
N GLY C 190 -8.93 -62.73 9.95
CA GLY C 190 -9.37 -63.02 8.60
C GLY C 190 -9.67 -64.48 8.41
N SER C 191 -10.13 -64.81 7.21
CA SER C 191 -10.38 -66.20 6.84
C SER C 191 -9.10 -67.01 6.92
N CYS C 192 -9.23 -68.25 7.41
CA CYS C 192 -8.10 -69.17 7.35
C CYS C 192 -7.71 -69.47 5.91
N LEU C 193 -8.61 -69.22 4.97
CA LEU C 193 -8.31 -69.43 3.56
C LEU C 193 -7.33 -68.38 3.04
N GLY C 194 -7.24 -67.25 3.73
CA GLY C 194 -6.33 -66.18 3.35
C GLY C 194 -6.97 -65.25 2.33
N GLY C 195 -6.11 -64.49 1.66
CA GLY C 195 -6.59 -63.57 0.65
C GLY C 195 -7.23 -62.31 1.16
N ASP C 196 -7.19 -62.04 2.47
CA ASP C 196 -7.73 -60.79 3.00
C ASP C 196 -6.72 -59.65 2.83
N GLU C 197 -7.17 -58.53 2.26
CA GLU C 197 -6.30 -57.39 2.05
C GLU C 197 -6.08 -56.67 3.37
N ILE C 198 -4.81 -56.41 3.69
CA ILE C 198 -4.37 -55.77 4.91
C ILE C 198 -3.60 -54.51 4.53
N PHE C 199 -3.92 -53.40 5.19
CA PHE C 199 -3.16 -52.15 5.09
C PHE C 199 -2.28 -52.01 6.34
N LEU C 200 -0.97 -52.13 6.19
CA LEU C 200 -0.03 -52.07 7.31
C LEU C 200 0.81 -50.79 7.23
N LEU C 201 0.65 -49.93 8.22
CA LEU C 201 1.46 -48.73 8.37
C LEU C 201 2.64 -49.01 9.29
N CYS C 202 3.86 -48.72 8.82
CA CYS C 202 5.09 -49.13 9.48
C CYS C 202 6.19 -48.07 9.34
N ASP C 203 7.29 -48.29 10.06
CA ASP C 203 8.50 -47.47 9.94
C ASP C 203 9.28 -47.80 8.69
N LYS C 204 9.91 -46.78 8.11
CA LYS C 204 10.64 -46.82 6.85
C LYS C 204 11.28 -48.18 6.60
N VAL C 205 10.83 -48.86 5.55
CA VAL C 205 11.42 -50.12 5.11
C VAL C 205 11.89 -49.95 3.69
N GLN C 206 12.52 -50.97 3.12
CA GLN C 206 12.93 -50.97 1.72
C GLN C 206 12.08 -51.99 0.97
N LYS C 207 11.33 -51.51 -0.04
CA LYS C 207 10.44 -52.40 -0.81
C LYS C 207 11.18 -53.59 -1.41
N GLU C 208 12.48 -53.49 -1.67
CA GLU C 208 13.17 -54.64 -2.25
C GLU C 208 13.71 -55.61 -1.21
N ASP C 209 13.41 -55.42 0.06
CA ASP C 209 14.04 -56.21 1.11
C ASP C 209 13.16 -56.22 2.36
N ILE C 210 11.90 -56.67 2.19
CA ILE C 210 10.90 -56.69 3.25
C ILE C 210 9.86 -57.76 2.94
N GLU C 211 9.43 -58.52 3.95
CA GLU C 211 8.29 -59.42 3.82
C GLU C 211 7.43 -59.35 5.08
N VAL C 212 6.19 -59.81 4.96
CA VAL C 212 5.29 -59.93 6.10
C VAL C 212 5.24 -61.39 6.50
N TYR C 213 5.70 -61.69 7.71
CA TYR C 213 6.02 -63.04 8.16
C TYR C 213 5.01 -63.44 9.24
N PHE C 214 4.08 -64.33 8.88
CA PHE C 214 3.12 -64.94 9.79
C PHE C 214 3.68 -66.25 10.32
N THR C 215 3.58 -66.47 11.64
CA THR C 215 4.03 -67.74 12.20
C THR C 215 3.10 -68.23 13.31
N GLY C 216 3.13 -69.55 13.48
CA GLY C 216 2.49 -70.19 14.60
C GLY C 216 3.25 -71.44 14.94
N PRO C 217 2.86 -72.15 16.02
CA PRO C 217 3.51 -73.41 16.35
C PRO C 217 3.72 -74.28 15.12
N GLY C 218 4.99 -74.42 14.72
CA GLY C 218 5.38 -75.19 13.55
C GLY C 218 4.70 -74.78 12.26
N TRP C 219 4.74 -73.49 11.97
CA TRP C 219 4.13 -72.96 10.75
C TRP C 219 4.71 -71.59 10.42
N GLU C 220 4.98 -71.37 9.14
CA GLU C 220 5.38 -70.06 8.64
C GLU C 220 4.74 -69.78 7.27
N ALA C 221 4.48 -68.49 7.01
CA ALA C 221 3.94 -68.08 5.72
C ALA C 221 4.25 -66.61 5.49
N ARG C 222 4.40 -66.24 4.22
CA ARG C 222 4.77 -64.88 3.88
C ARG C 222 3.55 -64.01 3.61
N GLY C 223 3.83 -62.72 3.43
CA GLY C 223 2.83 -61.73 3.20
C GLY C 223 2.01 -61.97 1.97
N SER C 224 2.59 -61.70 0.81
CA SER C 224 2.01 -61.72 -0.54
C SER C 224 1.71 -60.30 -0.99
N PHE C 225 2.69 -59.70 -1.63
CA PHE C 225 2.55 -58.37 -2.19
C PHE C 225 3.71 -58.17 -3.15
N SER C 226 3.64 -57.05 -3.86
CA SER C 226 4.67 -56.67 -4.78
C SER C 226 5.37 -55.43 -4.25
N GLN C 227 6.49 -55.11 -4.87
CA GLN C 227 7.13 -53.85 -4.54
C GLN C 227 6.20 -52.68 -4.82
N ALA C 228 5.38 -52.77 -5.88
CA ALA C 228 4.44 -51.70 -6.19
C ALA C 228 3.42 -51.46 -5.08
N ASP C 229 3.24 -52.44 -4.20
CA ASP C 229 2.32 -52.35 -3.06
C ASP C 229 2.97 -51.76 -1.80
N VAL C 230 4.23 -51.34 -1.86
CA VAL C 230 4.93 -50.77 -0.71
C VAL C 230 4.97 -49.27 -0.95
N HIS C 231 4.01 -48.56 -0.37
CA HIS C 231 3.79 -47.13 -0.64
C HIS C 231 4.80 -46.29 0.14
N ARG C 232 5.70 -45.62 -0.60
CA ARG C 232 6.59 -44.59 -0.07
C ARG C 232 7.31 -45.06 1.19
N GLN C 233 7.67 -46.34 1.21
CA GLN C 233 8.51 -46.97 2.24
C GLN C 233 7.82 -47.11 3.60
N VAL C 234 6.57 -46.68 3.79
CA VAL C 234 5.98 -46.70 5.12
C VAL C 234 4.57 -47.29 5.11
N ALA C 235 4.20 -47.95 4.03
CA ALA C 235 2.90 -48.58 3.94
C ALA C 235 2.97 -49.83 3.06
N ILE C 236 2.43 -50.94 3.57
CA ILE C 236 2.39 -52.21 2.85
C ILE C 236 0.93 -52.63 2.71
N VAL C 237 0.48 -52.82 1.48
CA VAL C 237 -0.84 -53.36 1.18
C VAL C 237 -0.65 -54.76 0.64
N PHE C 238 -1.02 -55.77 1.45
CA PHE C 238 -0.82 -57.18 1.07
C PHE C 238 -2.10 -57.94 1.33
N ARG C 239 -2.09 -59.24 1.05
CA ARG C 239 -3.19 -60.16 1.37
C ARG C 239 -2.66 -61.25 2.27
N THR C 240 -3.43 -61.64 3.29
CA THR C 240 -2.99 -62.67 4.23
C THR C 240 -2.80 -64.00 3.51
N PRO C 241 -1.83 -64.81 3.93
CA PRO C 241 -1.62 -66.12 3.32
C PRO C 241 -2.64 -67.12 3.84
N PRO C 242 -2.83 -68.24 3.13
CA PRO C 242 -3.65 -69.33 3.67
C PRO C 242 -3.03 -69.95 4.91
N TYR C 243 -3.87 -70.25 5.89
CA TYR C 243 -3.41 -70.92 7.08
C TYR C 243 -3.16 -72.41 6.81
N ALA C 244 -2.41 -73.05 7.71
CA ALA C 244 -2.13 -74.48 7.62
C ALA C 244 -3.42 -75.29 7.56
N ASP C 245 -4.43 -74.92 8.36
CA ASP C 245 -5.67 -75.66 8.46
C ASP C 245 -6.79 -74.91 7.73
N PRO C 246 -7.11 -75.25 6.48
CA PRO C 246 -8.25 -74.61 5.79
C PRO C 246 -9.60 -75.06 6.31
N SER C 247 -9.64 -75.89 7.34
CA SER C 247 -10.87 -76.41 7.92
C SER C 247 -10.99 -75.96 9.37
N LEU C 248 -10.65 -74.71 9.64
CA LEU C 248 -10.70 -74.21 11.02
C LEU C 248 -12.12 -74.28 11.56
N GLN C 249 -12.25 -74.83 12.77
CA GLN C 249 -13.54 -74.80 13.43
C GLN C 249 -13.59 -73.75 14.52
N ALA C 250 -12.46 -73.40 15.10
CA ALA C 250 -12.40 -72.32 16.08
C ALA C 250 -11.20 -71.45 15.77
N PRO C 251 -11.24 -70.17 16.14
CA PRO C 251 -10.15 -69.25 15.77
C PRO C 251 -8.81 -69.63 16.39
N VAL C 252 -7.74 -69.44 15.60
CA VAL C 252 -6.36 -69.69 16.01
C VAL C 252 -5.58 -68.39 15.93
N ARG C 253 -4.89 -68.02 17.01
CA ARG C 253 -4.11 -66.78 17.01
C ARG C 253 -2.64 -67.10 16.69
N VAL C 254 -2.12 -66.42 15.66
CA VAL C 254 -0.74 -66.50 15.19
C VAL C 254 -0.14 -65.10 15.33
N SER C 255 1.17 -64.99 15.05
CA SER C 255 1.90 -63.72 15.20
C SER C 255 2.42 -63.27 13.84
N MET C 256 2.06 -62.05 13.47
CA MET C 256 2.45 -61.42 12.21
C MET C 256 3.55 -60.40 12.47
N GLN C 257 4.55 -60.36 11.62
CA GLN C 257 5.61 -59.40 11.92
C GLN C 257 6.39 -59.08 10.66
N LEU C 258 6.91 -57.86 10.60
CA LEU C 258 7.79 -57.48 9.50
C LEU C 258 9.11 -58.21 9.62
N ARG C 259 9.63 -58.70 8.49
CA ARG C 259 10.88 -59.45 8.46
C ARG C 259 11.74 -58.95 7.33
N ARG C 260 13.02 -58.71 7.62
CA ARG C 260 13.96 -58.26 6.60
C ARG C 260 14.85 -59.43 6.18
N PRO C 261 14.67 -60.00 4.98
CA PRO C 261 15.51 -61.13 4.56
C PRO C 261 17.01 -60.90 4.67
N SER C 262 17.52 -59.70 4.40
CA SER C 262 18.97 -59.49 4.38
C SER C 262 19.63 -59.92 5.69
N ASP C 263 19.19 -59.36 6.83
CA ASP C 263 19.77 -59.71 8.12
C ASP C 263 18.78 -60.46 9.02
N ARG C 264 17.81 -61.13 8.41
CA ARG C 264 16.79 -61.92 9.09
C ARG C 264 16.27 -61.25 10.36
N GLU C 265 16.15 -59.94 10.35
CA GLU C 265 15.67 -59.20 11.52
C GLU C 265 14.14 -59.24 11.57
N LEU C 266 13.59 -59.13 12.77
CA LEU C 266 12.15 -59.25 12.96
C LEU C 266 11.61 -58.11 13.80
N SER C 267 10.45 -57.62 13.42
CA SER C 267 9.71 -56.65 14.23
C SER C 267 9.07 -57.31 15.43
N GLU C 268 8.63 -56.48 16.36
CA GLU C 268 7.77 -56.93 17.45
C GLU C 268 6.55 -57.59 16.84
N PRO C 269 6.21 -58.79 17.25
CA PRO C 269 5.07 -59.48 16.63
C PRO C 269 3.76 -58.84 17.04
N MET C 270 2.79 -58.94 16.13
CA MET C 270 1.42 -58.50 16.32
C MET C 270 0.50 -59.72 16.25
N GLU C 271 -0.49 -59.80 17.14
CA GLU C 271 -1.40 -60.94 17.10
C GLU C 271 -2.35 -60.78 15.91
N PHE C 272 -2.56 -61.87 15.20
CA PHE C 272 -3.53 -61.98 14.12
C PHE C 272 -4.30 -63.27 14.36
N GLN C 273 -5.63 -63.23 14.35
CA GLN C 273 -6.35 -64.46 14.60
C GLN C 273 -7.05 -64.91 13.33
N TYR C 274 -6.68 -66.10 12.85
CA TYR C 274 -7.35 -66.74 11.74
C TYR C 274 -8.68 -67.30 12.21
N LEU C 275 -9.72 -67.11 11.38
CA LEU C 275 -11.08 -67.41 11.74
C LEU C 275 -11.62 -68.55 10.88
N PRO C 276 -12.60 -69.31 11.41
CA PRO C 276 -13.24 -70.37 10.63
C PRO C 276 -13.98 -69.79 9.44
N ASP C 277 -13.49 -70.08 8.23
CA ASP C 277 -14.06 -69.56 7.00
C ASP C 277 -15.55 -69.85 6.88
N PRO D 2 3.47 -2.15 -30.20
CA PRO D 2 2.68 -3.36 -29.96
C PRO D 2 2.87 -3.94 -28.54
N TYR D 3 2.33 -5.12 -28.25
CA TYR D 3 2.44 -5.70 -26.91
C TYR D 3 2.51 -7.22 -27.02
N VAL D 4 2.77 -7.88 -25.88
CA VAL D 4 2.96 -9.33 -25.83
C VAL D 4 1.79 -9.99 -25.12
N GLU D 5 1.43 -11.18 -25.58
CA GLU D 5 0.34 -11.89 -24.94
C GLU D 5 0.67 -13.37 -24.81
N ILE D 6 0.25 -13.95 -23.70
CA ILE D 6 0.46 -15.37 -23.40
C ILE D 6 -0.71 -16.16 -23.97
N ILE D 7 -0.43 -17.03 -24.94
CA ILE D 7 -1.49 -17.88 -25.49
C ILE D 7 -1.60 -19.18 -24.72
N GLU D 8 -0.49 -19.84 -24.42
CA GLU D 8 -0.54 -21.07 -23.64
C GLU D 8 0.30 -20.84 -22.41
N GLN D 9 -0.41 -20.56 -21.32
CA GLN D 9 0.15 -20.42 -19.99
C GLN D 9 0.85 -21.72 -19.59
N PRO D 10 1.85 -21.66 -18.72
CA PRO D 10 2.44 -22.91 -18.22
C PRO D 10 1.51 -23.58 -17.22
N LYS D 11 1.70 -24.90 -17.07
CA LYS D 11 1.06 -25.63 -15.98
C LYS D 11 1.59 -25.11 -14.65
N GLN D 12 0.75 -25.18 -13.64
CA GLN D 12 1.05 -24.56 -12.36
C GLN D 12 1.55 -25.55 -11.33
N ARG D 13 1.00 -26.75 -11.30
CA ARG D 13 1.38 -27.74 -10.30
C ARG D 13 1.78 -29.02 -11.02
N GLY D 14 2.84 -29.67 -10.53
CA GLY D 14 3.24 -30.91 -11.14
C GLY D 14 4.72 -31.22 -11.19
N MET D 15 5.54 -30.24 -11.55
CA MET D 15 6.96 -30.49 -11.77
C MET D 15 7.82 -30.08 -10.58
N ARG D 16 8.93 -30.80 -10.40
CA ARG D 16 9.89 -30.50 -9.34
C ARG D 16 10.92 -29.51 -9.81
N PHE D 17 11.24 -28.55 -8.95
CA PHE D 17 12.39 -27.69 -9.18
C PHE D 17 13.65 -28.53 -8.95
N ARG D 18 14.38 -28.84 -10.02
CA ARG D 18 15.63 -29.59 -9.86
C ARG D 18 16.74 -28.68 -9.35
N TYR D 19 17.61 -29.23 -8.54
CA TYR D 19 18.76 -28.50 -8.04
C TYR D 19 19.88 -28.56 -9.06
N LYS D 20 20.92 -27.74 -8.83
CA LYS D 20 22.10 -27.80 -9.69
C LYS D 20 22.80 -29.16 -9.64
N CYS D 21 22.85 -29.79 -8.45
CA CYS D 21 23.53 -31.08 -8.32
C CYS D 21 22.86 -32.19 -9.13
N GLU D 22 21.57 -32.09 -9.36
CA GLU D 22 20.90 -33.04 -10.25
C GLU D 22 21.27 -32.81 -11.71
N GLY D 23 22.13 -31.83 -11.97
CA GLY D 23 22.82 -31.54 -13.23
C GLY D 23 21.87 -31.23 -14.37
N ARG D 24 22.37 -31.42 -15.59
CA ARG D 24 21.58 -31.42 -16.82
C ARG D 24 20.57 -30.27 -16.85
N SER D 25 19.44 -30.48 -17.50
CA SER D 25 18.32 -29.56 -17.50
C SER D 25 17.21 -30.09 -16.60
N ALA D 26 16.43 -29.16 -16.04
CA ALA D 26 15.29 -29.52 -15.21
C ALA D 26 14.09 -29.91 -16.07
N GLY D 27 14.34 -30.79 -17.05
CA GLY D 27 13.29 -31.17 -17.97
C GLY D 27 12.74 -29.99 -18.76
N SER D 28 11.43 -29.81 -18.71
CA SER D 28 10.84 -28.80 -19.57
C SER D 28 9.42 -28.50 -19.10
N ILE D 29 9.17 -27.22 -18.81
CA ILE D 29 7.90 -26.74 -18.24
C ILE D 29 6.73 -27.05 -19.18
N PRO D 30 5.66 -27.68 -18.67
CA PRO D 30 4.52 -28.08 -19.52
C PRO D 30 3.52 -26.96 -19.76
N GLY D 31 2.78 -27.12 -20.86
CA GLY D 31 1.62 -26.29 -21.08
C GLY D 31 0.50 -26.64 -20.11
N GLU D 32 -0.36 -25.65 -19.86
CA GLU D 32 -1.43 -25.82 -18.87
C GLU D 32 -2.35 -26.98 -19.22
N ARG D 33 -2.62 -27.17 -20.51
CA ARG D 33 -3.54 -28.21 -20.98
C ARG D 33 -2.81 -29.42 -21.55
N SER D 34 -1.56 -29.62 -21.19
CA SER D 34 -0.81 -30.76 -21.69
C SER D 34 -1.38 -32.05 -21.11
N THR D 35 -1.26 -33.14 -21.89
CA THR D 35 -1.73 -34.47 -21.50
C THR D 35 -0.78 -35.53 -22.05
N ASP D 36 -1.17 -36.81 -21.94
CA ASP D 36 -0.36 -37.90 -22.51
C ASP D 36 -0.59 -38.05 -24.00
N THR D 37 -1.76 -37.68 -24.51
CA THR D 37 -1.96 -37.74 -25.95
C THR D 37 -0.98 -36.83 -26.66
N THR D 38 -1.02 -35.53 -26.35
CA THR D 38 -0.09 -34.55 -26.91
C THR D 38 0.30 -33.56 -25.81
N LYS D 39 1.56 -33.14 -25.83
CA LYS D 39 2.10 -32.21 -24.85
C LYS D 39 2.19 -30.79 -25.41
N THR D 40 1.62 -29.84 -24.68
CA THR D 40 1.71 -28.44 -25.03
C THR D 40 2.86 -27.79 -24.28
N HIS D 41 3.29 -26.63 -24.77
CA HIS D 41 4.38 -25.89 -24.15
C HIS D 41 3.99 -24.44 -23.94
N PRO D 42 4.56 -23.77 -22.90
CA PRO D 42 4.34 -22.32 -22.74
C PRO D 42 4.64 -21.60 -24.03
N THR D 43 3.62 -20.98 -24.61
CA THR D 43 3.81 -20.29 -25.87
C THR D 43 3.13 -18.92 -25.83
N ILE D 44 3.77 -17.95 -26.49
CA ILE D 44 3.30 -16.58 -26.56
C ILE D 44 3.20 -16.14 -28.01
N LYS D 45 2.48 -15.03 -28.23
CA LYS D 45 2.41 -14.34 -29.50
C LYS D 45 2.57 -12.85 -29.26
N ILE D 46 3.12 -12.17 -30.26
CA ILE D 46 3.29 -10.71 -30.21
C ILE D 46 2.14 -10.12 -31.01
N ASN D 47 1.06 -9.76 -30.31
CA ASN D 47 -0.13 -9.19 -30.96
C ASN D 47 0.23 -7.99 -31.82
N GLY D 48 -0.24 -8.00 -33.07
CA GLY D 48 -0.09 -6.91 -33.99
C GLY D 48 1.36 -6.59 -34.36
N TYR D 49 2.10 -7.60 -34.82
CA TYR D 49 3.46 -7.41 -35.31
C TYR D 49 3.95 -8.71 -35.93
N THR D 50 4.74 -8.59 -37.00
CA THR D 50 5.49 -9.71 -37.56
C THR D 50 6.85 -9.19 -38.00
N GLY D 51 7.90 -9.97 -37.71
CA GLY D 51 9.26 -9.54 -37.98
C GLY D 51 10.24 -10.05 -36.95
N PRO D 52 11.48 -9.57 -37.00
CA PRO D 52 12.52 -10.08 -36.09
C PRO D 52 12.47 -9.41 -34.72
N GLY D 53 13.29 -9.93 -33.81
CA GLY D 53 13.29 -9.42 -32.46
C GLY D 53 14.09 -10.31 -31.53
N THR D 54 13.86 -10.14 -30.22
CA THR D 54 14.51 -10.95 -29.21
C THR D 54 13.57 -11.16 -28.03
N VAL D 55 13.50 -12.40 -27.54
CA VAL D 55 12.68 -12.76 -26.38
C VAL D 55 13.59 -13.24 -25.25
N ARG D 56 13.44 -12.63 -24.07
CA ARG D 56 14.19 -12.97 -22.87
C ARG D 56 13.22 -13.38 -21.77
N ILE D 57 13.45 -14.53 -21.17
CA ILE D 57 12.60 -15.07 -20.12
C ILE D 57 13.37 -15.11 -18.81
N SER D 58 12.74 -14.62 -17.74
CA SER D 58 13.36 -14.57 -16.42
C SER D 58 12.37 -15.05 -15.36
N LEU D 59 12.88 -15.60 -14.27
CA LEU D 59 12.01 -16.01 -13.17
C LEU D 59 11.81 -14.83 -12.22
N VAL D 60 10.57 -14.56 -11.81
CA VAL D 60 10.24 -13.46 -10.91
C VAL D 60 9.29 -13.94 -9.81
N THR D 61 9.25 -13.17 -8.72
CA THR D 61 8.48 -13.48 -7.52
C THR D 61 7.00 -13.63 -7.85
N LYS D 62 6.27 -14.33 -6.96
CA LYS D 62 4.85 -14.53 -7.20
C LYS D 62 4.06 -13.26 -6.96
N ASP D 63 4.48 -12.41 -5.97
CA ASP D 63 3.65 -11.32 -5.46
C ASP D 63 3.88 -9.97 -6.16
N PRO D 64 2.96 -9.01 -6.00
CA PRO D 64 2.96 -7.79 -6.82
C PRO D 64 4.31 -7.14 -7.08
N PRO D 65 5.18 -6.80 -6.07
CA PRO D 65 6.38 -6.02 -6.45
C PRO D 65 7.17 -6.64 -7.59
N HIS D 66 7.03 -7.97 -7.77
CA HIS D 66 7.68 -8.84 -8.77
C HIS D 66 9.19 -8.58 -8.87
N ARG D 67 9.90 -8.90 -7.80
CA ARG D 67 11.36 -8.86 -7.83
C ARG D 67 11.90 -10.00 -8.68
N PRO D 68 13.12 -9.88 -9.21
CA PRO D 68 13.75 -11.05 -9.82
C PRO D 68 13.90 -12.15 -8.78
N HIS D 69 13.77 -13.38 -9.23
CA HIS D 69 13.71 -14.54 -8.35
C HIS D 69 15.05 -15.24 -8.25
N PRO D 70 15.44 -15.72 -7.06
CA PRO D 70 16.71 -16.44 -6.97
C PRO D 70 16.82 -17.61 -7.94
N HIS D 71 15.80 -18.45 -8.08
CA HIS D 71 15.88 -19.60 -8.99
C HIS D 71 16.17 -19.12 -10.40
N GLU D 72 16.48 -20.06 -11.31
CA GLU D 72 16.93 -19.64 -12.63
C GLU D 72 16.54 -20.69 -13.67
N LEU D 73 16.39 -20.27 -14.91
CA LEU D 73 16.05 -21.19 -15.99
C LEU D 73 17.30 -21.79 -16.61
N VAL D 74 17.16 -23.00 -17.13
CA VAL D 74 18.24 -23.74 -17.78
C VAL D 74 17.64 -24.54 -18.93
N GLY D 75 18.42 -24.68 -19.99
CA GLY D 75 17.92 -25.40 -21.14
C GLY D 75 18.35 -24.71 -22.42
N LYS D 76 17.61 -25.03 -23.47
CA LYS D 76 17.86 -24.46 -24.78
C LYS D 76 17.87 -22.95 -24.70
N ASP D 77 18.91 -22.33 -25.27
CA ASP D 77 19.07 -20.88 -25.35
C ASP D 77 19.15 -20.20 -23.99
N CYS D 78 19.48 -20.94 -22.93
CA CYS D 78 19.62 -20.36 -21.60
C CYS D 78 21.09 -20.27 -21.21
N ARG D 79 21.42 -19.21 -20.50
CA ARG D 79 22.75 -18.94 -19.97
C ARG D 79 22.62 -17.89 -18.87
N ASP D 80 23.55 -17.95 -17.92
CA ASP D 80 23.61 -17.00 -16.79
C ASP D 80 22.31 -16.96 -16.00
N GLY D 81 21.45 -17.96 -16.15
CA GLY D 81 20.23 -18.11 -15.37
C GLY D 81 18.97 -17.57 -16.00
N TYR D 82 19.02 -17.08 -17.23
CA TYR D 82 17.81 -16.65 -17.91
C TYR D 82 17.86 -17.16 -19.34
N TYR D 83 16.73 -17.02 -20.02
CA TYR D 83 16.59 -17.37 -21.43
C TYR D 83 16.67 -16.12 -22.26
N GLU D 84 17.39 -16.18 -23.38
CA GLU D 84 17.46 -15.02 -24.26
C GLU D 84 17.77 -15.53 -25.66
N ALA D 85 16.73 -15.69 -26.49
CA ALA D 85 16.91 -16.28 -27.81
C ALA D 85 16.69 -15.23 -28.90
N GLU D 86 17.10 -15.61 -30.11
CA GLU D 86 17.00 -14.73 -31.27
C GLU D 86 15.72 -15.07 -32.02
N PHE D 87 14.87 -14.07 -32.19
CA PHE D 87 13.53 -14.25 -32.69
C PHE D 87 13.55 -14.26 -34.22
N GLY D 88 12.67 -15.05 -34.82
CA GLY D 88 12.62 -15.17 -36.26
C GLY D 88 11.25 -14.79 -36.79
N PRO D 89 11.24 -14.03 -37.91
CA PRO D 89 9.96 -13.51 -38.43
C PRO D 89 8.87 -14.56 -38.58
N GLU D 90 9.16 -15.68 -39.25
CA GLU D 90 8.25 -16.81 -39.42
C GLU D 90 7.36 -17.02 -38.21
N ARG D 91 7.86 -17.73 -37.19
CA ARG D 91 7.15 -18.00 -35.94
C ARG D 91 5.86 -18.80 -36.17
N ARG D 92 5.59 -19.75 -35.30
CA ARG D 92 4.37 -20.52 -35.43
C ARG D 92 3.82 -21.00 -34.09
N PRO D 93 3.50 -20.11 -33.13
CA PRO D 93 3.93 -18.72 -32.91
C PRO D 93 5.25 -18.72 -32.13
N LEU D 94 5.22 -18.45 -30.83
CA LEU D 94 6.45 -18.49 -30.02
C LEU D 94 6.37 -19.61 -28.98
N PHE D 95 6.92 -20.78 -29.31
CA PHE D 95 7.03 -21.93 -28.42
C PHE D 95 8.22 -21.77 -27.46
N PHE D 96 8.07 -22.29 -26.23
CA PHE D 96 9.21 -22.46 -25.32
C PHE D 96 9.12 -23.84 -24.64
N GLN D 97 9.72 -24.85 -25.26
CA GLN D 97 9.57 -26.20 -24.72
C GLN D 97 10.64 -26.49 -23.67
N ASN D 98 11.90 -26.47 -24.07
CA ASN D 98 12.97 -26.88 -23.16
C ASN D 98 13.41 -25.71 -22.27
N LEU D 99 12.45 -25.21 -21.49
CA LEU D 99 12.76 -24.38 -20.34
C LEU D 99 12.71 -25.24 -19.08
N GLY D 100 13.64 -24.99 -18.17
CA GLY D 100 13.65 -25.79 -16.97
C GLY D 100 14.01 -24.97 -15.76
N ILE D 101 13.22 -25.11 -14.70
CA ILE D 101 13.42 -24.33 -13.48
C ILE D 101 14.47 -25.02 -12.61
N ARG D 102 15.61 -24.38 -12.42
CA ARG D 102 16.64 -24.82 -11.50
C ARG D 102 16.59 -24.00 -10.21
N CYS D 103 16.36 -24.67 -9.08
CA CYS D 103 16.35 -24.05 -7.76
C CYS D 103 17.76 -23.99 -7.19
N VAL D 104 18.02 -22.96 -6.43
CA VAL D 104 19.32 -22.75 -5.80
C VAL D 104 19.18 -23.10 -4.33
N LYS D 105 20.29 -23.53 -3.70
CA LYS D 105 20.26 -23.77 -2.27
C LYS D 105 19.89 -22.50 -1.53
N LYS D 106 19.30 -22.66 -0.34
CA LYS D 106 18.88 -21.51 0.45
C LYS D 106 20.07 -20.61 0.82
N LYS D 107 21.28 -21.18 0.89
CA LYS D 107 22.49 -20.40 1.19
C LYS D 107 22.95 -19.57 0.00
N GLU D 108 22.71 -20.05 -1.21
CA GLU D 108 23.13 -19.33 -2.42
C GLU D 108 22.07 -18.34 -2.90
N VAL D 109 21.13 -17.93 -2.05
CA VAL D 109 20.06 -17.05 -2.52
C VAL D 109 20.60 -15.65 -2.78
N LYS D 110 21.25 -15.06 -1.78
CA LYS D 110 21.82 -13.73 -1.93
C LYS D 110 22.74 -13.65 -3.14
N GLU D 111 23.75 -14.51 -3.19
CA GLU D 111 24.69 -14.47 -4.30
C GLU D 111 24.00 -14.64 -5.65
N ALA D 112 22.81 -15.25 -5.67
CA ALA D 112 22.09 -15.40 -6.93
C ALA D 112 21.36 -14.11 -7.30
N ILE D 113 20.64 -13.50 -6.36
CA ILE D 113 19.93 -12.26 -6.65
C ILE D 113 20.93 -11.18 -7.08
N ILE D 114 22.01 -11.05 -6.30
CA ILE D 114 23.09 -10.15 -6.66
C ILE D 114 23.63 -10.48 -8.04
N LEU D 115 23.72 -11.77 -8.37
CA LEU D 115 24.17 -12.15 -9.71
C LEU D 115 23.17 -11.73 -10.78
N ARG D 116 21.88 -11.72 -10.44
CA ARG D 116 20.84 -11.36 -11.41
C ARG D 116 20.81 -9.87 -11.68
N ILE D 117 20.63 -9.07 -10.63
CA ILE D 117 20.53 -7.63 -10.84
C ILE D 117 21.84 -7.07 -11.34
N SER D 118 22.93 -7.80 -11.13
CA SER D 118 24.21 -7.41 -11.71
C SER D 118 24.15 -7.44 -13.23
N ALA D 119 23.51 -8.46 -13.80
CA ALA D 119 23.31 -8.50 -15.25
C ALA D 119 22.22 -7.54 -15.73
N GLY D 120 21.70 -6.69 -14.85
CA GLY D 120 20.71 -5.74 -15.27
C GLY D 120 19.36 -6.36 -15.58
N ILE D 121 19.03 -7.47 -14.94
CA ILE D 121 17.72 -8.10 -15.10
C ILE D 121 16.90 -7.67 -13.88
N ASN D 122 16.06 -6.66 -14.04
CA ASN D 122 15.04 -6.29 -13.05
C ASN D 122 13.84 -5.77 -13.83
N PRO D 123 13.12 -6.67 -14.53
CA PRO D 123 12.12 -6.25 -15.51
C PRO D 123 11.21 -5.11 -15.09
N PHE D 124 10.76 -5.10 -13.84
CA PHE D 124 9.82 -4.08 -13.39
C PHE D 124 10.51 -3.03 -12.54
N ASN D 125 11.78 -2.79 -12.83
CA ASN D 125 12.62 -1.77 -12.21
C ASN D 125 12.13 -1.46 -10.81
N VAL D 126 12.21 -2.43 -9.90
CA VAL D 126 11.67 -2.27 -8.57
C VAL D 126 12.64 -1.42 -7.75
N PRO D 127 12.16 -0.62 -6.81
CA PRO D 127 13.08 0.14 -5.95
C PRO D 127 14.06 -0.82 -5.29
N GLU D 128 15.26 -0.32 -5.02
CA GLU D 128 16.33 -1.21 -4.58
C GLU D 128 16.13 -1.70 -3.15
N GLN D 129 15.57 -0.86 -2.27
CA GLN D 129 15.52 -1.18 -0.84
C GLN D 129 14.74 -2.47 -0.58
N GLN D 130 13.74 -2.78 -1.40
CA GLN D 130 12.98 -4.00 -1.21
C GLN D 130 13.49 -5.17 -2.04
N LEU D 131 14.14 -4.89 -3.16
CA LEU D 131 14.70 -5.96 -3.99
C LEU D 131 15.78 -6.75 -3.24
N LEU D 132 16.67 -6.08 -2.50
CA LEU D 132 17.65 -6.83 -1.74
C LEU D 132 17.02 -7.61 -0.59
N ASP D 133 15.75 -7.34 -0.28
CA ASP D 133 14.96 -8.16 0.65
C ASP D 133 15.32 -7.88 2.11
N ILE D 134 14.43 -8.26 3.03
CA ILE D 134 14.69 -8.18 4.47
C ILE D 134 13.86 -9.25 5.17
N GLU D 135 12.95 -9.89 4.44
CA GLU D 135 11.98 -10.81 5.01
C GLU D 135 12.28 -12.26 4.59
N ASP D 136 11.30 -12.91 3.94
CA ASP D 136 11.47 -14.26 3.44
C ASP D 136 11.90 -14.23 1.98
N CYS D 137 11.00 -14.65 1.09
CA CYS D 137 11.16 -14.66 -0.36
C CYS D 137 10.05 -15.52 -0.95
N ASP D 138 10.19 -16.82 -0.69
CA ASP D 138 9.23 -17.89 -0.89
C ASP D 138 9.94 -19.17 -1.31
N LEU D 139 10.44 -19.19 -2.56
CA LEU D 139 11.35 -20.21 -3.10
C LEU D 139 10.62 -21.41 -3.66
N ASN D 140 9.35 -21.59 -3.30
CA ASN D 140 8.51 -22.66 -3.84
C ASN D 140 7.65 -22.21 -5.01
N VAL D 141 7.51 -20.91 -5.22
CA VAL D 141 6.69 -20.36 -6.29
C VAL D 141 7.52 -19.38 -7.11
N VAL D 142 7.46 -19.52 -8.43
CA VAL D 142 8.06 -18.61 -9.38
C VAL D 142 7.00 -18.19 -10.40
N ARG D 143 7.34 -17.19 -11.21
CA ARG D 143 6.55 -16.73 -12.33
C ARG D 143 7.48 -16.48 -13.51
N LEU D 144 7.09 -16.95 -14.69
CA LEU D 144 7.83 -16.56 -15.89
C LEU D 144 7.57 -15.11 -16.22
N CYS D 145 8.62 -14.42 -16.62
CA CYS D 145 8.58 -13.02 -17.05
C CYS D 145 9.10 -12.95 -18.49
N PHE D 146 8.22 -12.62 -19.44
CA PHE D 146 8.57 -12.49 -20.85
C PHE D 146 8.88 -11.03 -21.20
N GLN D 147 10.13 -10.74 -21.56
CA GLN D 147 10.58 -9.44 -22.02
C GLN D 147 10.91 -9.52 -23.51
N VAL D 148 10.17 -8.79 -24.34
CA VAL D 148 10.38 -8.78 -25.79
C VAL D 148 10.99 -7.46 -26.22
N PHE D 149 12.07 -7.54 -27.00
CA PHE D 149 12.77 -6.39 -27.58
C PHE D 149 12.57 -6.42 -29.09
N LEU D 150 12.15 -5.27 -29.66
CA LEU D 150 11.79 -5.13 -31.07
C LEU D 150 12.90 -4.39 -31.84
N PRO D 151 12.96 -4.52 -33.17
CA PRO D 151 14.16 -4.12 -33.93
C PRO D 151 14.61 -2.67 -33.69
N ASP D 152 15.94 -2.49 -33.80
CA ASP D 152 16.69 -1.27 -33.54
C ASP D 152 18.17 -1.56 -33.28
N GLU D 153 18.56 -2.84 -33.37
CA GLU D 153 19.79 -3.37 -32.77
C GLU D 153 21.00 -2.50 -33.04
N HIS D 154 21.69 -2.72 -34.15
CA HIS D 154 22.77 -1.84 -34.59
C HIS D 154 23.27 -2.19 -35.99
N PHE D 157 17.13 -4.60 -31.83
CA PHE D 157 16.38 -5.27 -30.79
C PHE D 157 16.60 -4.56 -29.45
N THR D 158 16.06 -3.35 -29.35
CA THR D 158 16.12 -2.59 -28.11
C THR D 158 14.77 -2.00 -27.73
N THR D 159 13.80 -1.94 -28.65
CA THR D 159 12.45 -1.47 -28.37
C THR D 159 11.83 -2.44 -27.36
N ALA D 160 11.76 -2.04 -26.09
CA ALA D 160 11.28 -2.92 -25.02
C ALA D 160 9.75 -2.87 -24.95
N LEU D 161 9.08 -3.97 -25.30
CA LEU D 161 7.66 -4.08 -25.06
C LEU D 161 7.42 -4.26 -23.56
N PRO D 162 6.18 -4.05 -23.08
CA PRO D 162 5.93 -4.23 -21.65
C PRO D 162 6.18 -5.67 -21.24
N PRO D 163 6.91 -5.91 -20.16
CA PRO D 163 7.12 -7.28 -19.71
C PRO D 163 5.85 -7.80 -19.08
N ILE D 164 5.50 -9.05 -19.39
CA ILE D 164 4.31 -9.69 -18.83
C ILE D 164 4.72 -10.96 -18.11
N VAL D 165 3.93 -11.33 -17.10
CA VAL D 165 4.16 -12.48 -16.25
C VAL D 165 3.17 -13.57 -16.59
N SER D 166 3.56 -14.82 -16.33
CA SER D 166 2.67 -15.97 -16.42
C SER D 166 1.99 -16.20 -15.07
N ASN D 167 1.10 -17.19 -15.04
CA ASN D 167 0.57 -17.62 -13.76
C ASN D 167 1.70 -18.21 -12.93
N PRO D 168 1.58 -18.19 -11.60
CA PRO D 168 2.65 -18.74 -10.77
C PRO D 168 2.84 -20.24 -10.99
N ILE D 169 4.10 -20.67 -10.95
CA ILE D 169 4.49 -22.08 -11.04
C ILE D 169 4.94 -22.57 -9.66
N TYR D 170 4.44 -23.74 -9.23
CA TYR D 170 4.64 -24.26 -7.87
C TYR D 170 5.54 -25.49 -7.83
N ASP D 171 6.49 -25.50 -6.89
CA ASP D 171 7.43 -26.63 -6.76
C ASP D 171 6.67 -27.84 -6.24
N ASN D 172 6.64 -28.91 -7.05
CA ASN D 172 5.93 -30.11 -6.61
C ASN D 172 6.61 -30.81 -5.47
N ARG D 173 7.85 -30.44 -5.16
CA ARG D 173 8.64 -31.14 -4.14
C ARG D 173 8.37 -30.59 -2.75
N ALA D 174 7.95 -29.32 -2.66
CA ALA D 174 7.60 -28.72 -1.37
C ALA D 174 6.25 -29.24 -0.89
N PRO D 175 6.14 -29.68 0.37
CA PRO D 175 4.86 -30.28 0.81
C PRO D 175 3.67 -29.35 0.72
N ASN D 176 3.85 -28.04 0.93
CA ASN D 176 2.74 -27.08 0.98
C ASN D 176 2.29 -26.56 -0.38
N THR D 177 3.13 -26.66 -1.42
CA THR D 177 2.74 -26.24 -2.75
C THR D 177 2.60 -27.40 -3.70
N ALA D 178 2.85 -28.63 -3.23
CA ALA D 178 2.78 -29.82 -4.07
C ALA D 178 1.36 -30.10 -4.54
N GLU D 179 1.26 -30.88 -5.62
CA GLU D 179 -0.02 -31.38 -6.12
C GLU D 179 -0.59 -32.44 -5.17
N LEU D 180 -1.86 -32.30 -4.81
CA LEU D 180 -2.53 -33.24 -3.92
C LEU D 180 -3.01 -34.49 -4.70
N LYS D 181 -2.75 -35.68 -4.15
CA LYS D 181 -2.99 -36.88 -4.94
C LYS D 181 -3.33 -38.04 -4.02
N ILE D 182 -4.52 -38.64 -4.22
CA ILE D 182 -4.92 -39.86 -3.50
C ILE D 182 -4.38 -41.07 -4.25
N CYS D 183 -3.53 -41.85 -3.60
CA CYS D 183 -2.91 -42.94 -4.34
C CYS D 183 -3.72 -44.22 -4.25
N ARG D 184 -4.27 -44.54 -3.09
CA ARG D 184 -4.97 -45.81 -2.98
C ARG D 184 -5.77 -45.82 -1.69
N VAL D 185 -6.93 -46.47 -1.71
CA VAL D 185 -7.80 -46.51 -0.55
C VAL D 185 -8.20 -47.95 -0.28
N ASN D 186 -8.36 -48.25 1.00
CA ASN D 186 -8.78 -49.57 1.44
C ASN D 186 -10.19 -49.91 0.97
N ARG D 187 -11.04 -48.92 0.74
CA ARG D 187 -12.41 -49.18 0.33
C ARG D 187 -13.06 -47.88 -0.14
N ASN D 188 -14.00 -47.99 -1.07
CA ASN D 188 -14.64 -46.80 -1.61
C ASN D 188 -16.16 -46.91 -1.51
N SER D 189 -16.65 -47.30 -0.34
CA SER D 189 -18.09 -47.35 -0.10
C SER D 189 -18.28 -47.59 1.39
N GLY D 190 -19.36 -47.05 1.93
CA GLY D 190 -19.61 -47.26 3.35
C GLY D 190 -21.05 -46.97 3.66
N SER D 191 -21.40 -47.24 4.91
CA SER D 191 -22.74 -46.95 5.41
C SER D 191 -23.03 -45.45 5.28
N CYS D 192 -24.27 -45.12 4.92
CA CYS D 192 -24.66 -43.72 4.92
C CYS D 192 -24.60 -43.12 6.32
N LEU D 193 -24.56 -43.95 7.37
CA LEU D 193 -24.35 -43.45 8.72
C LEU D 193 -22.91 -43.00 8.97
N GLY D 194 -21.96 -43.47 8.18
CA GLY D 194 -20.58 -43.08 8.36
C GLY D 194 -19.88 -43.92 9.41
N GLY D 195 -18.80 -43.38 9.94
CA GLY D 195 -18.08 -44.12 10.94
C GLY D 195 -17.24 -45.25 10.39
N ASP D 196 -17.14 -45.41 9.08
CA ASP D 196 -16.30 -46.44 8.49
C ASP D 196 -14.83 -46.00 8.47
N GLU D 197 -13.94 -46.82 9.02
CA GLU D 197 -12.52 -46.46 8.99
C GLU D 197 -11.95 -46.66 7.60
N ILE D 198 -11.31 -45.61 7.06
CA ILE D 198 -10.71 -45.61 5.74
C ILE D 198 -9.23 -45.36 5.88
N PHE D 199 -8.42 -46.20 5.21
CA PHE D 199 -6.97 -46.02 5.10
C PHE D 199 -6.68 -45.42 3.73
N LEU D 200 -6.21 -44.16 3.72
CA LEU D 200 -5.99 -43.40 2.50
C LEU D 200 -4.48 -43.17 2.31
N LEU D 201 -3.94 -43.73 1.25
CA LEU D 201 -2.56 -43.55 0.82
C LEU D 201 -2.47 -42.43 -0.23
N CYS D 202 -1.55 -41.47 0.00
CA CYS D 202 -1.45 -40.26 -0.80
C CYS D 202 -0.01 -39.79 -0.90
N ASP D 203 0.20 -38.81 -1.77
CA ASP D 203 1.49 -38.14 -1.88
C ASP D 203 1.68 -37.22 -0.68
N LYS D 204 2.93 -37.05 -0.27
CA LYS D 204 3.34 -36.27 0.91
C LYS D 204 2.44 -35.05 1.18
N VAL D 205 1.80 -35.03 2.36
CA VAL D 205 1.02 -33.89 2.86
C VAL D 205 1.66 -33.43 4.17
N GLN D 206 1.15 -32.35 4.75
CA GLN D 206 1.57 -31.87 6.08
C GLN D 206 0.40 -32.09 7.04
N LYS D 207 0.64 -32.85 8.13
CA LYS D 207 -0.45 -33.23 9.03
C LYS D 207 -1.20 -32.02 9.57
N GLU D 208 -0.53 -30.89 9.71
CA GLU D 208 -1.14 -29.69 10.28
C GLU D 208 -1.94 -28.92 9.25
N ASP D 209 -2.11 -29.51 8.06
CA ASP D 209 -2.69 -28.77 6.95
C ASP D 209 -3.29 -29.72 5.91
N ILE D 210 -4.24 -30.56 6.31
CA ILE D 210 -4.84 -31.51 5.37
C ILE D 210 -6.23 -31.89 5.88
N GLU D 211 -7.21 -31.95 4.97
CA GLU D 211 -8.52 -32.50 5.30
C GLU D 211 -9.02 -33.39 4.17
N VAL D 212 -9.93 -34.30 4.53
CA VAL D 212 -10.56 -35.18 3.55
C VAL D 212 -11.98 -34.71 3.34
N TYR D 213 -12.25 -34.21 2.14
CA TYR D 213 -13.42 -33.43 1.79
C TYR D 213 -14.33 -34.26 0.89
N PHE D 214 -15.45 -34.72 1.45
CA PHE D 214 -16.50 -35.39 0.70
C PHE D 214 -17.51 -34.36 0.22
N THR D 215 -17.94 -34.48 -1.03
CA THR D 215 -18.93 -33.58 -1.59
C THR D 215 -19.91 -34.35 -2.47
N GLY D 216 -21.10 -33.78 -2.56
CA GLY D 216 -22.09 -34.20 -3.52
C GLY D 216 -22.97 -33.02 -3.83
N PRO D 217 -23.88 -33.15 -4.80
CA PRO D 217 -24.80 -32.06 -5.09
C PRO D 217 -25.43 -31.45 -3.85
N GLY D 218 -25.06 -30.19 -3.57
CA GLY D 218 -25.51 -29.46 -2.40
C GLY D 218 -25.25 -30.20 -1.11
N TRP D 219 -24.01 -30.66 -0.90
CA TRP D 219 -23.65 -31.35 0.32
C TRP D 219 -22.14 -31.37 0.47
N GLU D 220 -21.66 -31.11 1.68
CA GLU D 220 -20.23 -31.23 1.96
C GLU D 220 -20.03 -31.76 3.37
N ALA D 221 -18.94 -32.53 3.55
CA ALA D 221 -18.58 -33.11 4.85
C ALA D 221 -17.10 -33.42 4.90
N ARG D 222 -16.50 -33.32 6.09
CA ARG D 222 -15.06 -33.47 6.20
C ARG D 222 -14.73 -34.91 6.62
N GLY D 223 -13.43 -35.20 6.67
CA GLY D 223 -12.90 -36.50 7.05
C GLY D 223 -13.34 -36.84 8.45
N SER D 224 -12.54 -36.51 9.46
CA SER D 224 -12.69 -36.76 10.90
C SER D 224 -11.49 -37.54 11.41
N PHE D 225 -10.46 -36.79 11.80
CA PHE D 225 -9.24 -37.39 12.30
C PHE D 225 -8.43 -36.32 13.02
N SER D 226 -7.38 -36.79 13.68
CA SER D 226 -6.42 -35.93 14.35
C SER D 226 -5.10 -35.99 13.59
N GLN D 227 -4.20 -35.06 13.93
CA GLN D 227 -2.86 -35.10 13.36
C GLN D 227 -2.17 -36.41 13.65
N ALA D 228 -2.43 -37.00 14.81
CA ALA D 228 -1.82 -38.27 15.14
C ALA D 228 -2.20 -39.36 14.14
N ASP D 229 -3.25 -39.15 13.36
CA ASP D 229 -3.71 -40.12 12.37
C ASP D 229 -3.04 -39.97 11.00
N VAL D 230 -2.09 -39.06 10.85
CA VAL D 230 -1.42 -38.82 9.58
C VAL D 230 -0.04 -39.48 9.67
N HIS D 231 0.09 -40.70 9.16
CA HIS D 231 1.30 -41.50 9.34
C HIS D 231 2.37 -41.02 8.36
N ARG D 232 3.44 -40.40 8.89
CA ARG D 232 4.65 -40.04 8.12
C ARG D 232 4.30 -39.34 6.80
N GLN D 233 3.31 -38.46 6.84
CA GLN D 233 2.92 -37.56 5.76
C GLN D 233 2.28 -38.25 4.55
N VAL D 234 2.17 -39.59 4.52
CA VAL D 234 1.71 -40.26 3.30
C VAL D 234 0.62 -41.30 3.56
N ALA D 235 -0.01 -41.26 4.72
CA ALA D 235 -1.17 -42.10 4.99
C ALA D 235 -2.05 -41.39 6.00
N ILE D 236 -3.34 -41.33 5.70
CA ILE D 236 -4.35 -40.76 6.58
C ILE D 236 -5.37 -41.84 6.92
N VAL D 237 -5.57 -42.07 8.22
CA VAL D 237 -6.58 -42.99 8.73
C VAL D 237 -7.71 -42.16 9.31
N PHE D 238 -8.87 -42.18 8.67
CA PHE D 238 -9.98 -41.36 9.14
C PHE D 238 -11.25 -42.18 9.15
N ARG D 239 -12.36 -41.56 9.54
CA ARG D 239 -13.65 -42.23 9.52
C ARG D 239 -14.62 -41.42 8.66
N THR D 240 -15.35 -42.11 7.79
CA THR D 240 -16.27 -41.45 6.88
C THR D 240 -17.26 -40.60 7.68
N PRO D 241 -17.68 -39.46 7.14
CA PRO D 241 -18.68 -38.65 7.82
C PRO D 241 -20.07 -39.18 7.52
N PRO D 242 -21.06 -38.88 8.34
CA PRO D 242 -22.44 -39.23 7.97
C PRO D 242 -22.90 -38.46 6.73
N TYR D 243 -23.62 -39.15 5.86
CA TYR D 243 -24.21 -38.58 4.66
C TYR D 243 -25.43 -37.74 5.01
N ALA D 244 -25.86 -36.92 4.05
CA ALA D 244 -27.07 -36.12 4.22
C ALA D 244 -28.28 -36.97 4.59
N ASP D 245 -28.46 -38.09 3.89
CA ASP D 245 -29.66 -38.91 4.05
C ASP D 245 -29.33 -40.19 4.82
N PRO D 246 -29.64 -40.27 6.12
CA PRO D 246 -29.34 -41.49 6.88
C PRO D 246 -30.28 -42.66 6.61
N SER D 247 -31.25 -42.50 5.72
CA SER D 247 -32.20 -43.56 5.41
C SER D 247 -32.09 -43.95 3.95
N LEU D 248 -30.87 -44.06 3.47
CA LEU D 248 -30.63 -44.39 2.06
C LEU D 248 -31.29 -45.72 1.72
N GLN D 249 -32.04 -45.72 0.63
CA GLN D 249 -32.62 -46.97 0.12
C GLN D 249 -31.89 -47.50 -1.10
N ALA D 250 -31.15 -46.65 -1.79
CA ALA D 250 -30.26 -47.01 -2.89
C ALA D 250 -28.96 -46.23 -2.76
N PRO D 251 -27.84 -46.76 -3.27
CA PRO D 251 -26.55 -46.08 -3.09
C PRO D 251 -26.52 -44.74 -3.82
N VAL D 252 -25.88 -43.74 -3.20
CA VAL D 252 -25.62 -42.45 -3.84
C VAL D 252 -24.12 -42.33 -4.04
N ARG D 253 -23.73 -41.81 -5.20
CA ARG D 253 -22.34 -41.66 -5.56
C ARG D 253 -21.90 -40.26 -5.18
N VAL D 254 -20.95 -40.15 -4.25
CA VAL D 254 -20.37 -38.87 -3.86
C VAL D 254 -18.91 -38.85 -4.31
N SER D 255 -18.28 -37.69 -4.17
CA SER D 255 -16.92 -37.46 -4.62
C SER D 255 -16.06 -37.12 -3.41
N MET D 256 -15.02 -37.91 -3.17
CA MET D 256 -14.09 -37.71 -2.05
C MET D 256 -12.74 -37.17 -2.53
N GLN D 257 -12.16 -36.21 -1.81
CA GLN D 257 -10.89 -35.66 -2.27
C GLN D 257 -10.10 -35.03 -1.13
N LEU D 258 -8.77 -35.08 -1.25
CA LEU D 258 -7.89 -34.38 -0.34
C LEU D 258 -7.96 -32.88 -0.57
N ARG D 259 -7.99 -32.12 0.52
CA ARG D 259 -8.13 -30.68 0.47
C ARG D 259 -7.09 -30.03 1.38
N ARG D 260 -6.39 -29.01 0.87
CA ARG D 260 -5.42 -28.29 1.67
C ARG D 260 -5.98 -26.93 2.07
N PRO D 261 -6.38 -26.73 3.33
CA PRO D 261 -6.94 -25.42 3.74
C PRO D 261 -6.08 -24.20 3.40
N SER D 262 -4.74 -24.31 3.45
CA SER D 262 -3.88 -23.16 3.23
C SER D 262 -4.24 -22.42 1.95
N ASP D 263 -4.21 -23.12 0.81
CA ASP D 263 -4.53 -22.52 -0.48
C ASP D 263 -5.77 -23.14 -1.07
N ARG D 264 -6.64 -23.69 -0.22
CA ARG D 264 -7.90 -24.33 -0.58
C ARG D 264 -7.81 -25.20 -1.83
N GLU D 265 -6.68 -25.88 -1.99
CA GLU D 265 -6.40 -26.76 -3.12
C GLU D 265 -7.07 -28.12 -2.91
N LEU D 266 -7.42 -28.79 -4.02
CA LEU D 266 -8.12 -30.06 -3.96
C LEU D 266 -7.45 -31.09 -4.87
N SER D 267 -7.41 -32.34 -4.40
CA SER D 267 -6.94 -33.43 -5.23
C SER D 267 -8.00 -33.79 -6.27
N GLU D 268 -7.59 -34.55 -7.27
CA GLU D 268 -8.57 -35.13 -8.19
C GLU D 268 -9.58 -35.94 -7.40
N PRO D 269 -10.87 -35.81 -7.68
CA PRO D 269 -11.86 -36.54 -6.88
C PRO D 269 -11.75 -38.03 -7.14
N MET D 270 -12.08 -38.80 -6.11
CA MET D 270 -12.21 -40.25 -6.14
C MET D 270 -13.66 -40.60 -5.83
N GLU D 271 -14.23 -41.53 -6.59
CA GLU D 271 -15.63 -41.87 -6.42
C GLU D 271 -15.80 -42.73 -5.17
N PHE D 272 -16.72 -42.31 -4.28
CA PHE D 272 -17.09 -43.04 -3.09
C PHE D 272 -18.59 -43.24 -3.13
N GLN D 273 -19.08 -44.37 -2.63
CA GLN D 273 -20.47 -44.74 -2.82
C GLN D 273 -21.12 -45.01 -1.46
N TYR D 274 -21.95 -44.08 -1.02
CA TYR D 274 -22.71 -44.31 0.20
C TYR D 274 -23.81 -45.37 -0.05
N LEU D 275 -23.94 -46.30 0.89
CA LEU D 275 -24.76 -47.49 0.78
C LEU D 275 -25.92 -47.42 1.76
N PRO D 276 -27.02 -48.13 1.48
CA PRO D 276 -28.19 -48.05 2.36
C PRO D 276 -27.95 -48.56 3.78
N ASP D 277 -27.06 -49.52 3.99
CA ASP D 277 -26.76 -50.10 5.32
C ASP D 277 -27.99 -50.69 6.02
N PRO G 2 -20.57 -15.47 32.53
CA PRO G 2 -22.00 -15.74 32.65
C PRO G 2 -22.76 -15.32 31.39
N TYR G 3 -24.09 -15.33 31.42
CA TYR G 3 -24.90 -15.00 30.26
C TYR G 3 -26.18 -14.28 30.67
N VAL G 4 -26.86 -13.73 29.66
CA VAL G 4 -28.06 -12.93 29.86
C VAL G 4 -29.28 -13.65 29.30
N GLU G 5 -30.41 -13.44 29.95
CA GLU G 5 -31.67 -14.05 29.53
C GLU G 5 -32.83 -13.08 29.71
N ILE G 6 -33.80 -13.16 28.80
CA ILE G 6 -34.99 -12.31 28.85
C ILE G 6 -36.07 -12.94 29.72
N ILE G 7 -36.46 -12.20 30.75
CA ILE G 7 -37.50 -12.61 31.69
C ILE G 7 -38.89 -12.21 31.22
N GLU G 8 -39.02 -11.00 30.76
CA GLU G 8 -40.27 -10.50 30.19
C GLU G 8 -39.98 -10.03 28.78
N GLN G 9 -40.35 -10.86 27.81
CA GLN G 9 -40.32 -10.50 26.41
C GLN G 9 -41.22 -9.29 26.14
N PRO G 10 -40.93 -8.52 25.10
CA PRO G 10 -41.84 -7.44 24.73
C PRO G 10 -43.13 -7.98 24.14
N LYS G 11 -44.15 -7.14 24.16
CA LYS G 11 -45.31 -7.41 23.36
C LYS G 11 -44.89 -7.39 21.90
N GLN G 12 -45.65 -8.06 21.04
CA GLN G 12 -45.23 -8.11 19.65
C GLN G 12 -46.09 -7.23 18.74
N ARG G 13 -47.39 -7.18 19.01
CA ARG G 13 -48.31 -6.46 18.14
C ARG G 13 -49.12 -5.49 18.99
N GLY G 14 -49.38 -4.32 18.43
CA GLY G 14 -50.22 -3.38 19.13
C GLY G 14 -49.84 -1.92 18.95
N MET G 15 -48.56 -1.60 19.12
CA MET G 15 -48.10 -0.21 19.07
C MET G 15 -47.52 0.13 17.70
N ARG G 16 -47.72 1.37 17.27
CA ARG G 16 -47.18 1.83 16.01
C ARG G 16 -45.84 2.52 16.22
N PHE G 17 -44.93 2.28 15.30
CA PHE G 17 -43.67 3.01 15.27
C PHE G 17 -43.97 4.47 14.94
N ARG G 18 -43.73 5.37 15.90
CA ARG G 18 -43.84 6.80 15.70
C ARG G 18 -42.66 7.34 14.88
N TYR G 19 -42.94 8.36 14.05
CA TYR G 19 -41.90 8.99 13.27
C TYR G 19 -41.20 10.12 14.04
N LYS G 20 -40.10 10.58 13.45
CA LYS G 20 -39.37 11.71 14.01
C LYS G 20 -40.22 12.98 13.97
N CYS G 21 -40.99 13.17 12.90
CA CYS G 21 -41.85 14.36 12.81
C CYS G 21 -42.96 14.34 13.85
N GLU G 22 -43.44 13.17 14.23
CA GLU G 22 -44.48 13.12 15.26
C GLU G 22 -43.96 13.47 16.64
N GLY G 23 -42.66 13.70 16.77
CA GLY G 23 -42.01 14.25 17.94
C GLY G 23 -42.15 13.35 19.15
N ARG G 24 -42.13 13.99 20.33
CA ARG G 24 -42.42 13.34 21.61
C ARG G 24 -41.62 12.05 21.79
N SER G 25 -42.22 11.07 22.47
CA SER G 25 -41.63 9.74 22.60
C SER G 25 -42.64 8.72 22.10
N ALA G 26 -42.12 7.57 21.66
CA ALA G 26 -42.97 6.52 21.12
C ALA G 26 -43.67 5.74 22.23
N GLY G 27 -44.30 6.44 23.16
CA GLY G 27 -44.94 5.75 24.28
C GLY G 27 -43.90 4.99 25.07
N SER G 28 -44.10 3.67 25.20
CA SER G 28 -43.22 2.77 25.93
C SER G 28 -43.54 1.31 25.63
N ILE G 29 -42.57 0.54 25.13
CA ILE G 29 -42.85 -0.83 24.69
C ILE G 29 -43.40 -1.64 25.85
N PRO G 30 -44.58 -2.24 25.72
CA PRO G 30 -45.17 -2.98 26.82
C PRO G 30 -44.61 -4.39 26.89
N GLY G 31 -44.66 -4.94 28.10
CA GLY G 31 -44.30 -6.33 28.27
C GLY G 31 -45.34 -7.24 27.63
N GLU G 32 -44.87 -8.45 27.27
CA GLU G 32 -45.74 -9.43 26.61
C GLU G 32 -46.99 -9.71 27.42
N ARG G 33 -46.85 -9.75 28.74
CA ARG G 33 -47.90 -10.18 29.66
C ARG G 33 -48.64 -9.00 30.26
N SER G 34 -48.68 -7.88 29.53
CA SER G 34 -49.38 -6.68 29.97
C SER G 34 -50.89 -6.84 29.94
N THR G 35 -51.56 -6.11 30.83
CA THR G 35 -53.01 -5.99 30.83
C THR G 35 -53.35 -4.57 31.27
N ASP G 36 -54.63 -4.32 31.49
CA ASP G 36 -55.06 -2.99 31.88
C ASP G 36 -54.92 -2.75 33.38
N THR G 37 -55.02 -3.81 34.18
CA THR G 37 -54.78 -3.71 35.62
C THR G 37 -53.34 -3.28 35.89
N THR G 38 -52.37 -4.03 35.37
CA THR G 38 -50.96 -3.74 35.56
C THR G 38 -50.23 -3.90 34.22
N LYS G 39 -49.30 -2.97 33.95
CA LYS G 39 -48.51 -2.98 32.73
C LYS G 39 -47.09 -3.46 33.03
N THR G 40 -46.63 -4.48 32.31
CA THR G 40 -45.28 -5.00 32.48
C THR G 40 -44.34 -4.34 31.47
N HIS G 41 -43.05 -4.49 31.72
CA HIS G 41 -42.02 -3.91 30.88
C HIS G 41 -41.01 -4.96 30.48
N PRO G 42 -40.41 -4.81 29.29
CA PRO G 42 -39.33 -5.72 28.88
C PRO G 42 -38.29 -5.85 29.97
N THR G 43 -38.11 -7.05 30.51
CA THR G 43 -37.19 -7.23 31.63
C THR G 43 -36.22 -8.38 31.39
N ILE G 44 -34.97 -8.19 31.82
CA ILE G 44 -33.92 -9.19 31.72
C ILE G 44 -33.22 -9.36 33.08
N LYS G 45 -32.49 -10.48 33.18
CA LYS G 45 -31.58 -10.79 34.28
C LYS G 45 -30.28 -11.33 33.72
N ILE G 46 -29.23 -11.16 34.50
CA ILE G 46 -27.89 -11.63 34.15
C ILE G 46 -27.65 -12.94 34.91
N ASN G 47 -27.88 -14.06 34.22
CA ASN G 47 -27.66 -15.37 34.82
C ASN G 47 -26.26 -15.47 35.43
N GLY G 48 -26.20 -15.88 36.70
CA GLY G 48 -24.93 -16.23 37.32
C GLY G 48 -23.89 -15.12 37.39
N TYR G 49 -24.26 -13.98 37.97
CA TYR G 49 -23.32 -12.90 38.14
C TYR G 49 -23.94 -11.84 39.03
N THR G 50 -23.11 -11.21 39.85
CA THR G 50 -23.51 -10.05 40.61
C THR G 50 -22.34 -9.08 40.58
N GLY G 51 -22.65 -7.80 40.35
CA GLY G 51 -21.62 -6.80 40.19
C GLY G 51 -22.00 -5.73 39.19
N PRO G 52 -21.05 -4.87 38.85
CA PRO G 52 -21.33 -3.73 37.96
C PRO G 52 -21.31 -4.13 36.49
N GLY G 53 -21.67 -3.18 35.63
CA GLY G 53 -21.66 -3.39 34.19
C GLY G 53 -22.44 -2.30 33.48
N THR G 54 -22.77 -2.57 32.21
CA THR G 54 -23.57 -1.66 31.41
C THR G 54 -24.42 -2.47 30.44
N VAL G 55 -25.66 -2.04 30.23
CA VAL G 55 -26.55 -2.68 29.26
C VAL G 55 -26.87 -1.70 28.15
N ARG G 56 -26.66 -2.13 26.92
CA ARG G 56 -26.93 -1.37 25.72
C ARG G 56 -27.93 -2.09 24.82
N ILE G 57 -29.02 -1.41 24.48
CA ILE G 57 -30.08 -2.01 23.67
C ILE G 57 -30.12 -1.32 22.31
N SER G 58 -30.14 -2.12 21.25
CA SER G 58 -30.29 -1.57 19.92
C SER G 58 -31.24 -2.43 19.11
N LEU G 59 -31.91 -1.82 18.12
CA LEU G 59 -32.80 -2.57 17.24
C LEU G 59 -32.03 -3.24 16.11
N VAL G 60 -32.34 -4.52 15.86
CA VAL G 60 -31.74 -5.33 14.80
C VAL G 60 -32.83 -6.08 14.04
N THR G 61 -32.51 -6.50 12.81
CA THR G 61 -33.44 -7.17 11.92
C THR G 61 -33.96 -8.50 12.48
N LYS G 62 -35.10 -8.94 11.91
CA LYS G 62 -35.76 -10.17 12.35
C LYS G 62 -35.04 -11.41 11.85
N ASP G 63 -34.42 -11.35 10.68
CA ASP G 63 -33.99 -12.53 9.94
C ASP G 63 -32.64 -13.04 10.44
N PRO G 64 -32.29 -14.29 10.13
CA PRO G 64 -31.16 -14.96 10.80
C PRO G 64 -29.95 -14.04 10.95
N PRO G 65 -29.33 -13.55 9.86
CA PRO G 65 -28.20 -12.66 10.10
C PRO G 65 -28.76 -11.38 10.71
N HIS G 66 -28.53 -11.14 12.00
CA HIS G 66 -29.14 -10.01 12.71
C HIS G 66 -28.42 -8.70 12.40
N ARG G 67 -28.73 -8.14 11.24
CA ARG G 67 -28.19 -6.85 10.85
C ARG G 67 -28.70 -5.74 11.76
N PRO G 68 -27.91 -4.67 11.94
CA PRO G 68 -28.42 -3.50 12.67
C PRO G 68 -29.55 -2.89 11.88
N HIS G 69 -30.56 -2.42 12.61
CA HIS G 69 -31.77 -1.96 11.98
C HIS G 69 -31.82 -0.44 11.90
N PRO G 70 -32.35 0.08 10.81
CA PRO G 70 -32.48 1.54 10.68
C PRO G 70 -33.24 2.20 11.82
N HIS G 71 -34.34 1.63 12.29
CA HIS G 71 -35.10 2.29 13.33
C HIS G 71 -34.25 2.48 14.59
N GLU G 72 -34.77 3.23 15.55
CA GLU G 72 -33.95 3.59 16.69
C GLU G 72 -34.84 3.80 17.90
N LEU G 73 -34.28 3.54 19.08
CA LEU G 73 -34.96 3.70 20.36
C LEU G 73 -34.79 5.12 20.92
N VAL G 74 -35.79 5.56 21.69
CA VAL G 74 -35.71 6.84 22.38
C VAL G 74 -36.50 6.76 23.68
N GLY G 75 -35.99 7.45 24.70
CA GLY G 75 -36.52 7.53 26.05
C GLY G 75 -35.37 7.61 27.06
N LYS G 76 -35.69 7.43 28.36
CA LYS G 76 -34.68 7.59 29.40
C LYS G 76 -33.47 6.74 29.07
N ASP G 77 -32.28 7.34 29.21
CA ASP G 77 -31.00 6.70 28.93
C ASP G 77 -30.83 6.32 27.46
N CYS G 78 -31.57 6.98 26.57
CA CYS G 78 -31.41 6.80 25.13
C CYS G 78 -30.71 8.00 24.51
N ARG G 79 -29.83 7.73 23.56
CA ARG G 79 -29.18 8.78 22.81
C ARG G 79 -28.67 8.13 21.54
N ASP G 80 -28.56 8.92 20.48
CA ASP G 80 -27.99 8.48 19.22
C ASP G 80 -28.67 7.25 18.65
N GLY G 81 -29.89 6.97 19.09
CA GLY G 81 -30.68 5.87 18.55
C GLY G 81 -30.59 4.54 19.27
N TYR G 82 -29.90 4.48 20.41
CA TYR G 82 -29.84 3.28 21.22
C TYR G 82 -29.98 3.62 22.70
N TYR G 83 -30.16 2.58 23.51
CA TYR G 83 -30.18 2.67 24.96
C TYR G 83 -28.86 2.13 25.50
N GLU G 84 -28.25 2.85 26.44
CA GLU G 84 -27.00 2.37 27.01
C GLU G 84 -26.80 2.86 28.45
N ALA G 85 -26.19 1.98 29.25
CA ALA G 85 -25.49 2.26 30.51
C ALA G 85 -26.40 2.27 31.73
N GLU G 86 -25.77 2.48 32.90
CA GLU G 86 -26.36 2.49 34.25
C GLU G 86 -26.24 1.11 34.90
N PHE G 87 -27.36 0.64 35.49
CA PHE G 87 -27.53 -0.56 36.32
C PHE G 87 -26.25 -1.29 36.71
N GLY G 88 -25.59 -0.80 37.76
CA GLY G 88 -24.31 -1.30 38.22
C GLY G 88 -24.36 -2.07 39.52
N PRO G 89 -24.78 -1.42 40.64
CA PRO G 89 -24.69 -2.09 41.95
C PRO G 89 -25.61 -3.29 42.10
N GLU G 90 -26.80 -3.03 42.62
CA GLU G 90 -27.85 -4.05 42.70
C GLU G 90 -29.00 -3.62 41.81
N ARG G 91 -30.20 -3.48 42.38
CA ARG G 91 -31.39 -3.27 41.58
C ARG G 91 -31.42 -4.33 40.48
N ARG G 92 -31.34 -5.59 40.95
CA ARG G 92 -31.00 -6.75 40.16
C ARG G 92 -31.99 -7.09 39.05
N PRO G 93 -33.31 -6.95 39.27
CA PRO G 93 -34.23 -7.08 38.14
C PRO G 93 -33.91 -5.95 37.17
N LEU G 94 -33.61 -6.29 35.94
CA LEU G 94 -33.15 -5.28 35.00
C LEU G 94 -34.26 -5.02 34.01
N PHE G 95 -35.12 -4.03 34.30
CA PHE G 95 -36.21 -3.78 33.39
C PHE G 95 -36.00 -2.46 32.64
N PHE G 96 -36.78 -2.29 31.57
CA PHE G 96 -36.63 -1.15 30.66
C PHE G 96 -38.01 -0.63 30.29
N GLN G 97 -38.51 0.32 31.08
CA GLN G 97 -39.87 0.81 30.87
C GLN G 97 -39.95 2.03 29.94
N ASN G 98 -38.86 2.79 29.76
CA ASN G 98 -38.91 4.07 29.07
C ASN G 98 -38.57 3.98 27.58
N LEU G 99 -38.72 2.81 26.97
CA LEU G 99 -38.30 2.58 25.59
C LEU G 99 -39.38 3.02 24.62
N GLY G 100 -38.95 3.54 23.47
CA GLY G 100 -39.86 3.98 22.42
C GLY G 100 -39.26 3.77 21.05
N ILE G 101 -39.99 3.13 20.14
CA ILE G 101 -39.46 2.82 18.81
C ILE G 101 -39.74 4.00 17.89
N ARG G 102 -38.69 4.67 17.42
CA ARG G 102 -38.82 5.71 16.41
C ARG G 102 -38.38 5.14 15.07
N CYS G 103 -39.28 5.15 14.08
CA CYS G 103 -38.94 4.68 12.74
C CYS G 103 -38.37 5.84 11.92
N VAL G 104 -37.48 5.53 11.02
CA VAL G 104 -36.85 6.53 10.17
C VAL G 104 -37.52 6.48 8.80
N LYS G 105 -37.57 7.62 8.13
CA LYS G 105 -38.11 7.67 6.79
C LYS G 105 -37.32 6.72 5.88
N LYS G 106 -37.99 6.22 4.84
CA LYS G 106 -37.40 5.24 3.93
C LYS G 106 -36.17 5.79 3.23
N LYS G 107 -36.15 7.09 2.92
CA LYS G 107 -34.98 7.70 2.26
C LYS G 107 -33.76 7.64 3.15
N GLU G 108 -33.92 7.91 4.45
CA GLU G 108 -32.80 8.05 5.37
C GLU G 108 -32.34 6.75 6.03
N VAL G 109 -32.61 5.59 5.41
CA VAL G 109 -32.22 4.31 6.00
C VAL G 109 -30.71 4.11 5.98
N LYS G 110 -30.07 4.25 4.81
CA LYS G 110 -28.61 4.11 4.74
C LYS G 110 -27.92 5.02 5.75
N GLU G 111 -28.27 6.31 5.73
CA GLU G 111 -27.68 7.23 6.69
C GLU G 111 -27.81 6.75 8.14
N ALA G 112 -28.85 5.96 8.45
CA ALA G 112 -29.01 5.49 9.83
C ALA G 112 -28.11 4.30 10.10
N ILE G 113 -28.10 3.34 9.18
CA ILE G 113 -27.28 2.15 9.37
C ILE G 113 -25.82 2.55 9.51
N ILE G 114 -25.35 3.39 8.57
CA ILE G 114 -24.00 3.95 8.64
C ILE G 114 -23.78 4.71 9.95
N LEU G 115 -24.75 5.53 10.36
CA LEU G 115 -24.57 6.27 11.61
C LEU G 115 -24.57 5.33 12.79
N ARG G 116 -25.22 4.18 12.66
CA ARG G 116 -25.22 3.21 13.75
C ARG G 116 -23.88 2.47 13.81
N ILE G 117 -23.49 1.84 12.70
CA ILE G 117 -22.27 1.05 12.73
C ILE G 117 -21.03 1.93 12.91
N SER G 118 -21.14 3.25 12.61
CA SER G 118 -20.07 4.18 12.94
C SER G 118 -19.87 4.28 14.44
N ALA G 119 -20.95 4.26 15.19
CA ALA G 119 -20.78 4.17 16.63
C ALA G 119 -20.30 2.77 17.07
N GLY G 120 -19.94 1.89 16.14
CA GLY G 120 -19.42 0.59 16.47
C GLY G 120 -20.44 -0.38 17.03
N ILE G 121 -21.72 -0.22 16.66
CA ILE G 121 -22.81 -1.09 17.09
C ILE G 121 -23.04 -2.07 15.95
N ASN G 122 -22.53 -3.29 16.07
CA ASN G 122 -22.85 -4.38 15.15
C ASN G 122 -22.86 -5.67 15.93
N PRO G 123 -23.89 -5.87 16.78
CA PRO G 123 -23.89 -6.99 17.73
C PRO G 123 -23.46 -8.31 17.13
N PHE G 124 -23.93 -8.61 15.93
CA PHE G 124 -23.66 -9.89 15.29
C PHE G 124 -22.64 -9.77 14.16
N ASN G 125 -21.75 -8.78 14.27
CA ASN G 125 -20.66 -8.51 13.33
C ASN G 125 -20.95 -9.03 11.92
N VAL G 126 -21.96 -8.46 11.26
CA VAL G 126 -22.32 -8.88 9.91
C VAL G 126 -21.35 -8.18 8.95
N PRO G 127 -20.94 -8.81 7.85
CA PRO G 127 -20.03 -8.14 6.89
C PRO G 127 -20.60 -6.84 6.34
N GLU G 128 -19.71 -6.03 5.75
CA GLU G 128 -20.13 -4.79 5.11
C GLU G 128 -20.90 -5.04 3.82
N GLN G 129 -20.73 -6.21 3.21
CA GLN G 129 -21.36 -6.54 1.93
C GLN G 129 -22.87 -6.76 2.07
N GLN G 130 -23.36 -7.03 3.27
CA GLN G 130 -24.78 -7.22 3.51
C GLN G 130 -25.47 -6.01 4.10
N LEU G 131 -24.72 -5.18 4.83
CA LEU G 131 -25.26 -3.93 5.35
C LEU G 131 -25.65 -3.00 4.20
N LEU G 132 -24.95 -3.11 3.05
CA LEU G 132 -25.25 -2.42 1.81
C LEU G 132 -26.67 -2.69 1.28
N ASP G 133 -27.40 -3.62 1.89
CA ASP G 133 -28.77 -3.94 1.46
C ASP G 133 -29.73 -3.45 2.54
N ILE G 134 -30.67 -4.30 3.02
CA ILE G 134 -31.53 -4.11 4.20
C ILE G 134 -32.85 -3.40 3.85
N GLU G 135 -32.95 -2.83 2.64
CA GLU G 135 -34.19 -2.22 2.20
C GLU G 135 -35.20 -3.32 1.84
N ASP G 136 -36.34 -3.34 2.56
CA ASP G 136 -37.38 -4.36 2.38
C ASP G 136 -38.58 -4.19 3.32
N CYS G 137 -39.21 -5.31 3.66
CA CYS G 137 -40.26 -5.38 4.68
C CYS G 137 -39.68 -5.33 6.10
N ASP G 138 -38.37 -5.43 6.26
CA ASP G 138 -37.82 -5.33 7.60
C ASP G 138 -37.99 -3.93 8.21
N LEU G 139 -38.62 -2.96 7.52
CA LEU G 139 -38.90 -1.68 8.16
C LEU G 139 -40.09 -1.75 9.10
N ASN G 140 -40.90 -2.79 9.00
CA ASN G 140 -42.08 -2.96 9.85
C ASN G 140 -41.86 -3.88 11.04
N VAL G 141 -40.76 -4.64 11.08
CA VAL G 141 -40.49 -5.57 12.17
C VAL G 141 -39.09 -5.27 12.69
N VAL G 142 -38.96 -5.10 14.01
CA VAL G 142 -37.67 -4.86 14.64
C VAL G 142 -37.50 -5.88 15.76
N ARG G 143 -36.26 -6.00 16.24
CA ARG G 143 -35.98 -6.85 17.41
C ARG G 143 -35.06 -6.10 18.34
N LEU G 144 -35.37 -6.12 19.63
CA LEU G 144 -34.46 -5.61 20.64
C LEU G 144 -33.26 -6.52 20.76
N CYS G 145 -32.06 -5.93 20.77
CA CYS G 145 -30.79 -6.62 20.94
C CYS G 145 -30.11 -6.08 22.19
N PHE G 146 -30.00 -6.92 23.22
CA PHE G 146 -29.36 -6.56 24.49
C PHE G 146 -27.89 -6.97 24.47
N GLN G 147 -26.98 -5.97 24.51
CA GLN G 147 -25.55 -6.22 24.68
C GLN G 147 -25.16 -5.78 26.09
N VAL G 148 -24.71 -6.73 26.90
CA VAL G 148 -24.29 -6.45 28.27
C VAL G 148 -22.78 -6.52 28.32
N PHE G 149 -22.16 -5.49 28.88
CA PHE G 149 -20.71 -5.41 29.05
C PHE G 149 -20.40 -5.47 30.54
N LEU G 150 -19.49 -6.37 30.91
CA LEU G 150 -19.13 -6.62 32.29
C LEU G 150 -17.75 -6.07 32.60
N PRO G 151 -17.46 -5.71 33.86
CA PRO G 151 -16.19 -5.08 34.20
C PRO G 151 -15.01 -5.98 33.87
N ASP G 152 -13.86 -5.36 33.63
CA ASP G 152 -12.69 -6.11 33.20
C ASP G 152 -11.45 -5.32 33.57
N GLU G 153 -10.31 -6.04 33.63
CA GLU G 153 -8.98 -5.59 34.04
C GLU G 153 -8.89 -4.13 34.45
N HIS G 154 -8.79 -3.90 35.76
CA HIS G 154 -8.68 -2.59 36.42
C HIS G 154 -10.04 -1.89 36.53
N GLY G 155 -11.12 -2.50 36.02
CA GLY G 155 -12.48 -2.05 36.28
C GLY G 155 -13.17 -1.30 35.16
N ASN G 156 -13.20 -1.87 33.96
CA ASN G 156 -13.72 -1.19 32.77
C ASN G 156 -14.75 -2.06 32.09
N PHE G 157 -16.01 -1.63 32.08
CA PHE G 157 -17.13 -2.35 31.48
C PHE G 157 -16.90 -2.67 30.01
N THR G 158 -16.09 -3.70 29.72
CA THR G 158 -15.72 -4.06 28.35
C THR G 158 -15.88 -5.53 27.97
N THR G 159 -16.14 -6.44 28.92
CA THR G 159 -16.03 -7.88 28.65
C THR G 159 -16.92 -8.33 27.50
N ALA G 160 -18.19 -7.91 27.49
CA ALA G 160 -19.20 -8.28 26.49
C ALA G 160 -19.61 -9.74 26.56
N LEU G 161 -20.79 -9.98 27.10
CA LEU G 161 -21.45 -11.26 27.02
C LEU G 161 -22.05 -11.44 25.63
N PRO G 162 -22.46 -12.64 25.27
CA PRO G 162 -23.11 -12.83 23.97
C PRO G 162 -24.37 -12.01 23.86
N PRO G 163 -24.60 -11.36 22.71
CA PRO G 163 -25.82 -10.56 22.53
C PRO G 163 -27.02 -11.46 22.32
N ILE G 164 -28.15 -11.07 22.89
CA ILE G 164 -29.39 -11.82 22.72
C ILE G 164 -30.46 -10.89 22.14
N VAL G 165 -31.34 -11.47 21.34
CA VAL G 165 -32.40 -10.73 20.67
C VAL G 165 -33.72 -11.06 21.33
N SER G 166 -34.67 -10.14 21.25
CA SER G 166 -36.02 -10.43 21.71
C SER G 166 -36.91 -10.98 20.61
N ASN G 167 -38.14 -11.31 20.97
CA ASN G 167 -39.14 -11.60 19.99
C ASN G 167 -39.40 -10.35 19.15
N PRO G 168 -39.80 -10.51 17.90
CA PRO G 168 -40.01 -9.35 17.05
C PRO G 168 -41.16 -8.47 17.53
N ILE G 169 -41.00 -7.16 17.33
CA ILE G 169 -42.03 -6.17 17.58
C ILE G 169 -42.51 -5.68 16.22
N TYR G 170 -43.83 -5.63 16.03
CA TYR G 170 -44.42 -5.33 14.73
C TYR G 170 -45.06 -3.95 14.71
N ASP G 171 -44.85 -3.22 13.61
CA ASP G 171 -45.44 -1.88 13.45
C ASP G 171 -46.93 -1.99 13.21
N ASN G 172 -47.72 -1.47 14.15
CA ASN G 172 -49.16 -1.61 14.02
C ASN G 172 -49.75 -0.78 12.89
N ARG G 173 -49.01 0.17 12.36
CA ARG G 173 -49.49 1.08 11.33
C ARG G 173 -49.30 0.48 9.94
N ALA G 174 -48.35 -0.41 9.78
CA ALA G 174 -48.12 -1.03 8.49
C ALA G 174 -49.25 -2.01 8.20
N PRO G 175 -49.83 -1.97 7.01
CA PRO G 175 -50.99 -2.84 6.74
C PRO G 175 -50.68 -4.32 6.93
N ASN G 176 -49.47 -4.78 6.61
CA ASN G 176 -49.12 -6.20 6.65
C ASN G 176 -48.69 -6.67 8.02
N THR G 177 -48.38 -5.76 8.93
CA THR G 177 -48.02 -6.15 10.27
C THR G 177 -49.03 -5.69 11.31
N ALA G 178 -50.11 -5.05 10.86
CA ALA G 178 -51.10 -4.53 11.80
C ALA G 178 -51.81 -5.69 12.52
N GLU G 179 -52.29 -5.35 13.71
CA GLU G 179 -53.12 -6.26 14.50
C GLU G 179 -54.50 -6.36 13.87
N LEU G 180 -54.98 -7.59 13.65
CA LEU G 180 -56.27 -7.87 12.99
C LEU G 180 -57.45 -7.69 13.95
N LYS G 181 -58.50 -7.03 13.50
CA LYS G 181 -59.61 -6.68 14.40
C LYS G 181 -60.93 -6.63 13.67
N ILE G 182 -61.92 -7.43 14.09
CA ILE G 182 -63.28 -7.33 13.55
C ILE G 182 -64.08 -6.32 14.37
N CYS G 183 -64.51 -5.24 13.74
CA CYS G 183 -65.12 -4.16 14.50
C CYS G 183 -66.62 -4.32 14.64
N ARG G 184 -67.29 -4.78 13.59
CA ARG G 184 -68.75 -4.80 13.62
C ARG G 184 -69.26 -5.64 12.47
N VAL G 185 -70.36 -6.36 12.69
CA VAL G 185 -70.81 -7.26 11.63
C VAL G 185 -72.30 -7.17 11.41
N ASN G 186 -72.67 -7.51 10.17
CA ASN G 186 -74.04 -7.46 9.67
C ASN G 186 -74.99 -8.31 10.51
N ARG G 187 -74.55 -9.52 10.88
CA ARG G 187 -75.34 -10.51 11.61
C ARG G 187 -74.45 -11.69 11.96
N ASN G 188 -74.74 -12.38 13.06
CA ASN G 188 -73.86 -13.45 13.52
C ASN G 188 -74.61 -14.77 13.64
N SER G 189 -75.38 -15.12 12.63
CA SER G 189 -76.16 -16.34 12.56
C SER G 189 -76.67 -16.56 11.15
N GLY G 190 -76.66 -17.81 10.69
CA GLY G 190 -77.09 -18.13 9.35
C GLY G 190 -77.42 -19.60 9.21
N SER G 191 -77.89 -19.95 8.00
CA SER G 191 -78.14 -21.33 7.64
C SER G 191 -76.87 -22.16 7.73
N CYS G 192 -76.99 -23.39 8.23
CA CYS G 192 -75.85 -24.29 8.15
C CYS G 192 -75.48 -24.58 6.71
N LEU G 193 -76.37 -24.27 5.76
CA LEU G 193 -76.04 -24.43 4.35
C LEU G 193 -75.07 -23.38 3.85
N GLY G 194 -74.97 -22.25 4.55
CA GLY G 194 -74.09 -21.16 4.15
C GLY G 194 -74.77 -20.22 3.16
N GLY G 195 -73.95 -19.48 2.44
CA GLY G 195 -74.51 -18.55 1.48
C GLY G 195 -75.13 -17.30 2.05
N ASP G 196 -75.07 -17.07 3.36
CA ASP G 196 -75.60 -15.82 3.91
C ASP G 196 -74.57 -14.71 3.72
N GLU G 197 -75.00 -13.59 3.13
CA GLU G 197 -74.10 -12.46 2.91
C GLU G 197 -73.84 -11.74 4.23
N ILE G 198 -72.56 -11.50 4.52
CA ILE G 198 -72.09 -10.87 5.75
C ILE G 198 -71.30 -9.62 5.38
N PHE G 199 -71.62 -8.51 6.04
CA PHE G 199 -70.85 -7.27 5.94
C PHE G 199 -69.99 -7.13 7.19
N LEU G 200 -68.67 -7.25 7.04
CA LEU G 200 -67.78 -7.22 8.19
C LEU G 200 -66.94 -5.94 8.13
N LEU G 201 -67.13 -5.07 9.11
CA LEU G 201 -66.33 -3.86 9.28
C LEU G 201 -65.16 -4.13 10.22
N CYS G 202 -63.95 -3.81 9.75
CA CYS G 202 -62.70 -4.18 10.40
C CYS G 202 -61.63 -3.10 10.18
N ASP G 203 -60.50 -3.28 10.87
CA ASP G 203 -59.28 -2.49 10.71
C ASP G 203 -58.49 -2.88 9.46
N LYS G 204 -57.83 -1.88 8.89
CA LYS G 204 -57.06 -1.95 7.65
C LYS G 204 -56.43 -3.32 7.43
N VAL G 205 -56.86 -4.01 6.38
CA VAL G 205 -56.28 -5.29 5.96
C VAL G 205 -55.81 -5.09 4.52
N GLN G 206 -55.17 -6.09 3.92
CA GLN G 206 -54.82 -6.06 2.51
C GLN G 206 -55.64 -7.11 1.77
N LYS G 207 -56.41 -6.65 0.78
CA LYS G 207 -57.30 -7.53 0.02
C LYS G 207 -56.60 -8.76 -0.56
N GLU G 208 -55.30 -8.68 -0.83
CA GLU G 208 -54.58 -9.80 -1.44
C GLU G 208 -54.09 -10.83 -0.42
N ASP G 209 -54.40 -10.65 0.86
CA ASP G 209 -53.77 -11.44 1.91
C ASP G 209 -54.67 -11.42 3.14
N ILE G 210 -55.92 -11.87 2.97
CA ILE G 210 -56.91 -11.88 4.05
C ILE G 210 -57.96 -12.94 3.76
N GLU G 211 -58.38 -13.65 4.81
CA GLU G 211 -59.52 -14.56 4.70
C GLU G 211 -60.37 -14.45 5.95
N VAL G 212 -61.62 -14.90 5.85
CA VAL G 212 -62.49 -15.00 6.99
C VAL G 212 -62.53 -16.49 7.36
N TYR G 213 -62.04 -16.83 8.55
CA TYR G 213 -61.74 -18.19 8.97
C TYR G 213 -62.76 -18.60 10.05
N PHE G 214 -63.69 -19.50 9.68
CA PHE G 214 -64.65 -20.13 10.58
C PHE G 214 -64.07 -21.42 11.12
N THR G 215 -64.18 -21.62 12.44
CA THR G 215 -63.67 -22.85 13.03
C THR G 215 -64.58 -23.31 14.16
N GLY G 216 -64.52 -24.62 14.39
CA GLY G 216 -65.13 -25.24 15.52
C GLY G 216 -64.35 -26.49 15.85
N PRO G 217 -64.73 -27.20 16.94
CA PRO G 217 -64.07 -28.48 17.26
C PRO G 217 -63.82 -29.35 16.05
N GLY G 218 -62.57 -29.42 15.61
CA GLY G 218 -62.17 -30.16 14.42
C GLY G 218 -62.92 -29.79 13.15
N TRP G 219 -62.96 -28.50 12.83
CA TRP G 219 -63.60 -28.04 11.60
C TRP G 219 -63.10 -26.67 11.26
N GLU G 220 -62.84 -26.47 9.96
CA GLU G 220 -62.42 -25.18 9.45
C GLU G 220 -63.03 -24.92 8.08
N ALA G 221 -63.29 -23.64 7.82
CA ALA G 221 -63.81 -23.24 6.52
C ALA G 221 -63.46 -21.78 6.34
N ARG G 222 -63.28 -21.38 5.09
CA ARG G 222 -62.92 -20.01 4.80
C ARG G 222 -64.13 -19.16 4.43
N GLY G 223 -63.88 -17.87 4.34
CA GLY G 223 -64.94 -16.92 4.10
C GLY G 223 -65.69 -17.09 2.82
N SER G 224 -65.04 -16.92 1.66
CA SER G 224 -65.63 -16.90 0.32
C SER G 224 -66.01 -15.49 -0.12
N PHE G 225 -65.08 -14.83 -0.80
CA PHE G 225 -65.23 -13.51 -1.39
C PHE G 225 -64.09 -13.31 -2.39
N SER G 226 -64.16 -12.18 -3.10
CA SER G 226 -63.12 -11.81 -4.04
C SER G 226 -62.37 -10.60 -3.50
N GLN G 227 -61.22 -10.30 -4.08
CA GLN G 227 -60.56 -9.04 -3.73
C GLN G 227 -61.47 -7.86 -4.02
N ALA G 228 -62.26 -7.94 -5.09
CA ALA G 228 -63.16 -6.85 -5.41
C ALA G 228 -64.18 -6.60 -4.31
N ASP G 229 -64.40 -7.56 -3.41
CA ASP G 229 -65.33 -7.43 -2.30
C ASP G 229 -64.72 -6.82 -1.05
N VAL G 230 -63.47 -6.39 -1.10
CA VAL G 230 -62.80 -5.81 0.07
C VAL G 230 -62.79 -4.31 -0.14
N HIS G 231 -63.76 -3.62 0.44
CA HIS G 231 -63.97 -2.19 0.19
C HIS G 231 -62.97 -1.36 0.95
N ARG G 232 -62.06 -0.71 0.21
CA ARG G 232 -61.22 0.35 0.76
C ARG G 232 -60.51 -0.12 2.03
N GLN G 233 -60.10 -1.39 2.04
CA GLN G 233 -59.25 -2.00 3.07
C GLN G 233 -59.90 -2.17 4.45
N VAL G 234 -61.15 -1.76 4.65
CA VAL G 234 -61.72 -1.81 5.99
C VAL G 234 -63.10 -2.41 6.04
N ALA G 235 -63.51 -3.08 4.97
CA ALA G 235 -64.80 -3.76 4.96
C ALA G 235 -64.76 -4.95 4.01
N ILE G 236 -65.21 -6.11 4.49
CA ILE G 236 -65.25 -7.35 3.72
C ILE G 236 -66.71 -7.76 3.60
N VAL G 237 -67.18 -7.94 2.38
CA VAL G 237 -68.52 -8.46 2.10
C VAL G 237 -68.35 -9.86 1.54
N PHE G 238 -68.74 -10.86 2.32
CA PHE G 238 -68.56 -12.26 1.92
C PHE G 238 -69.86 -13.02 2.13
N ARG G 239 -69.88 -14.29 1.71
CA ARG G 239 -70.97 -15.22 2.03
C ARG G 239 -70.38 -16.29 2.93
N THR G 240 -71.18 -16.80 3.86
CA THR G 240 -70.65 -17.75 4.82
C THR G 240 -70.47 -19.11 4.16
N PRO G 241 -69.51 -19.91 4.63
CA PRO G 241 -69.30 -21.24 4.06
C PRO G 241 -70.30 -22.23 4.61
N PRO G 242 -70.51 -23.37 3.92
CA PRO G 242 -71.38 -24.42 4.47
C PRO G 242 -70.81 -25.02 5.74
N TYR G 243 -71.69 -25.29 6.70
CA TYR G 243 -71.20 -25.98 7.88
C TYR G 243 -70.95 -27.47 7.59
N ALA G 244 -70.15 -28.09 8.46
CA ALA G 244 -69.82 -29.51 8.32
C ALA G 244 -71.06 -30.37 8.22
N ASP G 245 -72.07 -30.06 9.02
CA ASP G 245 -73.31 -30.83 9.17
C ASP G 245 -74.48 -30.12 8.51
N PRO G 246 -74.84 -30.44 7.26
CA PRO G 246 -75.98 -29.78 6.60
C PRO G 246 -77.35 -30.22 7.10
N SER G 247 -77.44 -31.05 8.11
CA SER G 247 -78.69 -31.53 8.65
C SER G 247 -78.83 -31.13 10.12
N LEU G 248 -78.45 -29.88 10.42
CA LEU G 248 -78.51 -29.39 11.80
C LEU G 248 -79.93 -29.42 12.33
N GLN G 249 -80.09 -29.95 13.54
CA GLN G 249 -81.37 -29.89 14.20
C GLN G 249 -81.40 -28.83 15.30
N ALA G 250 -80.25 -28.48 15.85
CA ALA G 250 -80.15 -27.41 16.83
C ALA G 250 -78.98 -26.51 16.47
N PRO G 251 -79.04 -25.23 16.85
CA PRO G 251 -77.96 -24.30 16.47
C PRO G 251 -76.64 -24.68 17.13
N VAL G 252 -75.56 -24.59 16.33
CA VAL G 252 -74.21 -24.86 16.82
C VAL G 252 -73.38 -23.58 16.69
N ARG G 253 -72.54 -23.31 17.69
CA ARG G 253 -71.83 -22.04 17.75
C ARG G 253 -70.34 -22.24 17.48
N VAL G 254 -69.88 -21.64 16.38
CA VAL G 254 -68.48 -21.68 15.95
C VAL G 254 -67.89 -20.27 16.14
N SER G 255 -66.58 -20.17 15.91
CA SER G 255 -65.86 -18.91 16.07
C SER G 255 -65.31 -18.47 14.71
N MET G 256 -65.68 -17.25 14.31
CA MET G 256 -65.29 -16.61 13.06
C MET G 256 -64.24 -15.54 13.33
N GLN G 257 -63.17 -15.50 12.51
CA GLN G 257 -62.11 -14.54 12.78
C GLN G 257 -61.31 -14.24 11.52
N LEU G 258 -60.79 -13.01 11.45
CA LEU G 258 -59.91 -12.61 10.35
C LEU G 258 -58.57 -13.33 10.44
N ARG G 259 -58.06 -13.80 9.29
CA ARG G 259 -56.78 -14.50 9.23
C ARG G 259 -55.93 -13.97 8.09
N ARG G 260 -54.65 -13.70 8.38
CA ARG G 260 -53.72 -13.23 7.36
C ARG G 260 -52.85 -14.40 6.94
N PRO G 261 -53.01 -14.93 5.73
CA PRO G 261 -52.21 -16.09 5.31
C PRO G 261 -50.72 -15.91 5.47
N SER G 262 -50.19 -14.73 5.16
CA SER G 262 -48.73 -14.52 5.15
C SER G 262 -48.08 -14.93 6.47
N ASP G 263 -48.50 -14.34 7.58
CA ASP G 263 -47.92 -14.64 8.88
C ASP G 263 -48.90 -15.35 9.80
N ARG G 264 -49.85 -16.09 9.20
CA ARG G 264 -50.90 -16.89 9.88
C ARG G 264 -51.50 -16.21 11.09
N GLU G 265 -51.64 -14.88 11.06
CA GLU G 265 -52.13 -14.16 12.23
C GLU G 265 -53.65 -14.26 12.33
N LEU G 266 -54.14 -14.21 13.55
CA LEU G 266 -55.57 -14.39 13.75
C LEU G 266 -56.10 -13.27 14.62
N SER G 267 -57.26 -12.75 14.23
CA SER G 267 -57.97 -11.76 15.03
C SER G 267 -58.65 -12.43 16.20
N GLU G 268 -59.05 -11.61 17.17
CA GLU G 268 -59.90 -12.08 18.25
C GLU G 268 -61.14 -12.73 17.64
N PRO G 269 -61.50 -13.95 18.05
CA PRO G 269 -62.64 -14.63 17.45
C PRO G 269 -63.96 -14.01 17.86
N MET G 270 -64.93 -14.06 16.95
CA MET G 270 -66.29 -13.62 17.17
C MET G 270 -67.25 -14.82 17.07
N GLU G 271 -68.26 -14.86 17.92
CA GLU G 271 -69.19 -16.00 17.95
C GLU G 271 -70.19 -15.91 16.82
N PHE G 272 -70.28 -16.98 16.03
CA PHE G 272 -71.29 -17.12 14.98
C PHE G 272 -72.04 -18.43 15.23
N GLN G 273 -73.37 -18.40 15.19
CA GLN G 273 -74.14 -19.62 15.43
C GLN G 273 -74.86 -20.04 14.15
N TYR G 274 -74.38 -21.12 13.55
CA TYR G 274 -75.06 -21.77 12.44
C TYR G 274 -76.38 -22.35 12.92
N LEU G 275 -77.44 -22.19 12.09
CA LEU G 275 -78.80 -22.53 12.47
C LEU G 275 -79.36 -23.68 11.62
N PRO G 276 -80.30 -24.46 12.17
CA PRO G 276 -80.98 -25.49 11.37
C PRO G 276 -81.76 -24.87 10.22
N ASP G 277 -81.35 -25.16 8.97
CA ASP G 277 -81.97 -24.59 7.78
C ASP G 277 -83.45 -24.94 7.67
N PRO H 2 -64.44 42.73 -29.49
CA PRO H 2 -65.18 41.51 -29.15
C PRO H 2 -64.86 40.97 -27.75
N TYR H 3 -65.38 39.78 -27.42
CA TYR H 3 -65.24 39.19 -26.09
C TYR H 3 -65.21 37.66 -26.19
N VAL H 4 -64.95 37.01 -25.05
CA VAL H 4 -64.80 35.57 -24.99
C VAL H 4 -65.98 34.95 -24.26
N GLU H 5 -66.36 33.75 -24.70
CA GLU H 5 -67.45 33.03 -24.04
C GLU H 5 -67.14 31.54 -23.94
N ILE H 6 -67.55 30.94 -22.83
CA ILE H 6 -67.34 29.52 -22.59
C ILE H 6 -68.51 28.73 -23.16
N ILE H 7 -68.25 27.90 -24.15
CA ILE H 7 -69.30 27.05 -24.72
C ILE H 7 -69.41 25.72 -23.99
N GLU H 8 -68.28 25.07 -23.67
CA GLU H 8 -68.32 23.84 -22.88
C GLU H 8 -67.47 24.10 -21.64
N GLN H 9 -68.17 24.36 -20.54
CA GLN H 9 -67.59 24.49 -19.21
C GLN H 9 -66.91 23.18 -18.79
N PRO H 10 -65.91 23.22 -17.91
CA PRO H 10 -65.34 21.98 -17.39
C PRO H 10 -66.26 21.33 -16.38
N LYS H 11 -66.10 20.00 -16.25
CA LYS H 11 -66.74 19.29 -15.16
C LYS H 11 -66.16 19.78 -13.85
N GLN H 12 -66.99 19.74 -12.82
CA GLN H 12 -66.62 20.33 -11.55
C GLN H 12 -66.17 19.31 -10.54
N ARG H 13 -66.80 18.15 -10.52
CA ARG H 13 -66.45 17.16 -9.52
C ARG H 13 -66.08 15.89 -10.24
N GLY H 14 -64.99 15.27 -9.78
CA GLY H 14 -64.53 14.02 -10.34
C GLY H 14 -63.05 13.75 -10.35
N MET H 15 -62.22 14.69 -10.81
CA MET H 15 -60.79 14.41 -11.01
C MET H 15 -59.91 14.86 -9.85
N ARG H 16 -58.80 14.13 -9.66
CA ARG H 16 -57.86 14.39 -8.58
C ARG H 16 -56.82 15.43 -9.00
N PHE H 17 -56.51 16.34 -8.08
CA PHE H 17 -55.34 17.18 -8.27
C PHE H 17 -54.11 16.31 -8.06
N ARG H 18 -53.37 16.05 -9.13
CA ARG H 18 -52.11 15.31 -9.04
C ARG H 18 -51.00 16.20 -8.50
N TYR H 19 -50.11 15.61 -7.70
CA TYR H 19 -48.95 16.32 -7.20
C TYR H 19 -47.83 16.25 -8.23
N LYS H 20 -46.78 17.05 -8.01
CA LYS H 20 -45.60 16.95 -8.87
C LYS H 20 -44.92 15.59 -8.72
N CYS H 21 -44.89 15.05 -7.50
CA CYS H 21 -44.22 13.76 -7.30
C CYS H 21 -44.86 12.66 -8.13
N GLU H 22 -46.15 12.74 -8.41
CA GLU H 22 -46.84 11.82 -9.32
C GLU H 22 -46.49 12.10 -10.78
N GLY H 23 -45.69 13.13 -11.04
CA GLY H 23 -45.00 13.49 -12.29
C GLY H 23 -45.92 13.74 -13.46
N ARG H 24 -45.39 13.47 -14.65
CA ARG H 24 -46.12 13.44 -15.93
C ARG H 24 -47.08 14.61 -16.08
N SER H 25 -48.21 14.35 -16.74
CA SER H 25 -49.33 15.26 -16.81
C SER H 25 -50.40 14.81 -15.83
N ALA H 26 -51.17 15.77 -15.32
CA ALA H 26 -52.30 15.46 -14.47
C ALA H 26 -53.52 15.11 -15.31
N GLY H 27 -53.33 14.22 -16.27
CA GLY H 27 -54.40 13.83 -17.17
C GLY H 27 -54.94 15.00 -17.96
N SER H 28 -56.26 15.16 -17.92
CA SER H 28 -56.89 16.15 -18.79
C SER H 28 -58.29 16.48 -18.26
N ILE H 29 -58.54 17.76 -18.03
CA ILE H 29 -59.82 18.24 -17.49
C ILE H 29 -60.96 17.91 -18.43
N PRO H 30 -62.01 17.24 -17.94
CA PRO H 30 -63.12 16.82 -18.79
C PRO H 30 -64.16 17.92 -18.99
N GLY H 31 -64.90 17.78 -20.09
CA GLY H 31 -66.05 18.61 -20.33
C GLY H 31 -67.19 18.29 -19.38
N GLU H 32 -68.03 19.29 -19.16
CA GLU H 32 -69.12 19.16 -18.19
C GLU H 32 -70.05 17.99 -18.50
N ARG H 33 -70.32 17.77 -19.79
CA ARG H 33 -71.23 16.72 -20.21
C ARG H 33 -70.50 15.48 -20.74
N SER H 34 -69.24 15.29 -20.35
CA SER H 34 -68.48 14.16 -20.86
C SER H 34 -69.04 12.85 -20.31
N THR H 35 -68.91 11.80 -21.10
CA THR H 35 -69.36 10.46 -20.74
C THR H 35 -68.40 9.44 -21.35
N ASP H 36 -68.78 8.16 -21.28
CA ASP H 36 -67.99 7.11 -21.91
C ASP H 36 -68.26 7.01 -23.40
N THR H 37 -69.43 7.44 -23.87
CA THR H 37 -69.70 7.48 -25.31
C THR H 37 -68.68 8.36 -26.02
N THR H 38 -68.65 9.63 -25.65
CA THR H 38 -67.67 10.58 -26.16
C THR H 38 -67.27 11.46 -25.00
N LYS H 39 -65.99 11.82 -24.96
CA LYS H 39 -65.47 12.66 -23.90
C LYS H 39 -65.40 14.09 -24.43
N THR H 40 -66.04 15.01 -23.72
CA THR H 40 -65.99 16.41 -24.11
C THR H 40 -64.84 17.10 -23.36
N HIS H 41 -64.45 18.25 -23.88
CA HIS H 41 -63.39 19.02 -23.26
C HIS H 41 -63.81 20.47 -23.09
N PRO H 42 -63.27 21.14 -22.07
CA PRO H 42 -63.47 22.60 -21.96
C PRO H 42 -63.15 23.32 -23.26
N THR H 43 -64.17 23.95 -23.84
CA THR H 43 -63.98 24.67 -25.09
C THR H 43 -64.63 26.06 -25.03
N ILE H 44 -63.99 27.03 -25.69
CA ILE H 44 -64.45 28.41 -25.75
C ILE H 44 -64.55 28.89 -27.20
N LYS H 45 -65.26 30.00 -27.38
CA LYS H 45 -65.35 30.71 -28.64
C LYS H 45 -65.19 32.20 -28.40
N ILE H 46 -64.64 32.87 -29.39
CA ILE H 46 -64.47 34.33 -29.35
C ILE H 46 -65.61 34.94 -30.16
N ASN H 47 -66.69 35.27 -29.47
CA ASN H 47 -67.87 35.85 -30.12
C ASN H 47 -67.54 37.09 -30.93
N GLY H 48 -68.02 37.09 -32.18
CA GLY H 48 -67.89 38.20 -33.10
C GLY H 48 -66.46 38.51 -33.49
N TYR H 49 -65.73 37.49 -33.96
CA TYR H 49 -64.38 37.66 -34.46
C TYR H 49 -63.89 36.34 -35.06
N THR H 50 -63.08 36.44 -36.11
CA THR H 50 -62.35 35.29 -36.66
C THR H 50 -60.97 35.77 -37.09
N GLY H 51 -59.95 34.95 -36.81
CA GLY H 51 -58.58 35.33 -37.10
C GLY H 51 -57.59 34.79 -36.09
N PRO H 52 -56.33 35.23 -36.18
CA PRO H 52 -55.30 34.72 -35.26
C PRO H 52 -55.31 35.44 -33.92
N GLY H 53 -54.50 34.94 -33.00
CA GLY H 53 -54.46 35.49 -31.65
C GLY H 53 -53.67 34.62 -30.69
N THR H 54 -53.92 34.82 -29.40
CA THR H 54 -53.26 34.04 -28.37
C THR H 54 -54.20 33.80 -27.20
N VAL H 55 -54.21 32.57 -26.70
CA VAL H 55 -55.02 32.17 -25.56
C VAL H 55 -54.08 31.77 -24.42
N ARG H 56 -54.28 32.38 -23.25
CA ARG H 56 -53.52 32.07 -22.06
C ARG H 56 -54.49 31.63 -20.95
N ILE H 57 -54.26 30.47 -20.36
CA ILE H 57 -55.09 29.91 -19.29
C ILE H 57 -54.31 29.85 -17.99
N SER H 58 -54.94 30.36 -16.93
CA SER H 58 -54.33 30.46 -15.60
C SER H 58 -55.32 29.93 -14.56
N LEU H 59 -54.82 29.37 -13.47
CA LEU H 59 -55.71 28.96 -12.39
C LEU H 59 -55.90 30.11 -11.41
N VAL H 60 -57.16 30.42 -11.05
CA VAL H 60 -57.46 31.54 -10.16
C VAL H 60 -58.41 31.07 -9.08
N THR H 61 -58.48 31.86 -8.01
CA THR H 61 -59.24 31.52 -6.82
C THR H 61 -60.73 31.36 -7.15
N LYS H 62 -61.42 30.63 -6.25
CA LYS H 62 -62.85 30.39 -6.43
C LYS H 62 -63.65 31.67 -6.17
N ASP H 63 -63.25 32.48 -5.17
CA ASP H 63 -64.05 33.56 -4.62
C ASP H 63 -63.81 34.87 -5.33
N PRO H 64 -64.72 35.83 -5.12
CA PRO H 64 -64.75 37.08 -5.89
C PRO H 64 -63.40 37.73 -6.17
N PRO H 65 -62.49 37.98 -5.17
CA PRO H 65 -61.29 38.75 -5.59
C PRO H 65 -60.56 38.09 -6.75
N HIS H 66 -60.72 36.77 -6.90
CA HIS H 66 -60.09 35.90 -7.92
C HIS H 66 -58.61 36.17 -8.08
N ARG H 67 -57.88 35.93 -6.99
CA ARG H 67 -56.44 35.99 -7.04
C ARG H 67 -55.92 34.84 -7.89
N PRO H 68 -54.70 34.94 -8.43
CA PRO H 68 -54.10 33.77 -9.05
C PRO H 68 -53.95 32.71 -7.98
N HIS H 69 -54.08 31.46 -8.39
CA HIS H 69 -54.10 30.31 -7.51
C HIS H 69 -52.73 29.66 -7.44
N PRO H 70 -52.30 29.20 -6.28
CA PRO H 70 -51.02 28.48 -6.19
C PRO H 70 -50.92 27.31 -7.16
N HIS H 71 -51.95 26.49 -7.32
CA HIS H 71 -51.86 25.34 -8.21
C HIS H 71 -51.52 25.80 -9.64
N GLU H 72 -51.22 24.84 -10.50
CA GLU H 72 -50.74 25.21 -11.82
C GLU H 72 -51.15 24.14 -12.82
N LEU H 73 -51.33 24.56 -14.06
CA LEU H 73 -51.68 23.66 -15.15
C LEU H 73 -50.42 23.09 -15.81
N VAL H 74 -50.54 21.88 -16.34
CA VAL H 74 -49.44 21.18 -16.98
C VAL H 74 -49.97 20.40 -18.16
N GLY H 75 -49.17 20.29 -19.21
CA GLY H 75 -49.65 19.56 -20.37
C GLY H 75 -49.27 20.27 -21.64
N LYS H 76 -50.01 19.91 -22.69
CA LYS H 76 -49.79 20.51 -24.00
C LYS H 76 -49.79 22.03 -23.89
N ASP H 77 -48.77 22.65 -24.48
CA ASP H 77 -48.65 24.10 -24.53
C ASP H 77 -48.59 24.74 -23.15
N CYS H 78 -48.23 23.97 -22.12
CA CYS H 78 -48.10 24.51 -20.77
C CYS H 78 -46.63 24.64 -20.40
N ARG H 79 -46.32 25.70 -19.67
CA ARG H 79 -44.99 25.99 -19.14
C ARG H 79 -45.14 27.01 -18.01
N ASP H 80 -44.21 26.95 -17.06
CA ASP H 80 -44.15 27.87 -15.93
C ASP H 80 -45.46 27.88 -15.13
N GLY H 81 -46.28 26.84 -15.30
CA GLY H 81 -47.50 26.64 -14.54
C GLY H 81 -48.76 27.16 -15.18
N TYR H 82 -48.68 27.69 -16.40
CA TYR H 82 -49.89 28.13 -17.09
C TYR H 82 -49.86 27.64 -18.53
N TYR H 83 -50.99 27.78 -19.20
CA TYR H 83 -51.13 27.41 -20.60
C TYR H 83 -51.06 28.69 -21.43
N GLU H 84 -50.32 28.65 -22.54
CA GLU H 84 -50.27 29.80 -23.43
C GLU H 84 -49.98 29.29 -24.84
N ALA H 85 -51.02 29.13 -25.64
CA ALA H 85 -50.85 28.56 -26.96
C ALA H 85 -50.91 29.66 -28.02
N GLU H 86 -50.65 29.25 -29.26
CA GLU H 86 -50.79 30.14 -30.42
C GLU H 86 -52.12 29.83 -31.08
N PHE H 87 -52.82 30.88 -31.52
CA PHE H 87 -54.18 30.77 -31.98
C PHE H 87 -54.19 30.83 -33.51
N GLY H 88 -55.09 30.08 -34.12
CA GLY H 88 -55.18 30.00 -35.55
C GLY H 88 -56.56 30.40 -36.05
N PRO H 89 -56.59 31.11 -37.19
CA PRO H 89 -57.86 31.61 -37.74
C PRO H 89 -58.96 30.56 -37.81
N GLU H 90 -58.65 29.43 -38.46
CA GLU H 90 -59.54 28.28 -38.60
C GLU H 90 -60.48 28.07 -37.41
N ARG H 91 -59.98 27.40 -36.35
CA ARG H 91 -60.68 27.09 -35.11
C ARG H 91 -61.91 26.21 -35.31
N ARG H 92 -62.10 25.22 -34.42
CA ARG H 92 -63.23 24.30 -34.57
C ARG H 92 -63.92 23.90 -33.27
N PRO H 93 -64.20 24.83 -32.32
CA PRO H 93 -63.74 26.20 -32.08
C PRO H 93 -62.44 26.17 -31.27
N LEU H 94 -62.45 26.50 -29.98
CA LEU H 94 -61.23 26.47 -29.18
C LEU H 94 -61.32 25.35 -28.15
N PHE H 95 -60.80 24.17 -28.53
CA PHE H 95 -60.70 23.01 -27.66
C PHE H 95 -59.51 23.12 -26.73
N PHE H 96 -59.69 22.69 -25.48
CA PHE H 96 -58.57 22.51 -24.55
C PHE H 96 -58.67 21.14 -23.87
N GLN H 97 -58.09 20.12 -24.48
CA GLN H 97 -58.23 18.76 -23.94
C GLN H 97 -57.16 18.48 -22.89
N ASN H 98 -55.89 18.41 -23.31
CA ASN H 98 -54.83 18.02 -22.39
C ASN H 98 -54.49 19.11 -21.36
N LEU H 99 -55.48 19.60 -20.62
CA LEU H 99 -55.19 20.44 -19.48
C LEU H 99 -55.15 19.62 -18.22
N GLY H 100 -54.23 19.94 -17.32
CA GLY H 100 -54.12 19.17 -16.11
C GLY H 100 -53.75 19.97 -14.88
N ILE H 101 -54.51 19.80 -13.80
CA ILE H 101 -54.31 20.55 -12.57
C ILE H 101 -53.27 19.82 -11.73
N ARG H 102 -52.11 20.44 -11.56
CA ARG H 102 -51.07 19.96 -10.65
C ARG H 102 -51.11 20.78 -9.38
N CYS H 103 -51.35 20.13 -8.27
CA CYS H 103 -51.36 20.81 -6.99
C CYS H 103 -49.94 20.97 -6.47
N VAL H 104 -49.73 22.00 -5.68
CA VAL H 104 -48.44 22.24 -5.04
C VAL H 104 -48.58 21.89 -3.57
N LYS H 105 -47.47 21.47 -2.95
CA LYS H 105 -47.48 21.20 -1.52
C LYS H 105 -47.79 22.46 -0.73
N LYS H 106 -48.39 22.29 0.45
CA LYS H 106 -48.79 23.43 1.27
C LYS H 106 -47.59 24.27 1.66
N LYS H 107 -46.40 23.64 1.78
CA LYS H 107 -45.17 24.37 2.05
C LYS H 107 -44.71 25.17 0.83
N GLU H 108 -45.14 24.78 -0.37
CA GLU H 108 -44.71 25.46 -1.57
C GLU H 108 -45.73 26.47 -2.10
N VAL H 109 -46.67 26.93 -1.27
CA VAL H 109 -47.71 27.84 -1.77
C VAL H 109 -47.12 29.23 -2.06
N LYS H 110 -46.45 29.83 -1.07
CA LYS H 110 -45.87 31.16 -1.23
C LYS H 110 -44.95 31.21 -2.46
N GLU H 111 -43.94 30.34 -2.48
CA GLU H 111 -43.01 30.31 -3.60
C GLU H 111 -43.73 30.09 -4.92
N ALA H 112 -44.95 29.58 -4.90
CA ALA H 112 -45.69 29.43 -6.15
C ALA H 112 -46.35 30.74 -6.56
N ILE H 113 -47.07 31.37 -5.63
CA ILE H 113 -47.77 32.62 -5.92
C ILE H 113 -46.78 33.71 -6.32
N ILE H 114 -45.71 33.86 -5.54
CA ILE H 114 -44.62 34.76 -5.88
C ILE H 114 -44.06 34.43 -7.26
N LEU H 115 -43.95 33.14 -7.57
CA LEU H 115 -43.51 32.74 -8.90
C LEU H 115 -44.52 33.13 -9.96
N ARG H 116 -45.81 33.13 -9.61
CA ARG H 116 -46.85 33.48 -10.58
C ARG H 116 -46.89 34.98 -10.84
N ILE H 117 -47.05 35.77 -9.79
CA ILE H 117 -47.16 37.21 -10.01
C ILE H 117 -45.84 37.81 -10.49
N SER H 118 -44.70 37.14 -10.25
CA SER H 118 -43.47 37.58 -10.91
C SER H 118 -43.59 37.44 -12.42
N ALA H 119 -44.24 36.39 -12.88
CA ALA H 119 -44.50 36.31 -14.32
C ALA H 119 -45.58 37.28 -14.77
N GLY H 120 -46.10 38.11 -13.87
CA GLY H 120 -47.07 39.11 -14.27
C GLY H 120 -48.41 38.55 -14.65
N ILE H 121 -48.77 37.40 -14.08
CA ILE H 121 -50.08 36.80 -14.30
C ILE H 121 -50.91 37.24 -13.09
N ASN H 122 -51.69 38.29 -13.26
CA ASN H 122 -52.67 38.71 -12.27
C ASN H 122 -53.89 39.14 -13.06
N PRO H 123 -54.60 38.18 -13.63
CA PRO H 123 -55.65 38.49 -14.61
C PRO H 123 -56.57 39.63 -14.20
N PHE H 124 -56.93 39.70 -12.92
CA PHE H 124 -57.87 40.70 -12.45
C PHE H 124 -57.18 41.78 -11.63
N ASN H 125 -55.91 42.06 -11.95
CA ASN H 125 -55.06 43.06 -11.31
C ASN H 125 -55.55 43.37 -9.89
N VAL H 126 -55.48 42.37 -9.01
CA VAL H 126 -56.02 42.56 -7.66
C VAL H 126 -54.99 43.33 -6.85
N PRO H 127 -55.41 44.21 -5.93
CA PRO H 127 -54.45 44.95 -5.11
C PRO H 127 -53.49 44.02 -4.39
N GLU H 128 -52.32 44.52 -4.01
CA GLU H 128 -51.28 43.60 -3.58
C GLU H 128 -51.50 43.08 -2.17
N GLN H 129 -52.05 43.91 -1.29
CA GLN H 129 -52.15 43.57 0.12
C GLN H 129 -52.83 42.21 0.32
N GLN H 130 -53.92 41.97 -0.41
CA GLN H 130 -54.68 40.73 -0.26
C GLN H 130 -54.14 39.59 -1.10
N LEU H 131 -53.45 39.89 -2.20
CA LEU H 131 -52.86 38.84 -3.04
C LEU H 131 -51.85 38.03 -2.26
N LEU H 132 -51.00 38.68 -1.49
CA LEU H 132 -50.05 37.90 -0.73
C LEU H 132 -50.73 37.17 0.41
N ASP H 133 -52.03 37.43 0.61
CA ASP H 133 -52.87 36.64 1.50
C ASP H 133 -52.61 37.04 2.95
N ILE H 134 -53.54 36.66 3.84
CA ILE H 134 -53.43 36.86 5.28
C ILE H 134 -54.34 35.84 5.97
N GLU H 135 -55.09 35.07 5.17
CA GLU H 135 -56.04 34.08 5.71
C GLU H 135 -55.65 32.65 5.35
N ASP H 136 -56.57 31.91 4.72
CA ASP H 136 -56.27 30.54 4.31
C ASP H 136 -55.78 30.52 2.86
N CYS H 137 -56.68 30.15 1.95
CA CYS H 137 -56.50 30.20 0.49
C CYS H 137 -57.55 29.32 -0.16
N ASP H 138 -57.46 28.01 0.15
CA ASP H 138 -58.41 26.94 -0.12
C ASP H 138 -57.68 25.69 -0.56
N LEU H 139 -57.27 25.66 -1.83
CA LEU H 139 -56.38 24.64 -2.41
C LEU H 139 -57.16 23.45 -2.97
N ASN H 140 -58.41 23.31 -2.56
CA ASN H 140 -59.26 22.24 -3.05
C ASN H 140 -60.12 22.67 -4.23
N VAL H 141 -60.25 23.98 -4.47
CA VAL H 141 -61.09 24.51 -5.54
C VAL H 141 -60.27 25.49 -6.36
N VAL H 142 -60.34 25.36 -7.69
CA VAL H 142 -59.76 26.30 -8.61
C VAL H 142 -60.80 26.73 -9.66
N ARG H 143 -60.45 27.80 -10.40
CA ARG H 143 -61.23 28.30 -11.53
C ARG H 143 -60.31 28.51 -12.71
N LEU H 144 -60.74 28.04 -13.88
CA LEU H 144 -60.02 28.30 -15.11
C LEU H 144 -60.23 29.75 -15.52
N CYS H 145 -59.14 30.45 -15.85
CA CYS H 145 -59.18 31.85 -16.26
C CYS H 145 -58.61 31.98 -17.67
N PHE H 146 -59.50 32.31 -18.63
CA PHE H 146 -59.15 32.44 -20.05
C PHE H 146 -58.85 33.90 -20.38
N GLN H 147 -57.60 34.19 -20.74
CA GLN H 147 -57.15 35.49 -21.22
C GLN H 147 -56.85 35.37 -22.72
N VAL H 148 -57.63 36.05 -23.55
CA VAL H 148 -57.43 36.02 -24.99
C VAL H 148 -56.90 37.38 -25.44
N PHE H 149 -55.79 37.36 -26.19
CA PHE H 149 -55.15 38.54 -26.74
C PHE H 149 -55.29 38.53 -28.27
N LEU H 150 -55.75 39.65 -28.84
CA LEU H 150 -56.07 39.80 -30.25
C LEU H 150 -54.97 40.60 -30.98
N PRO H 151 -54.87 40.45 -32.32
CA PRO H 151 -53.65 40.90 -33.03
C PRO H 151 -53.23 42.35 -32.80
N ASP H 152 -51.91 42.56 -32.91
CA ASP H 152 -51.21 43.81 -32.65
C ASP H 152 -49.72 43.56 -32.40
N GLU H 153 -49.26 42.33 -32.64
CA GLU H 153 -48.02 41.78 -32.06
C GLU H 153 -46.79 42.62 -32.33
N HIS H 154 -45.96 42.20 -33.27
CA HIS H 154 -44.79 42.99 -33.64
C HIS H 154 -44.14 42.50 -34.94
N PHE H 157 -50.65 40.51 -31.06
CA PHE H 157 -51.38 39.85 -30.00
C PHE H 157 -51.16 40.55 -28.67
N THR H 158 -51.72 41.75 -28.53
CA THR H 158 -51.68 42.43 -27.25
C THR H 158 -53.04 42.97 -26.85
N THR H 159 -54.00 43.05 -27.77
CA THR H 159 -55.36 43.50 -27.48
C THR H 159 -56.00 42.53 -26.49
N ALA H 160 -56.03 42.88 -25.20
CA ALA H 160 -56.55 41.99 -24.17
C ALA H 160 -58.07 42.03 -24.11
N LEU H 161 -58.73 40.94 -24.47
CA LEU H 161 -60.16 40.84 -24.23
C LEU H 161 -60.40 40.65 -22.74
N PRO H 162 -61.62 40.89 -22.26
CA PRO H 162 -61.90 40.68 -20.84
C PRO H 162 -61.66 39.23 -20.46
N PRO H 163 -60.92 38.98 -19.38
CA PRO H 163 -60.74 37.59 -18.94
C PRO H 163 -62.02 37.07 -18.29
N ILE H 164 -62.35 35.81 -18.57
CA ILE H 164 -63.53 35.15 -18.01
C ILE H 164 -63.13 33.88 -17.26
N VAL H 165 -63.91 33.56 -16.24
CA VAL H 165 -63.65 32.41 -15.40
C VAL H 165 -64.68 31.33 -15.67
N SER H 166 -64.25 30.09 -15.51
CA SER H 166 -65.13 28.93 -15.60
C SER H 166 -65.73 28.63 -14.24
N ASN H 167 -66.63 27.63 -14.21
CA ASN H 167 -67.17 27.16 -12.95
C ASN H 167 -66.06 26.53 -12.11
N PRO H 168 -66.22 26.53 -10.78
CA PRO H 168 -65.15 26.00 -9.94
C PRO H 168 -64.93 24.53 -10.20
N ILE H 169 -63.66 24.14 -10.17
CA ILE H 169 -63.24 22.74 -10.27
C ILE H 169 -62.77 22.32 -8.89
N TYR H 170 -63.29 21.19 -8.39
CA TYR H 170 -63.07 20.73 -7.03
C TYR H 170 -62.22 19.46 -7.06
N ASP H 171 -61.28 19.36 -6.11
CA ASP H 171 -60.38 18.22 -5.99
C ASP H 171 -61.10 16.98 -5.48
N ASN H 172 -61.16 15.92 -6.28
CA ASN H 172 -61.84 14.72 -5.80
C ASN H 172 -61.11 14.03 -4.66
N ARG H 173 -59.87 14.42 -4.36
CA ARG H 173 -59.09 13.76 -3.33
C ARG H 173 -59.35 14.34 -1.94
N ALA H 174 -59.76 15.61 -1.85
CA ALA H 174 -60.07 16.22 -0.56
C ALA H 174 -61.43 15.75 -0.06
N PRO H 175 -61.54 15.32 1.21
CA PRO H 175 -62.81 14.72 1.68
C PRO H 175 -64.02 15.62 1.56
N ASN H 176 -63.86 16.95 1.76
CA ASN H 176 -64.99 17.88 1.80
C ASN H 176 -65.42 18.39 0.43
N THR H 177 -64.59 18.24 -0.60
CA THR H 177 -64.95 18.63 -1.95
C THR H 177 -65.10 17.42 -2.87
N ALA H 178 -64.90 16.21 -2.34
CA ALA H 178 -64.97 15.01 -3.15
C ALA H 178 -66.40 14.75 -3.61
N GLU H 179 -66.50 13.98 -4.70
CA GLU H 179 -67.78 13.51 -5.22
C GLU H 179 -68.34 12.42 -4.31
N LEU H 180 -69.61 12.54 -3.95
CA LEU H 180 -70.29 11.55 -3.10
C LEU H 180 -70.69 10.33 -3.93
N LYS H 181 -70.45 9.13 -3.39
CA LYS H 181 -70.70 7.92 -4.17
C LYS H 181 -71.05 6.76 -3.24
N ILE H 182 -72.22 6.19 -3.43
CA ILE H 182 -72.63 4.99 -2.70
C ILE H 182 -72.10 3.77 -3.46
N CYS H 183 -71.21 3.00 -2.83
CA CYS H 183 -70.54 1.94 -3.56
C CYS H 183 -71.34 0.65 -3.49
N ARG H 184 -71.93 0.35 -2.35
CA ARG H 184 -72.62 -0.92 -2.23
C ARG H 184 -73.46 -0.90 -0.96
N VAL H 185 -74.59 -1.60 -0.97
CA VAL H 185 -75.47 -1.62 0.20
C VAL H 185 -75.89 -3.06 0.46
N ASN H 186 -76.12 -3.37 1.73
CA ASN H 186 -76.54 -4.71 2.14
C ASN H 186 -77.94 -5.06 1.66
N ARG H 187 -78.82 -4.07 1.47
CA ARG H 187 -80.19 -4.35 1.06
C ARG H 187 -80.82 -3.05 0.60
N ASN H 188 -81.77 -3.16 -0.32
CA ASN H 188 -82.42 -1.98 -0.87
C ASN H 188 -83.94 -2.06 -0.74
N SER H 189 -84.42 -2.49 0.42
CA SER H 189 -85.85 -2.55 0.69
C SER H 189 -86.02 -2.85 2.18
N GLY H 190 -87.09 -2.32 2.76
CA GLY H 190 -87.33 -2.55 4.18
C GLY H 190 -88.79 -2.28 4.50
N SER H 191 -89.14 -2.50 5.76
CA SER H 191 -90.48 -2.17 6.22
C SER H 191 -90.75 -0.66 6.11
N CYS H 192 -91.97 -0.30 5.70
CA CYS H 192 -92.37 1.10 5.70
C CYS H 192 -92.35 1.70 7.10
N LEU H 193 -92.38 0.88 8.15
CA LEU H 193 -92.19 1.43 9.49
C LEU H 193 -90.75 1.78 9.76
N GLY H 194 -89.83 1.18 9.02
CA GLY H 194 -88.43 1.49 9.20
C GLY H 194 -87.76 0.68 10.31
N GLY H 195 -86.68 1.25 10.81
CA GLY H 195 -85.87 0.63 11.84
C GLY H 195 -84.94 -0.45 11.33
N ASP H 196 -84.89 -0.68 10.02
CA ASP H 196 -84.02 -1.68 9.42
C ASP H 196 -82.58 -1.18 9.39
N GLU H 197 -81.64 -1.97 9.93
CA GLU H 197 -80.22 -1.59 9.92
C GLU H 197 -79.63 -1.81 8.53
N ILE H 198 -78.99 -0.77 7.98
CA ILE H 198 -78.37 -0.80 6.65
C ILE H 198 -76.89 -0.51 6.78
N PHE H 199 -76.08 -1.34 6.09
CA PHE H 199 -74.64 -1.12 5.93
C PHE H 199 -74.39 -0.52 4.54
N LEU H 200 -73.94 0.74 4.50
CA LEU H 200 -73.73 1.48 3.26
C LEU H 200 -72.22 1.71 3.08
N LEU H 201 -71.66 1.12 2.02
CA LEU H 201 -70.27 1.30 1.64
C LEU H 201 -70.12 2.40 0.59
N CYS H 202 -69.23 3.36 0.85
CA CYS H 202 -69.12 4.58 0.05
C CYS H 202 -67.66 5.05 -0.03
N ASP H 203 -67.45 6.05 -0.90
CA ASP H 203 -66.18 6.78 -0.98
C ASP H 203 -66.04 7.73 0.21
N LYS H 204 -64.79 7.94 0.62
CA LYS H 204 -64.40 8.74 1.77
C LYS H 204 -65.32 9.93 2.00
N VAL H 205 -65.96 9.96 3.19
CA VAL H 205 -66.75 11.07 3.70
C VAL H 205 -66.12 11.51 5.03
N GLN H 206 -66.65 12.54 5.66
CA GLN H 206 -66.22 12.97 6.98
C GLN H 206 -67.37 12.74 7.95
N LYS H 207 -67.11 11.98 9.02
CA LYS H 207 -68.20 11.61 9.92
C LYS H 207 -69.00 12.81 10.41
N GLU H 208 -68.37 13.96 10.56
CA GLU H 208 -69.01 15.15 11.09
C GLU H 208 -69.81 15.93 10.04
N ASP H 209 -69.99 15.38 8.85
CA ASP H 209 -70.55 16.16 7.75
C ASP H 209 -71.17 15.23 6.72
N ILE H 210 -72.08 14.37 7.15
CA ILE H 210 -72.65 13.37 6.24
C ILE H 210 -74.03 12.98 6.75
N GLU H 211 -74.98 12.88 5.83
CA GLU H 211 -76.28 12.33 6.16
C GLU H 211 -76.72 11.45 5.02
N VAL H 212 -77.67 10.57 5.33
CA VAL H 212 -78.30 9.71 4.34
C VAL H 212 -79.72 10.21 4.12
N TYR H 213 -80.01 10.60 2.90
CA TYR H 213 -81.21 11.37 2.55
C TYR H 213 -82.13 10.53 1.67
N PHE H 214 -83.27 10.08 2.23
CA PHE H 214 -84.33 9.42 1.47
C PHE H 214 -85.36 10.45 1.00
N THR H 215 -85.73 10.41 -0.29
CA THR H 215 -86.72 11.34 -0.84
C THR H 215 -87.68 10.66 -1.80
N GLY H 216 -88.87 11.24 -1.86
CA GLY H 216 -89.87 10.89 -2.84
C GLY H 216 -90.74 12.10 -3.12
N PRO H 217 -91.68 11.96 -4.09
CA PRO H 217 -92.63 13.05 -4.36
C PRO H 217 -93.26 13.57 -3.08
N GLY H 218 -92.90 14.80 -2.70
CA GLY H 218 -93.40 15.41 -1.48
C GLY H 218 -93.12 14.58 -0.25
N TRP H 219 -91.86 14.16 -0.06
CA TRP H 219 -91.44 13.45 1.14
C TRP H 219 -89.93 13.47 1.28
N GLU H 220 -89.44 13.71 2.50
CA GLU H 220 -88.03 13.59 2.79
C GLU H 220 -87.83 13.05 4.21
N ALA H 221 -86.74 12.29 4.38
CA ALA H 221 -86.34 11.76 5.68
C ALA H 221 -84.86 11.46 5.66
N ARG H 222 -84.22 11.58 6.81
CA ARG H 222 -82.79 11.40 6.92
C ARG H 222 -82.51 9.97 7.36
N GLY H 223 -81.21 9.61 7.37
CA GLY H 223 -80.76 8.30 7.76
C GLY H 223 -81.18 8.04 9.19
N SER H 224 -80.32 8.39 10.14
CA SER H 224 -80.43 8.17 11.59
C SER H 224 -79.28 7.32 12.09
N PHE H 225 -78.20 8.01 12.48
CA PHE H 225 -77.00 7.38 12.99
C PHE H 225 -76.17 8.45 13.68
N SER H 226 -75.13 8.00 14.36
CA SER H 226 -74.18 8.89 14.99
C SER H 226 -72.85 8.83 14.25
N GLN H 227 -71.96 9.76 14.59
CA GLN H 227 -70.60 9.71 14.07
C GLN H 227 -69.91 8.39 14.42
N ALA H 228 -70.21 7.83 15.60
CA ALA H 228 -69.60 6.56 15.96
C ALA H 228 -70.01 5.44 15.01
N ASP H 229 -71.11 5.62 14.27
CA ASP H 229 -71.57 4.63 13.29
C ASP H 229 -70.91 4.78 11.93
N VAL H 230 -69.95 5.68 11.79
CA VAL H 230 -69.25 5.91 10.52
C VAL H 230 -67.85 5.30 10.63
N HIS H 231 -67.69 4.09 10.09
CA HIS H 231 -66.47 3.31 10.21
C HIS H 231 -65.40 3.80 9.22
N ARG H 232 -64.33 4.42 9.75
CA ARG H 232 -63.13 4.79 8.98
C ARG H 232 -63.48 5.45 7.65
N GLN H 233 -64.49 6.33 7.70
CA GLN H 233 -64.88 7.26 6.65
C GLN H 233 -65.52 6.64 5.42
N VAL H 234 -65.65 5.32 5.32
CA VAL H 234 -66.12 4.72 4.06
C VAL H 234 -67.22 3.70 4.29
N ALA H 235 -67.81 3.66 5.48
CA ALA H 235 -68.95 2.79 5.76
C ALA H 235 -69.82 3.42 6.84
N ILE H 236 -71.12 3.47 6.57
CA ILE H 236 -72.13 4.05 7.46
C ILE H 236 -73.13 2.96 7.83
N VAL H 237 -73.34 2.73 9.12
CA VAL H 237 -74.33 1.79 9.62
C VAL H 237 -75.47 2.59 10.23
N PHE H 238 -76.61 2.63 9.55
CA PHE H 238 -77.69 3.47 10.02
C PHE H 238 -78.97 2.66 10.05
N ARG H 239 -80.08 3.33 10.36
CA ARG H 239 -81.38 2.68 10.33
C ARG H 239 -82.31 3.49 9.45
N THR H 240 -83.05 2.80 8.58
CA THR H 240 -83.97 3.49 7.70
C THR H 240 -85.00 4.23 8.53
N PRO H 241 -85.47 5.38 8.05
CA PRO H 241 -86.50 6.11 8.74
C PRO H 241 -87.87 5.53 8.44
N PRO H 242 -88.87 5.82 9.26
CA PRO H 242 -90.24 5.48 8.88
C PRO H 242 -90.69 6.21 7.62
N TYR H 243 -91.43 5.49 6.78
CA TYR H 243 -92.00 6.08 5.57
C TYR H 243 -93.21 6.93 5.95
N ALA H 244 -93.59 7.81 5.02
CA ALA H 244 -94.77 8.65 5.23
C ALA H 244 -96.00 7.82 5.59
N ASP H 245 -96.23 6.73 4.85
CA ASP H 245 -97.41 5.90 5.02
C ASP H 245 -97.05 4.60 5.75
N PRO H 246 -97.26 4.51 7.07
CA PRO H 246 -96.93 3.29 7.81
C PRO H 246 -97.91 2.15 7.58
N SER H 247 -98.90 2.29 6.72
CA SER H 247 -99.86 1.24 6.45
C SER H 247 -99.82 0.85 4.97
N LEU H 248 -98.60 0.73 4.44
CA LEU H 248 -98.38 0.42 3.03
C LEU H 248 -99.06 -0.89 2.64
N GLN H 249 -99.76 -0.85 1.50
CA GLN H 249 -100.41 -2.02 0.94
C GLN H 249 -99.68 -2.59 -0.28
N ALA H 250 -98.90 -1.79 -0.98
CA ALA H 250 -98.05 -2.20 -2.08
C ALA H 250 -96.71 -1.50 -1.96
N PRO H 251 -95.63 -2.08 -2.49
CA PRO H 251 -94.32 -1.44 -2.35
C PRO H 251 -94.26 -0.10 -3.09
N VAL H 252 -93.59 0.86 -2.45
CA VAL H 252 -93.36 2.18 -3.03
C VAL H 252 -91.86 2.38 -3.21
N ARG H 253 -91.48 3.09 -4.26
CA ARG H 253 -90.08 3.19 -4.68
C ARG H 253 -89.57 4.60 -4.40
N VAL H 254 -88.64 4.74 -3.45
CA VAL H 254 -88.06 6.03 -3.10
C VAL H 254 -86.60 6.02 -3.53
N SER H 255 -85.96 7.18 -3.36
CA SER H 255 -84.59 7.40 -3.79
C SER H 255 -83.73 7.75 -2.58
N MET H 256 -82.70 6.94 -2.31
CA MET H 256 -81.79 7.15 -1.20
C MET H 256 -80.48 7.71 -1.72
N GLN H 257 -79.91 8.70 -1.03
CA GLN H 257 -78.65 9.27 -1.52
C GLN H 257 -77.88 9.91 -0.38
N LEU H 258 -76.55 9.87 -0.50
CA LEU H 258 -75.70 10.58 0.46
C LEU H 258 -75.83 12.08 0.26
N ARG H 259 -75.86 12.80 1.37
CA ARG H 259 -75.99 14.25 1.34
C ARG H 259 -74.96 14.86 2.28
N ARG H 260 -74.19 15.82 1.75
CA ARG H 260 -73.21 16.53 2.56
C ARG H 260 -73.79 17.87 2.98
N PRO H 261 -74.13 18.07 4.26
CA PRO H 261 -74.69 19.36 4.70
C PRO H 261 -73.87 20.58 4.31
N SER H 262 -72.53 20.48 4.34
CA SER H 262 -71.66 21.62 4.07
C SER H 262 -72.02 22.34 2.79
N ASP H 263 -71.99 21.64 1.66
CA ASP H 263 -72.36 22.25 0.39
C ASP H 263 -73.62 21.66 -0.20
N ARG H 264 -74.47 21.08 0.64
CA ARG H 264 -75.72 20.44 0.25
C ARG H 264 -75.58 19.56 -1.00
N GLU H 265 -74.44 18.88 -1.11
CA GLU H 265 -74.13 18.03 -2.25
C GLU H 265 -74.77 16.66 -2.13
N LEU H 266 -75.12 16.09 -3.27
CA LEU H 266 -75.87 14.85 -3.28
C LEU H 266 -75.24 13.82 -4.18
N SER H 267 -75.21 12.58 -3.70
CA SER H 267 -74.77 11.47 -4.50
C SER H 267 -75.82 11.11 -5.54
N GLU H 268 -75.40 10.35 -6.53
CA GLU H 268 -76.36 9.77 -7.45
C GLU H 268 -77.35 8.94 -6.65
N PRO H 269 -78.64 9.06 -6.93
CA PRO H 269 -79.65 8.34 -6.14
C PRO H 269 -79.57 6.84 -6.36
N MET H 270 -79.98 6.10 -5.32
CA MET H 270 -80.15 4.65 -5.31
C MET H 270 -81.60 4.31 -5.06
N GLU H 271 -82.16 3.40 -5.85
CA GLU H 271 -83.55 3.00 -5.65
C GLU H 271 -83.68 2.20 -4.36
N PHE H 272 -84.56 2.64 -3.48
CA PHE H 272 -84.90 1.88 -2.28
C PHE H 272 -86.40 1.57 -2.33
N GLN H 273 -86.80 0.41 -1.86
CA GLN H 273 -88.19 0.01 -2.03
C GLN H 273 -88.83 -0.25 -0.67
N TYR H 274 -89.62 0.71 -0.19
CA TYR H 274 -90.39 0.49 1.03
C TYR H 274 -91.48 -0.54 0.77
N LEU H 275 -91.62 -1.47 1.70
CA LEU H 275 -92.45 -2.65 1.60
C LEU H 275 -93.61 -2.58 2.59
N PRO H 276 -94.70 -3.30 2.30
CA PRO H 276 -95.86 -3.23 3.20
C PRO H 276 -95.61 -3.71 4.62
N ASP H 277 -94.91 -4.82 4.82
CA ASP H 277 -94.65 -5.38 6.16
C ASP H 277 -95.94 -5.89 6.80
N PRO K 2 18.45 26.16 5.41
CA PRO K 2 19.88 26.45 5.51
C PRO K 2 20.73 25.50 4.68
N TYR K 3 22.05 25.57 4.84
CA TYR K 3 22.97 24.72 4.08
C TYR K 3 24.18 24.40 4.93
N VAL K 4 24.97 23.45 4.45
CA VAL K 4 26.13 22.93 5.16
C VAL K 4 27.42 23.30 4.43
N GLU K 5 28.48 23.53 5.20
CA GLU K 5 29.77 23.88 4.64
C GLU K 5 30.87 23.18 5.43
N ILE K 6 31.94 22.80 4.73
CA ILE K 6 33.07 22.12 5.35
C ILE K 6 34.07 23.14 5.87
N ILE K 7 34.29 23.12 7.18
CA ILE K 7 35.24 24.02 7.81
C ILE K 7 36.66 23.46 7.76
N GLU K 8 36.84 22.20 8.09
CA GLU K 8 38.14 21.54 8.00
C GLU K 8 38.03 20.34 7.08
N GLN K 9 38.48 20.51 5.83
CA GLN K 9 38.53 19.41 4.88
C GLN K 9 39.42 18.29 5.42
N PRO K 10 39.20 17.05 4.95
CA PRO K 10 40.11 15.97 5.33
C PRO K 10 41.45 16.11 4.61
N LYS K 11 42.43 15.41 5.16
CA LYS K 11 43.67 15.23 4.43
C LYS K 11 43.40 14.40 3.18
N GLN K 12 44.23 14.54 2.17
CA GLN K 12 43.99 13.85 0.90
C GLN K 12 44.93 12.69 0.65
N ARG K 13 46.19 12.83 1.04
CA ARG K 13 47.20 11.81 0.79
C ARG K 13 47.89 11.49 2.09
N GLY K 14 48.11 10.21 2.36
CA GLY K 14 48.84 9.86 3.55
C GLY K 14 48.46 8.53 4.18
N MET K 15 47.19 8.26 4.36
CA MET K 15 46.77 7.03 5.00
C MET K 15 46.38 6.01 3.95
N ARG K 16 46.62 4.73 4.28
CA ARG K 16 46.22 3.66 3.40
C ARG K 16 44.86 3.19 3.84
N PHE K 17 44.02 2.84 2.88
CA PHE K 17 42.76 2.19 3.18
C PHE K 17 43.03 0.82 3.79
N ARG K 18 42.72 0.65 5.07
CA ARG K 18 42.88 -0.67 5.67
C ARG K 18 41.80 -1.62 5.17
N TYR K 19 42.16 -2.89 5.04
CA TYR K 19 41.17 -3.88 4.65
C TYR K 19 40.43 -4.44 5.86
N LYS K 20 39.33 -5.14 5.54
CA LYS K 20 38.53 -5.77 6.57
C LYS K 20 39.33 -6.85 7.30
N CYS K 21 40.15 -7.63 6.57
CA CYS K 21 40.97 -8.64 7.25
C CYS K 21 42.04 -8.00 8.15
N GLU K 22 42.50 -6.81 7.81
CA GLU K 22 43.42 -6.13 8.71
C GLU K 22 42.75 -5.66 9.99
N GLY K 23 41.45 -5.90 10.14
CA GLY K 23 40.77 -5.74 11.41
C GLY K 23 40.92 -4.31 11.92
N ARG K 24 40.94 -4.21 13.25
CA ARG K 24 41.27 -2.97 13.96
C ARG K 24 40.37 -1.86 13.41
N SER K 25 40.91 -0.66 13.35
CA SER K 25 40.25 0.46 12.72
C SER K 25 41.24 1.07 11.74
N ALA K 26 40.70 1.73 10.71
CA ALA K 26 41.59 2.38 9.74
C ALA K 26 42.14 3.69 10.29
N GLY K 27 42.69 3.66 11.50
CA GLY K 27 43.16 4.88 12.15
C GLY K 27 42.02 5.84 12.32
N SER K 28 42.21 7.06 11.82
CA SER K 28 41.20 8.13 11.91
C SER K 28 41.59 9.21 10.90
N ILE K 29 40.69 9.53 9.98
CA ILE K 29 40.99 10.47 8.89
C ILE K 29 41.43 11.81 9.47
N PRO K 30 42.60 12.32 9.07
CA PRO K 30 43.10 13.58 9.64
C PRO K 30 42.56 14.79 8.91
N GLY K 31 42.57 15.91 9.61
CA GLY K 31 42.26 17.17 8.98
C GLY K 31 43.36 17.61 8.03
N GLU K 32 42.96 18.41 7.04
CA GLU K 32 43.87 18.88 6.00
C GLU K 32 45.08 19.57 6.60
N ARG K 33 44.85 20.35 7.66
CA ARG K 33 45.87 21.21 8.27
C ARG K 33 46.54 20.55 9.47
N SER K 34 46.55 19.23 9.51
CA SER K 34 47.17 18.51 10.60
C SER K 34 48.70 18.65 10.58
N THR K 35 49.30 18.50 11.75
CA THR K 35 50.75 18.39 11.92
C THR K 35 51.01 17.43 13.07
N ASP K 36 52.27 17.34 13.48
CA ASP K 36 52.63 16.48 14.60
C ASP K 36 52.33 17.15 15.93
N THR K 37 52.41 18.48 15.95
CA THR K 37 52.07 19.22 17.16
C THR K 37 50.60 19.00 17.51
N THR K 38 49.69 19.28 16.58
CA THR K 38 48.25 19.14 16.82
C THR K 38 47.61 18.45 15.64
N LYS K 39 46.74 17.46 15.91
CA LYS K 39 46.03 16.75 14.85
C LYS K 39 44.57 17.19 14.78
N THR K 40 44.18 17.66 13.58
CA THR K 40 42.86 18.17 13.26
C THR K 40 41.95 17.09 12.67
N HIS K 41 40.65 17.36 12.68
CA HIS K 41 39.65 16.40 12.22
C HIS K 41 38.70 17.05 11.22
N PRO K 42 38.20 16.25 10.26
CA PRO K 42 37.16 16.76 9.35
C PRO K 42 36.01 17.38 10.11
N THR K 43 35.78 18.67 9.90
CA THR K 43 34.76 19.37 10.67
C THR K 43 33.87 20.19 9.77
N ILE K 44 32.58 20.25 10.13
CA ILE K 44 31.60 21.04 9.39
C ILE K 44 30.79 21.91 10.34
N LYS K 45 30.05 22.85 9.74
CA LYS K 45 29.04 23.65 10.41
C LYS K 45 27.79 23.71 9.54
N ILE K 46 26.66 23.86 10.21
CA ILE K 46 25.37 23.99 9.54
C ILE K 46 25.06 25.48 9.49
N ASN K 47 25.45 26.10 8.37
CA ASN K 47 25.26 27.52 8.13
C ASN K 47 23.84 27.93 8.47
N GLY K 48 23.70 28.97 9.28
CA GLY K 48 22.41 29.58 9.51
C GLY K 48 21.35 28.67 10.10
N TYR K 49 21.64 28.04 11.23
CA TYR K 49 20.66 27.18 11.91
C TYR K 49 21.19 26.82 13.28
N THR K 50 20.28 26.72 14.24
CA THR K 50 20.60 26.15 15.55
C THR K 50 19.43 25.28 16.00
N GLY K 51 19.74 24.10 16.50
CA GLY K 51 18.73 23.14 16.86
C GLY K 51 19.16 21.71 16.61
N PRO K 52 18.23 20.77 16.75
CA PRO K 52 18.55 19.34 16.59
C PRO K 52 18.58 18.92 15.12
N GLY K 53 18.97 17.67 14.91
CA GLY K 53 19.02 17.07 13.58
C GLY K 53 19.86 15.79 13.63
N THR K 54 20.29 15.34 12.45
CA THR K 54 21.18 14.18 12.38
C THR K 54 22.11 14.34 11.18
N VAL K 55 23.38 13.95 11.34
CA VAL K 55 24.35 13.97 10.26
C VAL K 55 24.74 12.54 9.91
N ARG K 56 24.67 12.22 8.62
CA ARG K 56 25.07 10.94 8.07
C ARG K 56 26.17 11.13 7.03
N ILE K 57 27.30 10.43 7.21
CA ILE K 57 28.43 10.55 6.31
C ILE K 57 28.60 9.23 5.56
N SER K 58 28.74 9.31 4.24
CA SER K 58 29.02 8.10 3.48
C SER K 58 30.01 8.44 2.37
N LEU K 59 30.74 7.43 1.89
CA LEU K 59 31.72 7.62 0.82
C LEU K 59 31.09 7.59 -0.56
N VAL K 60 31.53 8.51 -1.42
CA VAL K 60 31.07 8.60 -2.80
C VAL K 60 32.25 8.79 -3.76
N THR K 61 32.00 8.49 -5.03
CA THR K 61 33.00 8.56 -6.09
C THR K 61 33.47 9.99 -6.29
N LYS K 62 34.65 10.12 -6.90
CA LYS K 62 35.27 11.42 -7.12
C LYS K 62 34.61 12.19 -8.26
N ASP K 63 34.15 11.50 -9.29
CA ASP K 63 33.86 12.10 -10.59
C ASP K 63 32.48 12.76 -10.61
N PRO K 64 32.19 13.60 -11.61
CA PRO K 64 30.99 14.47 -11.56
C PRO K 64 29.75 13.76 -11.06
N PRO K 65 29.22 12.69 -11.73
CA PRO K 65 28.07 12.00 -11.11
C PRO K 65 28.55 11.32 -9.83
N HIS K 66 28.10 11.77 -8.65
CA HIS K 66 28.67 11.28 -7.39
C HIS K 66 27.91 10.04 -6.92
N ARG K 67 28.29 8.90 -7.55
CA ARG K 67 27.76 7.60 -7.21
C ARG K 67 28.18 7.15 -5.82
N PRO K 68 27.38 6.30 -5.16
CA PRO K 68 27.84 5.71 -3.89
C PRO K 68 29.05 4.82 -4.13
N HIS K 69 29.96 4.82 -3.16
CA HIS K 69 31.22 4.14 -3.33
C HIS K 69 31.22 2.81 -2.57
N PRO K 70 31.88 1.80 -3.12
CA PRO K 70 32.04 0.54 -2.39
C PRO K 70 32.68 0.65 -1.01
N HIS K 71 33.78 1.38 -0.86
CA HIS K 71 34.42 1.40 0.46
C HIS K 71 33.46 1.95 1.51
N GLU K 72 33.82 1.75 2.78
CA GLU K 72 32.86 2.04 3.83
C GLU K 72 33.59 2.48 5.09
N LEU K 73 32.95 3.35 5.84
CA LEU K 73 33.50 3.93 7.06
C LEU K 73 33.17 3.09 8.28
N VAL K 74 34.07 3.13 9.26
CA VAL K 74 33.86 2.44 10.53
C VAL K 74 34.53 3.23 11.64
N GLY K 75 33.91 3.20 12.82
CA GLY K 75 34.34 3.91 14.01
C GLY K 75 33.12 4.35 14.81
N LYS K 76 33.34 5.27 15.76
CA LYS K 76 32.24 5.69 16.64
C LYS K 76 31.06 6.15 15.79
N ASP K 77 29.86 5.71 16.19
CA ASP K 77 28.61 6.03 15.50
C ASP K 77 28.56 5.53 14.06
N CYS K 78 29.37 4.53 13.72
CA CYS K 78 29.35 3.93 12.40
C CYS K 78 28.72 2.54 12.45
N ARG K 79 27.91 2.24 11.44
CA ARG K 79 27.28 0.95 11.32
C ARG K 79 26.92 0.78 9.85
N ASP K 80 26.92 -0.47 9.38
CA ASP K 80 26.54 -0.80 8.02
C ASP K 80 27.35 -0.06 6.96
N GLY K 81 28.52 0.47 7.31
CA GLY K 81 29.38 1.13 6.35
C GLY K 81 29.24 2.64 6.23
N TYR K 82 28.43 3.27 7.07
CA TYR K 82 28.33 4.71 7.06
C TYR K 82 28.33 5.26 8.48
N TYR K 83 28.42 6.59 8.58
CA TYR K 83 28.31 7.30 9.85
C TYR K 83 26.93 7.95 9.87
N GLU K 84 26.21 7.81 10.99
CA GLU K 84 24.91 8.48 11.11
C GLU K 84 24.54 8.76 12.56
N ALA K 85 24.03 9.98 12.78
CA ALA K 85 23.20 10.43 13.90
C ALA K 85 23.99 11.19 14.95
N GLU K 86 23.27 11.70 15.97
CA GLU K 86 23.72 12.41 17.17
C GLU K 86 23.52 13.91 17.00
N PHE K 87 24.60 14.67 17.24
CA PHE K 87 24.71 16.13 17.35
C PHE K 87 23.39 16.87 17.20
N GLY K 88 22.66 16.97 18.31
CA GLY K 88 21.38 17.64 18.37
C GLY K 88 21.42 19.02 19.00
N PRO K 89 21.75 19.10 20.30
CA PRO K 89 21.54 20.37 21.02
C PRO K 89 22.41 21.53 20.52
N GLU K 90 23.57 21.71 21.15
CA GLU K 90 24.58 22.66 20.73
C GLU K 90 25.83 21.90 20.29
N ARG K 91 26.95 22.05 21.00
CA ARG K 91 28.21 21.46 20.60
C ARG K 91 28.46 21.77 19.12
N ARG K 92 28.44 23.07 18.85
CA ARG K 92 28.22 23.61 17.52
C ARG K 92 29.34 23.29 16.52
N PRO K 93 30.60 23.17 16.92
CA PRO K 93 31.57 22.59 15.98
C PRO K 93 31.17 21.15 15.75
N LEU K 94 30.96 20.78 14.49
CA LEU K 94 30.47 19.44 14.18
C LEU K 94 31.60 18.64 13.57
N PHE K 95 32.43 18.04 14.42
CA PHE K 95 33.61 17.38 13.90
C PHE K 95 33.52 15.87 14.04
N PHE K 96 34.28 15.18 13.19
CA PHE K 96 34.24 13.74 13.04
C PHE K 96 35.66 13.20 13.17
N GLN K 97 36.09 12.88 14.39
CA GLN K 97 37.46 12.44 14.62
C GLN K 97 37.62 10.93 14.52
N ASN K 98 36.54 10.18 14.69
CA ASN K 98 36.57 8.74 14.88
C ASN K 98 36.44 7.96 13.57
N LEU K 99 36.77 8.58 12.44
CA LEU K 99 36.45 8.04 11.11
C LEU K 99 37.54 7.13 10.58
N GLY K 100 37.14 6.06 9.90
CA GLY K 100 38.11 5.15 9.33
C GLY K 100 37.65 4.55 8.02
N ILE K 101 38.47 4.59 6.97
CA ILE K 101 38.09 4.06 5.67
C ILE K 101 38.49 2.58 5.62
N ARG K 102 37.50 1.69 5.51
CA ARG K 102 37.71 0.26 5.26
C ARG K 102 37.39 -0.03 3.80
N CYS K 103 38.35 -0.55 3.05
CA CYS K 103 38.15 -0.90 1.65
C CYS K 103 37.68 -2.35 1.51
N VAL K 104 36.84 -2.58 0.51
CA VAL K 104 36.28 -3.91 0.27
C VAL K 104 37.06 -4.57 -0.84
N LYS K 105 37.14 -5.89 -0.82
CA LYS K 105 37.79 -6.62 -1.89
C LYS K 105 37.12 -6.32 -3.24
N LYS K 106 37.92 -6.43 -4.31
CA LYS K 106 37.43 -6.13 -5.66
C LYS K 106 36.25 -7.00 -6.02
N LYS K 107 36.24 -8.26 -5.53
CA LYS K 107 35.12 -9.17 -5.80
C LYS K 107 33.83 -8.66 -5.18
N GLU K 108 33.91 -8.20 -3.92
CA GLU K 108 32.73 -7.78 -3.15
C GLU K 108 32.36 -6.31 -3.39
N VAL K 109 32.71 -5.75 -4.54
CA VAL K 109 32.31 -4.36 -4.78
C VAL K 109 30.82 -4.29 -5.00
N LYS K 110 30.30 -5.09 -5.93
CA LYS K 110 28.87 -5.11 -6.24
C LYS K 110 28.04 -5.32 -4.97
N GLU K 111 28.36 -6.39 -4.22
CA GLU K 111 27.62 -6.69 -3.01
C GLU K 111 27.59 -5.50 -2.04
N ALA K 112 28.58 -4.60 -2.10
CA ALA K 112 28.57 -3.44 -1.21
C ALA K 112 27.69 -2.32 -1.74
N ILE K 113 27.83 -2.00 -3.02
CA ILE K 113 27.04 -0.92 -3.60
C ILE K 113 25.57 -1.24 -3.44
N ILE K 114 25.18 -2.47 -3.82
CA ILE K 114 23.82 -2.93 -3.64
C ILE K 114 23.42 -2.84 -2.17
N LEU K 115 24.31 -3.27 -1.26
CA LEU K 115 23.98 -3.16 0.16
C LEU K 115 23.87 -1.72 0.60
N ARG K 116 24.58 -0.82 -0.06
CA ARG K 116 24.45 0.58 0.33
C ARG K 116 23.11 1.14 -0.14
N ILE K 117 22.83 1.05 -1.44
CA ILE K 117 21.60 1.62 -1.99
C ILE K 117 20.36 0.87 -1.52
N SER K 118 20.51 -0.36 -0.98
CA SER K 118 19.37 -1.00 -0.32
C SER K 118 18.97 -0.23 0.94
N ALA K 119 19.94 0.28 1.69
CA ALA K 119 19.71 1.15 2.84
C ALA K 119 19.31 2.50 2.45
N GLY K 120 19.09 2.70 1.15
CA GLY K 120 18.59 3.96 0.66
C GLY K 120 19.55 5.12 0.71
N ILE K 121 20.85 4.87 0.59
CA ILE K 121 21.87 5.90 0.54
C ILE K 121 22.21 6.07 -0.94
N ASN K 122 21.71 7.12 -1.56
CA ASN K 122 22.13 7.52 -2.89
C ASN K 122 22.12 9.05 -2.92
N PRO K 123 23.05 9.68 -2.19
CA PRO K 123 22.97 11.12 -1.93
C PRO K 123 22.62 11.95 -3.16
N PHE K 124 23.21 11.62 -4.31
CA PHE K 124 23.01 12.36 -5.54
C PHE K 124 22.09 11.63 -6.51
N ASN K 125 21.17 10.83 -5.98
CA ASN K 125 20.17 10.08 -6.74
C ASN K 125 20.62 9.76 -8.16
N VAL K 126 21.65 8.94 -8.30
CA VAL K 126 22.15 8.55 -9.63
C VAL K 126 21.24 7.46 -10.17
N PRO K 127 20.96 7.40 -11.48
CA PRO K 127 20.14 6.31 -12.02
C PRO K 127 20.71 4.94 -11.70
N GLU K 128 19.83 3.93 -11.78
CA GLU K 128 20.28 2.57 -11.58
C GLU K 128 21.20 2.11 -12.71
N GLN K 129 20.97 2.59 -13.93
CA GLN K 129 21.74 2.17 -15.10
C GLN K 129 23.24 2.52 -14.99
N GLN K 130 23.61 3.48 -14.14
CA GLN K 130 25.02 3.82 -13.95
C GLN K 130 25.64 3.18 -12.73
N LEU K 131 24.85 2.91 -11.69
CA LEU K 131 25.39 2.20 -10.53
C LEU K 131 25.84 0.82 -10.92
N LEU K 132 25.22 0.26 -11.97
CA LEU K 132 25.55 -1.03 -12.56
C LEU K 132 27.01 -1.10 -13.00
N ASP K 133 27.71 0.02 -13.02
CA ASP K 133 29.09 0.08 -13.42
C ASP K 133 29.97 0.27 -12.16
N ILE K 134 30.92 1.22 -12.14
CA ILE K 134 31.68 1.76 -10.99
C ILE K 134 33.04 1.06 -10.86
N GLU K 135 33.23 -0.06 -11.55
CA GLU K 135 34.49 -0.80 -11.48
C GLU K 135 35.57 -0.06 -12.31
N ASP K 136 36.62 0.40 -11.61
CA ASP K 136 37.72 1.18 -12.18
C ASP K 136 38.74 1.64 -11.13
N CYS K 137 39.43 2.75 -11.43
CA CYS K 137 40.35 3.47 -10.53
C CYS K 137 39.63 4.19 -9.40
N ASP K 138 38.30 4.21 -9.40
CA ASP K 138 37.59 4.83 -8.28
C ASP K 138 37.69 4.01 -7.00
N LEU K 139 38.43 2.90 -7.00
CA LEU K 139 38.68 2.17 -5.77
C LEU K 139 39.80 2.78 -4.95
N ASN K 140 40.62 3.64 -5.53
CA ASN K 140 41.69 4.29 -4.79
C ASN K 140 41.32 5.70 -4.32
N VAL K 141 40.25 6.28 -4.82
CA VAL K 141 39.86 7.65 -4.44
C VAL K 141 38.41 7.66 -3.96
N VAL K 142 38.20 8.22 -2.77
CA VAL K 142 36.86 8.38 -2.20
C VAL K 142 36.66 9.83 -1.82
N ARG K 143 35.40 10.17 -1.54
CA ARG K 143 34.98 11.49 -1.08
C ARG K 143 33.99 11.28 0.06
N LEU K 144 34.13 12.10 1.10
CA LEU K 144 33.13 12.15 2.16
C LEU K 144 31.89 12.85 1.66
N CYS K 145 30.70 12.31 1.94
CA CYS K 145 29.44 12.94 1.56
C CYS K 145 28.62 13.17 2.83
N PHE K 146 28.40 14.45 3.18
CA PHE K 146 27.67 14.87 4.37
C PHE K 146 26.21 15.15 4.04
N GLN K 147 25.31 14.31 4.57
CA GLN K 147 23.86 14.49 4.49
C GLN K 147 23.34 14.88 5.86
N VAL K 148 22.79 16.09 5.96
CA VAL K 148 22.27 16.63 7.20
C VAL K 148 20.77 16.65 7.09
N PHE K 149 20.10 16.12 8.12
CA PHE K 149 18.65 16.05 8.17
C PHE K 149 18.15 16.90 9.33
N LEU K 150 17.21 17.80 9.04
CA LEU K 150 16.74 18.73 10.04
C LEU K 150 15.32 18.39 10.51
N PRO K 151 14.96 18.77 11.74
CA PRO K 151 13.65 18.37 12.30
C PRO K 151 12.50 18.93 11.48
N ASP K 152 11.36 18.26 11.56
CA ASP K 152 10.26 18.71 10.72
C ASP K 152 8.95 18.23 11.34
N GLU K 153 7.87 18.93 10.98
CA GLU K 153 6.49 18.77 11.44
C GLU K 153 6.30 17.71 12.51
N HIS K 154 6.10 18.15 13.76
CA HIS K 154 5.91 17.34 14.96
C HIS K 154 7.22 16.70 15.43
N GLY K 155 8.36 17.05 14.83
CA GLY K 155 9.68 16.77 15.39
C GLY K 155 10.43 15.56 14.85
N ASN K 156 10.57 15.45 13.53
CA ASN K 156 11.22 14.30 12.91
C ASN K 156 12.31 14.76 11.96
N PHE K 157 13.56 14.37 12.27
CA PHE K 157 14.76 14.73 11.52
C PHE K 157 14.76 14.21 10.10
N THR K 158 13.99 14.85 9.21
CA THR K 158 13.80 14.39 7.85
C THR K 158 13.98 15.45 6.77
N THR K 159 14.09 16.73 7.12
CA THR K 159 14.05 17.80 6.12
C THR K 159 15.08 17.61 5.01
N ALA K 160 16.35 17.39 5.36
CA ALA K 160 17.43 17.16 4.41
C ALA K 160 17.88 18.41 3.67
N LEU K 161 19.02 18.95 4.06
CA LEU K 161 19.70 19.98 3.30
C LEU K 161 20.43 19.32 2.12
N PRO K 162 20.87 20.12 1.14
CA PRO K 162 21.62 19.57 0.02
C PRO K 162 22.88 18.87 0.49
N PRO K 163 23.20 17.73 -0.13
CA PRO K 163 24.42 16.99 0.20
C PRO K 163 25.68 17.64 -0.37
N ILE K 164 26.76 17.64 0.41
CA ILE K 164 28.03 18.18 -0.07
C ILE K 164 29.13 17.12 0.09
N VAL K 165 30.11 17.17 -0.83
CA VAL K 165 31.24 16.26 -0.83
C VAL K 165 32.46 17.01 -0.34
N SER K 166 33.39 16.28 0.27
CA SER K 166 34.67 16.85 0.64
C SER K 166 35.67 16.67 -0.50
N ASN K 167 36.89 17.15 -0.27
CA ASN K 167 38.00 16.89 -1.18
C ASN K 167 38.28 15.39 -1.21
N PRO K 168 38.80 14.85 -2.31
CA PRO K 168 39.07 13.41 -2.38
C PRO K 168 40.14 12.94 -1.41
N ILE K 169 39.95 11.74 -0.88
CA ILE K 169 40.93 11.06 -0.04
C ILE K 169 41.53 9.93 -0.85
N TYR K 170 42.86 9.84 -0.85
CA TYR K 170 43.59 8.93 -1.71
C TYR K 170 44.21 7.82 -0.88
N ASP K 171 44.17 6.61 -1.42
CA ASP K 171 44.77 5.44 -0.76
C ASP K 171 46.29 5.54 -0.85
N ASN K 172 46.94 5.62 0.30
CA ASN K 172 48.40 5.75 0.21
C ASN K 172 49.08 4.48 -0.25
N ARG K 173 48.38 3.35 -0.25
CA ARG K 173 48.92 2.04 -0.60
C ARG K 173 48.89 1.77 -2.09
N ALA K 174 47.94 2.36 -2.81
CA ALA K 174 47.84 2.14 -4.24
C ALA K 174 48.98 2.86 -4.97
N PRO K 175 49.68 2.18 -5.89
CA PRO K 175 50.86 2.81 -6.50
C PRO K 175 50.57 4.12 -7.23
N ASN K 176 49.42 4.26 -7.88
CA ASN K 176 49.12 5.46 -8.67
C ASN K 176 48.57 6.61 -7.85
N THR K 177 48.11 6.35 -6.64
CA THR K 177 47.64 7.41 -5.77
C THR K 177 48.56 7.59 -4.57
N ALA K 178 49.65 6.84 -4.53
CA ALA K 178 50.55 6.89 -3.38
C ALA K 178 51.23 8.26 -3.28
N GLU K 179 51.65 8.57 -2.08
CA GLU K 179 52.40 9.79 -1.81
C GLU K 179 53.82 9.60 -2.37
N LEU K 180 54.31 10.59 -3.15
CA LEU K 180 55.64 10.54 -3.79
C LEU K 180 56.74 10.93 -2.80
N LYS K 181 57.84 10.18 -2.81
CA LYS K 181 58.85 10.39 -1.78
C LYS K 181 60.22 9.99 -2.29
N ILE K 182 61.18 10.90 -2.22
CA ILE K 182 62.59 10.60 -2.49
C ILE K 182 63.25 10.18 -1.18
N CYS K 183 63.74 8.94 -1.14
CA CYS K 183 64.29 8.42 0.11
C CYS K 183 65.77 8.69 0.23
N ARG K 184 66.53 8.58 -0.86
CA ARG K 184 67.96 8.80 -0.76
C ARG K 184 68.55 8.85 -2.16
N VAL K 185 69.64 9.62 -2.33
CA VAL K 185 70.19 9.77 -3.68
C VAL K 185 71.68 9.57 -3.70
N ASN K 186 72.15 9.17 -4.90
CA ASN K 186 73.55 8.89 -5.19
C ASN K 186 74.46 10.06 -4.84
N ARG K 187 74.08 11.25 -5.28
CA ARG K 187 74.84 12.48 -5.15
C ARG K 187 73.93 13.60 -5.61
N ASN K 188 74.09 14.78 -5.02
CA ASN K 188 73.19 15.91 -5.24
C ASN K 188 73.96 17.12 -5.72
N SER K 189 74.80 16.92 -6.73
CA SER K 189 75.57 17.98 -7.38
C SER K 189 76.16 17.45 -8.69
N GLY K 190 76.16 18.28 -9.71
CA GLY K 190 76.67 17.85 -10.99
C GLY K 190 77.07 19.00 -11.88
N SER K 191 77.66 18.63 -13.01
CA SER K 191 78.03 19.60 -14.02
C SER K 191 76.79 20.29 -14.56
N CYS K 192 76.91 21.60 -14.79
CA CYS K 192 75.81 22.32 -15.44
C CYS K 192 75.53 21.80 -16.84
N LEU K 193 76.47 21.06 -17.43
CA LEU K 193 76.26 20.48 -18.75
C LEU K 193 75.29 19.31 -18.68
N GLY K 194 75.19 18.67 -17.51
CA GLY K 194 74.32 17.52 -17.24
C GLY K 194 74.96 16.17 -17.55
N GLY K 195 74.10 15.14 -17.64
CA GLY K 195 74.54 13.78 -17.91
C GLY K 195 75.19 13.01 -16.78
N ASP K 196 75.19 13.52 -15.55
CA ASP K 196 75.75 12.77 -14.42
C ASP K 196 74.74 11.71 -13.98
N GLU K 197 75.19 10.46 -13.88
CA GLU K 197 74.27 9.37 -13.55
C GLU K 197 73.89 9.41 -12.08
N ILE K 198 72.58 9.39 -11.79
CA ILE K 198 72.03 9.50 -10.44
C ILE K 198 71.23 8.23 -10.14
N PHE K 199 71.47 7.66 -8.96
CA PHE K 199 70.69 6.55 -8.42
C PHE K 199 69.75 7.11 -7.38
N LEU K 200 68.46 7.13 -7.65
CA LEU K 200 67.47 7.69 -6.75
C LEU K 200 66.64 6.55 -6.14
N LEU K 201 66.71 6.42 -4.82
CA LEU K 201 65.89 5.48 -4.07
C LEU K 201 64.63 6.20 -3.58
N CYS K 202 63.47 5.59 -3.84
CA CYS K 202 62.15 6.21 -3.64
C CYS K 202 61.12 5.17 -3.19
N ASP K 203 59.93 5.67 -2.81
CA ASP K 203 58.73 4.87 -2.58
C ASP K 203 58.06 4.47 -3.88
N LYS K 204 57.37 3.32 -3.82
CA LYS K 204 56.72 2.70 -4.96
C LYS K 204 56.13 3.71 -5.94
N VAL K 205 56.66 3.74 -7.15
CA VAL K 205 56.12 4.56 -8.22
C VAL K 205 55.75 3.59 -9.33
N GLN K 206 55.18 4.08 -10.42
CA GLN K 206 54.89 3.28 -11.60
C GLN K 206 55.77 3.75 -12.75
N LYS K 207 56.62 2.85 -13.26
CA LYS K 207 57.58 3.19 -14.31
C LYS K 207 56.95 3.89 -15.51
N GLU K 208 55.70 3.61 -15.81
CA GLU K 208 55.04 4.19 -16.97
C GLU K 208 54.44 5.55 -16.67
N ASP K 209 54.68 6.09 -15.47
CA ASP K 209 54.01 7.31 -15.04
C ASP K 209 54.83 8.02 -13.96
N ILE K 210 56.08 8.31 -14.26
CA ILE K 210 56.97 8.97 -13.31
C ILE K 210 58.05 9.72 -14.06
N GLU K 211 58.36 10.94 -13.60
CA GLU K 211 59.50 11.69 -14.09
C GLU K 211 60.25 12.35 -12.93
N VAL K 212 61.52 12.67 -13.17
CA VAL K 212 62.34 13.41 -12.22
C VAL K 212 62.38 14.86 -12.72
N TYR K 213 61.82 15.77 -11.93
CA TYR K 213 61.47 17.12 -12.33
C TYR K 213 62.43 18.05 -11.62
N PHE K 214 63.32 18.68 -12.39
CA PHE K 214 64.20 19.74 -11.91
C PHE K 214 63.56 21.08 -12.16
N THR K 215 63.61 21.97 -11.17
CA THR K 215 63.07 23.31 -11.33
C THR K 215 63.94 24.37 -10.66
N GLY K 216 63.85 25.57 -11.20
CA GLY K 216 64.41 26.75 -10.60
C GLY K 216 63.61 27.96 -11.03
N PRO K 217 63.89 29.14 -10.44
CA PRO K 217 63.20 30.36 -10.84
C PRO K 217 63.14 30.48 -12.35
N GLY K 218 61.95 30.28 -12.90
CA GLY K 218 61.76 30.29 -14.34
C GLY K 218 62.66 29.33 -15.10
N TRP K 219 62.63 28.05 -14.71
CA TRP K 219 63.34 26.99 -15.42
C TRP K 219 62.79 25.65 -15.00
N GLU K 220 62.61 24.75 -15.96
CA GLU K 220 62.22 23.39 -15.69
C GLU K 220 62.89 22.45 -16.67
N ALA K 221 63.15 21.24 -16.19
CA ALA K 221 63.73 20.20 -17.02
C ALA K 221 63.40 18.86 -16.40
N ARG K 222 63.31 17.84 -17.24
CA ARG K 222 62.98 16.52 -16.75
C ARG K 222 64.24 15.69 -16.53
N GLY K 223 64.02 14.51 -15.95
CA GLY K 223 65.06 13.58 -15.56
C GLY K 223 65.91 13.18 -16.73
N SER K 224 65.48 12.14 -17.46
CA SER K 224 66.10 11.50 -18.63
C SER K 224 66.43 10.04 -18.28
N PHE K 225 65.49 9.16 -18.60
CA PHE K 225 65.65 7.72 -18.39
C PHE K 225 64.58 6.98 -19.17
N SER K 226 64.71 5.65 -19.18
CA SER K 226 63.67 4.85 -19.81
C SER K 226 62.95 4.11 -18.70
N GLN K 227 61.81 3.48 -19.03
CA GLN K 227 61.16 2.65 -18.02
C GLN K 227 62.08 1.52 -17.54
N ALA K 228 62.87 0.93 -18.45
CA ALA K 228 63.74 -0.19 -18.10
C ALA K 228 64.74 0.17 -17.02
N ASP K 229 64.94 1.46 -16.80
CA ASP K 229 65.82 1.97 -15.75
C ASP K 229 65.12 2.11 -14.41
N VAL K 230 63.84 1.75 -14.31
CA VAL K 230 63.11 1.94 -13.06
C VAL K 230 63.04 0.58 -12.37
N HIS K 231 63.98 0.39 -11.45
CA HIS K 231 64.18 -0.90 -10.84
C HIS K 231 63.11 -1.18 -9.82
N ARG K 232 62.29 -2.19 -10.12
CA ARG K 232 61.38 -2.78 -9.12
C ARG K 232 60.59 -1.69 -8.40
N GLN K 233 60.24 -0.64 -9.15
CA GLN K 233 59.32 0.42 -8.73
C GLN K 233 59.86 1.32 -7.62
N VAL K 234 61.08 1.10 -7.14
CA VAL K 234 61.55 1.85 -5.98
C VAL K 234 62.95 2.40 -6.18
N ALA K 235 63.43 2.42 -7.42
CA ALA K 235 64.75 2.98 -7.73
C ALA K 235 64.77 3.48 -9.17
N ILE K 236 65.22 4.71 -9.35
CA ILE K 236 65.33 5.33 -10.66
C ILE K 236 66.80 5.65 -10.91
N VAL K 237 67.33 5.17 -12.01
CA VAL K 237 68.67 5.51 -12.44
C VAL K 237 68.53 6.39 -13.68
N PHE K 238 68.83 7.69 -13.51
CA PHE K 238 68.65 8.66 -14.58
C PHE K 238 69.90 9.51 -14.72
N ARG K 239 69.92 10.30 -15.79
CA ARG K 239 71.00 11.23 -16.06
C ARG K 239 70.44 12.63 -15.91
N THR K 240 71.17 13.50 -15.19
CA THR K 240 70.69 14.83 -14.95
C THR K 240 70.59 15.57 -16.27
N PRO K 241 69.63 16.49 -16.39
CA PRO K 241 69.46 17.27 -17.62
C PRO K 241 70.39 18.46 -17.65
N PRO K 242 70.66 19.03 -18.83
CA PRO K 242 71.48 20.24 -18.90
C PRO K 242 70.77 21.39 -18.20
N TYR K 243 71.56 22.20 -17.50
CA TYR K 243 71.01 23.39 -16.86
C TYR K 243 70.77 24.49 -17.91
N ALA K 244 69.96 25.48 -17.52
CA ALA K 244 69.67 26.61 -18.40
C ALA K 244 70.94 27.28 -18.90
N ASP K 245 71.92 27.46 -18.01
CA ASP K 245 73.19 28.14 -18.24
C ASP K 245 74.34 27.15 -18.38
N PRO K 246 74.80 26.83 -19.60
CA PRO K 246 75.99 25.97 -19.72
C PRO K 246 77.29 26.68 -19.39
N SER K 247 77.26 27.94 -19.00
CA SER K 247 78.48 28.69 -18.70
C SER K 247 78.51 29.10 -17.25
N LEU K 248 78.13 28.17 -16.37
CA LEU K 248 78.12 28.47 -14.96
C LEU K 248 79.52 28.87 -14.50
N GLN K 249 79.58 29.97 -13.77
CA GLN K 249 80.84 30.36 -13.16
C GLN K 249 80.87 30.07 -11.68
N ALA K 250 79.70 30.01 -11.05
CA ALA K 250 79.49 29.69 -9.66
C ALA K 250 78.32 28.71 -9.52
N PRO K 251 78.26 27.93 -8.44
CA PRO K 251 77.17 26.95 -8.28
C PRO K 251 75.79 27.60 -8.13
N VAL K 252 74.80 26.95 -8.74
CA VAL K 252 73.38 27.33 -8.69
C VAL K 252 72.59 26.22 -8.03
N ARG K 253 71.84 26.53 -6.98
CA ARG K 253 70.99 25.51 -6.37
C ARG K 253 69.60 25.56 -7.00
N VAL K 254 69.13 24.38 -7.43
CA VAL K 254 67.80 24.11 -7.97
C VAL K 254 67.15 23.04 -7.10
N SER K 255 65.89 22.73 -7.37
CA SER K 255 65.13 21.75 -6.59
C SER K 255 64.70 20.58 -7.49
N MET K 256 65.07 19.36 -7.08
CA MET K 256 64.75 18.12 -7.77
C MET K 256 63.61 17.41 -7.04
N GLN K 257 62.65 16.88 -7.79
CA GLN K 257 61.56 16.22 -7.10
C GLN K 257 60.88 15.25 -8.05
N LEU K 258 60.32 14.18 -7.49
CA LEU K 258 59.51 13.26 -8.27
C LEU K 258 58.19 13.90 -8.69
N ARG K 259 57.76 13.65 -9.92
CA ARG K 259 56.48 14.16 -10.43
C ARG K 259 55.73 13.07 -11.18
N ARG K 260 54.43 12.91 -10.86
CA ARG K 260 53.56 11.95 -11.52
C ARG K 260 52.69 12.67 -12.54
N PRO K 261 52.94 12.49 -13.83
CA PRO K 261 52.13 13.22 -14.83
C PRO K 261 50.63 13.02 -14.70
N SER K 262 50.16 11.82 -14.38
CA SER K 262 48.73 11.56 -14.36
C SER K 262 47.98 12.59 -13.53
N ASP K 263 48.38 12.79 -12.27
CA ASP K 263 47.71 13.78 -11.42
C ASP K 263 48.62 14.95 -11.02
N ARG K 264 49.64 15.24 -11.83
CA ARG K 264 50.58 16.32 -11.58
C ARG K 264 51.04 16.44 -10.13
N GLU K 265 51.17 15.33 -9.42
CA GLU K 265 51.57 15.34 -8.02
C GLU K 265 53.09 15.47 -7.91
N LEU K 266 53.55 16.04 -6.79
CA LEU K 266 54.97 16.34 -6.62
C LEU K 266 55.49 15.85 -5.27
N SER K 267 56.68 15.27 -5.26
CA SER K 267 57.32 14.89 -4.01
C SER K 267 57.91 16.12 -3.33
N GLU K 268 58.27 15.93 -2.06
CA GLU K 268 59.04 16.92 -1.34
C GLU K 268 60.30 17.21 -2.14
N PRO K 269 60.61 18.46 -2.44
CA PRO K 269 61.80 18.75 -3.23
C PRO K 269 63.07 18.45 -2.46
N MET K 270 64.10 18.08 -3.21
CA MET K 270 65.45 17.85 -2.72
C MET K 270 66.41 18.85 -3.36
N GLU K 271 67.38 19.34 -2.60
CA GLU K 271 68.28 20.36 -3.14
C GLU K 271 69.32 19.71 -4.03
N PHE K 272 69.57 20.32 -5.19
CA PHE K 272 70.62 19.87 -6.10
C PHE K 272 71.37 21.09 -6.62
N GLN K 273 72.69 21.08 -6.53
CA GLN K 273 73.47 22.26 -6.89
C GLN K 273 74.28 21.99 -8.15
N TYR K 274 73.83 22.59 -9.25
CA TYR K 274 74.59 22.58 -10.49
C TYR K 274 75.89 23.35 -10.31
N LEU K 275 76.99 22.78 -10.82
CA LEU K 275 78.33 23.29 -10.59
C LEU K 275 78.96 23.75 -11.90
N PRO K 276 79.88 24.72 -11.83
CA PRO K 276 80.59 25.18 -13.04
C PRO K 276 81.41 24.06 -13.62
N ASP K 277 81.06 23.61 -14.83
CA ASP K 277 81.75 22.47 -15.46
C ASP K 277 83.25 22.73 -15.62
N PRO L 2 67.54 -54.14 -11.91
CA PRO L 2 68.16 -52.85 -12.23
C PRO L 2 67.70 -51.70 -11.34
N TYR L 3 68.17 -50.49 -11.64
CA TYR L 3 67.88 -49.29 -10.84
C TYR L 3 67.84 -48.06 -11.73
N VAL L 4 67.45 -46.94 -11.12
CA VAL L 4 67.27 -45.69 -11.83
C VAL L 4 68.38 -44.74 -11.42
N GLU L 5 68.87 -43.96 -12.38
CA GLU L 5 69.91 -43.00 -12.09
C GLU L 5 69.61 -41.71 -12.83
N ILE L 6 69.84 -40.59 -12.18
CA ILE L 6 69.56 -39.28 -12.78
C ILE L 6 70.75 -38.83 -13.60
N ILE L 7 70.56 -38.69 -14.91
CA ILE L 7 71.66 -38.19 -15.74
C ILE L 7 71.67 -36.66 -15.76
N GLU L 8 70.52 -36.01 -15.89
CA GLU L 8 70.46 -34.55 -15.81
C GLU L 8 69.49 -34.17 -14.71
N GLN L 9 70.09 -33.80 -13.56
CA GLN L 9 69.44 -33.25 -12.39
C GLN L 9 68.70 -31.97 -12.75
N PRO L 10 67.67 -31.59 -11.99
CA PRO L 10 67.01 -30.31 -12.24
C PRO L 10 67.88 -29.15 -11.81
N LYS L 11 67.56 -27.97 -12.37
CA LYS L 11 68.06 -26.75 -11.78
C LYS L 11 67.43 -26.56 -10.42
N GLN L 12 68.16 -25.94 -9.51
CA GLN L 12 67.73 -25.85 -8.13
C GLN L 12 67.10 -24.52 -7.79
N ARG L 13 67.61 -23.44 -8.38
CA ARG L 13 67.15 -22.10 -8.10
C ARG L 13 66.81 -21.42 -9.42
N GLY L 14 65.74 -20.65 -9.44
CA GLY L 14 65.45 -19.96 -10.67
C GLY L 14 63.99 -19.73 -11.03
N MET L 15 63.18 -20.77 -10.89
CA MET L 15 61.78 -20.73 -11.30
C MET L 15 60.84 -20.48 -10.12
N ARG L 16 59.71 -19.82 -10.42
CA ARG L 16 58.68 -19.51 -9.43
C ARG L 16 57.69 -20.66 -9.36
N PHE L 17 57.32 -21.08 -8.15
CA PHE L 17 56.22 -22.03 -7.99
C PHE L 17 54.91 -21.31 -8.32
N ARG L 18 54.30 -21.65 -9.45
CA ARG L 18 53.04 -21.02 -9.83
C ARG L 18 51.91 -21.53 -8.96
N TYR L 19 50.97 -20.64 -8.68
CA TYR L 19 49.74 -20.98 -7.97
C TYR L 19 48.73 -21.56 -8.95
N LYS L 20 47.69 -22.19 -8.40
CA LYS L 20 46.58 -22.66 -9.23
C LYS L 20 45.85 -21.49 -9.88
N CYS L 21 45.74 -20.35 -9.18
CA CYS L 21 45.06 -19.19 -9.73
C CYS L 21 45.72 -18.67 -11.01
N GLU L 22 47.04 -18.84 -11.15
CA GLU L 22 47.72 -18.49 -12.39
C GLU L 22 47.44 -19.49 -13.50
N GLY L 23 46.68 -20.55 -13.20
CA GLY L 23 46.11 -21.53 -14.13
C GLY L 23 47.11 -22.39 -14.88
N ARG L 24 46.74 -22.73 -16.12
CA ARG L 24 47.56 -23.42 -17.12
C ARG L 24 48.54 -24.43 -16.55
N SER L 25 49.74 -24.52 -17.13
CA SER L 25 50.83 -25.30 -16.59
C SER L 25 51.89 -24.34 -16.04
N ALA L 26 52.61 -24.82 -15.02
CA ALA L 26 53.69 -24.06 -14.38
C ALA L 26 54.98 -24.13 -15.18
N GLY L 27 54.88 -23.83 -16.47
CA GLY L 27 56.03 -23.86 -17.36
C GLY L 27 56.65 -25.23 -17.48
N SER L 28 57.94 -25.30 -17.21
CA SER L 28 58.65 -26.55 -17.40
C SER L 28 59.96 -26.47 -16.63
N ILE L 29 60.17 -27.39 -15.70
CA ILE L 29 61.38 -27.38 -14.88
C ILE L 29 62.60 -27.53 -15.77
N PRO L 30 63.60 -26.67 -15.63
CA PRO L 30 64.80 -26.75 -16.47
C PRO L 30 65.83 -27.74 -15.97
N GLY L 31 66.68 -28.16 -16.91
CA GLY L 31 67.88 -28.91 -16.57
C GLY L 31 68.92 -28.07 -15.86
N GLU L 32 69.83 -28.77 -15.16
CA GLU L 32 70.85 -28.10 -14.36
C GLU L 32 71.76 -27.23 -15.23
N ARG L 33 72.11 -27.69 -16.44
CA ARG L 33 73.03 -26.97 -17.30
C ARG L 33 72.33 -26.29 -18.49
N SER L 34 71.04 -25.98 -18.35
CA SER L 34 70.32 -25.33 -19.44
C SER L 34 70.79 -23.88 -19.62
N THR L 35 70.74 -23.40 -20.86
CA THR L 35 71.10 -22.02 -21.24
C THR L 35 70.23 -21.60 -22.43
N ASP L 36 70.59 -20.48 -23.05
CA ASP L 36 69.87 -20.07 -24.25
C ASP L 36 70.33 -20.79 -25.50
N THR L 37 71.59 -21.23 -25.54
CA THR L 37 72.04 -22.02 -26.69
C THR L 37 71.18 -23.27 -26.85
N THR L 38 71.13 -24.11 -25.82
CA THR L 38 70.26 -25.27 -25.78
C THR L 38 69.69 -25.38 -24.38
N LYS L 39 68.42 -25.76 -24.29
CA LYS L 39 67.73 -25.92 -23.02
C LYS L 39 67.72 -27.40 -22.66
N THR L 40 68.23 -27.72 -21.48
CA THR L 40 68.19 -29.10 -21.00
C THR L 40 66.97 -29.34 -20.10
N HIS L 41 66.61 -30.61 -19.97
CA HIS L 41 65.49 -30.99 -19.13
C HIS L 41 65.88 -32.12 -18.20
N PRO L 42 65.23 -32.21 -17.03
CA PRO L 42 65.45 -33.35 -16.14
C PRO L 42 65.33 -34.67 -16.87
N THR L 43 66.43 -35.42 -16.94
CA THR L 43 66.41 -36.69 -17.66
C THR L 43 67.07 -37.79 -16.85
N ILE L 44 66.52 -39.00 -16.97
CA ILE L 44 67.00 -40.18 -16.26
C ILE L 44 67.24 -41.31 -17.23
N LYS L 45 67.96 -42.33 -16.74
CA LYS L 45 68.14 -43.60 -17.42
C LYS L 45 67.95 -44.74 -16.42
N ILE L 46 67.44 -45.88 -16.90
CA ILE L 46 67.24 -47.07 -16.07
C ILE L 46 68.44 -47.97 -16.33
N ASN L 47 69.44 -47.87 -15.45
CA ASN L 47 70.69 -48.61 -15.62
C ASN L 47 70.44 -50.10 -15.75
N GLY L 48 71.04 -50.69 -16.78
CA GLY L 48 70.99 -52.12 -16.99
C GLY L 48 69.61 -52.65 -17.25
N TYR L 49 68.90 -52.03 -18.18
CA TYR L 49 67.60 -52.52 -18.58
C TYR L 49 67.15 -51.76 -19.83
N THR L 50 66.50 -52.48 -20.72
CA THR L 50 65.86 -51.88 -21.87
C THR L 50 64.52 -52.59 -22.08
N GLY L 51 63.47 -51.81 -22.35
CA GLY L 51 62.14 -52.35 -22.47
C GLY L 51 61.06 -51.42 -21.97
N PRO L 52 59.82 -51.89 -21.91
CA PRO L 52 58.70 -51.03 -21.50
C PRO L 52 58.63 -50.92 -19.98
N GLY L 53 57.68 -50.10 -19.51
CA GLY L 53 57.55 -49.90 -18.09
C GLY L 53 56.66 -48.72 -17.78
N THR L 54 56.83 -48.20 -16.58
CA THR L 54 56.09 -47.02 -16.19
C THR L 54 56.95 -46.13 -15.29
N VAL L 55 56.91 -44.82 -15.57
CA VAL L 55 57.62 -43.82 -14.78
C VAL L 55 56.60 -42.92 -14.11
N ARG L 56 56.71 -42.79 -12.79
CA ARG L 56 55.84 -41.95 -11.96
C ARG L 56 56.71 -40.95 -11.19
N ILE L 57 56.43 -39.66 -11.32
CA ILE L 57 57.17 -38.63 -10.60
C ILE L 57 56.24 -37.93 -9.62
N SER L 58 56.71 -37.79 -8.38
CA SER L 58 55.96 -37.15 -7.30
C SER L 58 56.83 -36.13 -6.58
N LEU L 59 56.19 -35.13 -5.98
CA LEU L 59 56.93 -34.12 -5.23
C LEU L 59 57.06 -34.56 -3.77
N VAL L 60 58.29 -34.51 -3.22
CA VAL L 60 58.51 -34.94 -1.85
C VAL L 60 59.38 -33.96 -1.10
N THR L 61 59.35 -34.08 0.22
CA THR L 61 60.05 -33.21 1.16
C THR L 61 61.56 -33.24 0.91
N LYS L 62 62.23 -32.15 1.32
CA LYS L 62 63.68 -32.07 1.15
C LYS L 62 64.39 -32.96 2.15
N ASP L 63 63.87 -33.06 3.36
CA ASP L 63 64.68 -33.65 4.42
C ASP L 63 64.48 -35.16 4.49
N PRO L 64 65.39 -35.87 5.19
CA PRO L 64 65.47 -37.34 5.10
C PRO L 64 64.14 -38.08 5.08
N PRO L 65 63.21 -37.88 6.05
CA PRO L 65 62.05 -38.79 6.06
C PRO L 65 61.31 -38.81 4.73
N HIS L 66 61.55 -37.82 3.87
CA HIS L 66 60.94 -37.70 2.54
C HIS L 66 59.47 -38.07 2.51
N ARG L 67 58.66 -37.24 3.17
CA ARG L 67 57.22 -37.33 3.08
C ARG L 67 56.74 -36.79 1.72
N PRO L 68 55.58 -37.21 1.24
CA PRO L 68 55.03 -36.56 0.04
C PRO L 68 54.78 -35.10 0.33
N HIS L 69 54.97 -34.29 -0.70
CA HIS L 69 54.90 -32.86 -0.47
C HIS L 69 53.54 -32.37 -0.90
N PRO L 70 52.97 -31.38 -0.18
CA PRO L 70 51.67 -30.81 -0.59
C PRO L 70 51.65 -30.29 -2.02
N HIS L 71 52.69 -29.60 -2.49
CA HIS L 71 52.65 -29.07 -3.86
C HIS L 71 52.46 -30.22 -4.86
N GLU L 72 52.23 -29.87 -6.12
CA GLU L 72 51.87 -30.90 -7.05
C GLU L 72 52.37 -30.58 -8.45
N LEU L 73 52.64 -31.62 -9.23
CA LEU L 73 53.09 -31.43 -10.60
C LEU L 73 51.90 -31.25 -11.54
N VAL L 74 52.12 -30.50 -12.62
CA VAL L 74 51.08 -30.25 -13.61
C VAL L 74 51.71 -30.15 -14.98
N GLY L 75 51.00 -30.64 -15.98
CA GLY L 75 51.54 -30.62 -17.32
C GLY L 75 51.25 -31.89 -18.06
N LYS L 76 52.06 -32.12 -19.09
CA LYS L 76 51.93 -33.31 -19.92
C LYS L 76 51.95 -34.56 -19.05
N ASP L 77 51.00 -35.46 -19.28
CA ASP L 77 50.97 -36.75 -18.59
C ASP L 77 50.88 -36.61 -17.07
N CYS L 78 50.43 -35.46 -16.60
CA CYS L 78 50.24 -35.19 -15.17
C CYS L 78 48.76 -35.23 -14.85
N ARG L 79 48.42 -35.76 -13.69
CA ARG L 79 47.05 -35.74 -13.21
C ARG L 79 47.08 -36.04 -11.73
N ASP L 80 46.05 -35.55 -11.03
CA ASP L 80 45.90 -35.78 -9.59
C ASP L 80 47.13 -35.32 -8.82
N GLY L 81 47.92 -34.46 -9.44
CA GLY L 81 49.07 -33.83 -8.81
C GLY L 81 50.39 -34.55 -9.00
N TYR L 82 50.44 -35.63 -9.79
CA TYR L 82 51.70 -36.30 -10.07
C TYR L 82 51.79 -36.64 -11.55
N TYR L 83 52.99 -37.04 -11.95
CA TYR L 83 53.29 -37.45 -13.31
C TYR L 83 53.29 -38.96 -13.36
N GLU L 84 52.63 -39.54 -14.37
CA GLU L 84 52.66 -40.99 -14.51
C GLU L 84 52.46 -41.29 -15.98
N ALA L 85 53.56 -41.52 -16.68
CA ALA L 85 53.52 -41.79 -18.12
C ALA L 85 53.77 -43.27 -18.41
N GLU L 86 53.41 -43.67 -19.63
CA GLU L 86 53.63 -45.02 -20.12
C GLU L 86 54.98 -45.06 -20.84
N PHE L 87 55.77 -46.08 -20.55
CA PHE L 87 57.19 -46.06 -20.87
C PHE L 87 57.46 -46.96 -22.08
N GLY L 88 58.17 -46.40 -23.07
CA GLY L 88 58.37 -47.07 -24.33
C GLY L 88 59.79 -47.53 -24.57
N PRO L 89 59.94 -48.77 -25.06
CA PRO L 89 61.26 -49.39 -25.21
C PRO L 89 62.34 -48.49 -25.78
N GLU L 90 62.03 -47.84 -26.90
CA GLU L 90 62.93 -46.89 -27.54
C GLU L 90 63.70 -46.03 -26.54
N ARG L 91 63.08 -44.93 -26.06
CA ARG L 91 63.68 -43.98 -25.11
C ARG L 91 64.93 -43.30 -25.68
N ARG L 92 65.08 -41.99 -25.44
CA ARG L 92 66.25 -41.30 -25.95
C ARG L 92 66.77 -40.17 -25.06
N PRO L 93 67.09 -40.41 -23.76
CA PRO L 93 66.69 -41.51 -22.89
C PRO L 93 65.32 -41.17 -22.27
N LEU L 94 65.25 -40.80 -21.00
CA LEU L 94 63.96 -40.46 -20.40
C LEU L 94 63.94 -38.97 -20.05
N PHE L 95 63.52 -38.14 -21.03
CA PHE L 95 63.31 -36.70 -20.85
C PHE L 95 62.02 -36.42 -20.11
N PHE L 96 62.03 -35.39 -19.26
CA PHE L 96 60.80 -34.85 -18.68
C PHE L 96 60.81 -33.33 -18.81
N GLN L 97 60.26 -32.81 -19.92
CA GLN L 97 60.37 -31.38 -20.17
C GLN L 97 59.20 -30.63 -19.53
N ASN L 98 57.97 -30.99 -19.90
CA ASN L 98 56.83 -30.21 -19.49
C ASN L 98 56.36 -30.64 -18.11
N LEU L 99 57.25 -30.60 -17.14
CA LEU L 99 56.87 -30.73 -15.74
C LEU L 99 56.69 -29.35 -15.17
N GLY L 100 55.68 -29.17 -14.34
CA GLY L 100 55.53 -27.86 -13.76
C GLY L 100 55.10 -27.93 -12.33
N ILE L 101 55.79 -27.24 -11.45
CA ILE L 101 55.48 -27.27 -10.04
C ILE L 101 54.40 -26.23 -9.74
N ARG L 102 53.22 -26.69 -9.34
CA ARG L 102 52.12 -25.85 -8.88
C ARG L 102 52.03 -25.88 -7.36
N CYS L 103 52.12 -24.72 -6.73
CA CYS L 103 51.99 -24.61 -5.29
C CYS L 103 50.54 -24.43 -4.86
N VAL L 104 50.26 -24.89 -3.68
CA VAL L 104 48.94 -24.78 -3.06
C VAL L 104 49.01 -23.66 -2.05
N LYS L 105 47.88 -22.99 -1.83
CA LYS L 105 47.82 -22.00 -0.76
C LYS L 105 48.10 -22.66 0.58
N LYS L 106 48.66 -21.89 1.51
CA LYS L 106 48.98 -22.45 2.81
C LYS L 106 47.75 -22.97 3.52
N LYS L 107 46.55 -22.49 3.18
CA LYS L 107 45.36 -23.04 3.79
C LYS L 107 45.06 -24.45 3.29
N GLU L 108 45.41 -24.75 2.03
CA GLU L 108 45.04 -25.99 1.37
C GLU L 108 46.08 -27.11 1.52
N VAL L 109 46.95 -27.02 2.52
CA VAL L 109 48.04 -28.00 2.67
C VAL L 109 47.49 -29.36 3.07
N LYS L 110 46.75 -29.40 4.17
CA LYS L 110 46.21 -30.66 4.65
C LYS L 110 45.40 -31.33 3.55
N GLU L 111 44.39 -30.64 3.02
CA GLU L 111 43.57 -31.25 1.97
C GLU L 111 44.41 -31.74 0.79
N ALA L 112 45.63 -31.21 0.60
CA ALA L 112 46.51 -31.68 -0.47
C ALA L 112 47.24 -32.96 -0.09
N ILE L 113 47.85 -32.97 1.11
CA ILE L 113 48.58 -34.15 1.57
C ILE L 113 47.63 -35.35 1.65
N ILE L 114 46.48 -35.14 2.30
CA ILE L 114 45.40 -36.12 2.36
C ILE L 114 44.96 -36.51 0.95
N LEU L 115 44.90 -35.56 0.04
CA LEU L 115 44.54 -35.93 -1.32
C LEU L 115 45.59 -36.85 -1.92
N ARG L 116 46.85 -36.67 -1.54
CA ARG L 116 48.00 -37.42 -2.07
C ARG L 116 48.07 -38.83 -1.51
N ILE L 117 48.11 -38.95 -0.18
CA ILE L 117 48.20 -40.27 0.44
C ILE L 117 46.92 -41.07 0.22
N SER L 118 45.81 -40.41 -0.12
CA SER L 118 44.64 -41.13 -0.60
C SER L 118 44.94 -41.84 -1.91
N ALA L 119 45.65 -41.17 -2.83
CA ALA L 119 46.08 -41.85 -4.04
C ALA L 119 47.17 -42.86 -3.78
N GLY L 120 47.54 -43.05 -2.52
CA GLY L 120 48.53 -44.06 -2.19
C GLY L 120 49.93 -43.73 -2.66
N ILE L 121 50.28 -42.45 -2.72
CA ILE L 121 51.61 -42.02 -3.11
C ILE L 121 52.40 -41.73 -1.84
N ASN L 122 53.21 -42.68 -1.40
CA ASN L 122 54.13 -42.48 -0.29
C ASN L 122 55.41 -43.23 -0.62
N PRO L 123 56.17 -42.71 -1.58
CA PRO L 123 57.32 -43.44 -2.11
C PRO L 123 58.21 -44.12 -1.07
N PHE L 124 58.50 -43.48 0.05
CA PHE L 124 59.44 -44.04 1.02
C PHE L 124 58.75 -44.60 2.26
N ASN L 125 57.50 -45.06 2.09
CA ASN L 125 56.65 -45.64 3.13
C ASN L 125 57.00 -45.12 4.51
N VAL L 126 56.69 -43.86 4.77
CA VAL L 126 56.99 -43.23 6.05
C VAL L 126 55.92 -43.63 7.05
N PRO L 127 56.25 -43.75 8.32
CA PRO L 127 55.21 -44.02 9.33
C PRO L 127 54.12 -42.96 9.27
N GLU L 128 52.93 -43.32 9.76
CA GLU L 128 51.76 -42.49 9.47
C GLU L 128 51.65 -41.30 10.40
N GLN L 129 52.06 -41.45 11.67
CA GLN L 129 51.90 -40.36 12.63
C GLN L 129 52.63 -39.08 12.19
N GLN L 130 53.81 -39.21 11.58
CA GLN L 130 54.61 -38.05 11.15
C GLN L 130 54.22 -37.54 9.76
N LEU L 131 53.66 -38.40 8.91
CA LEU L 131 53.22 -37.95 7.58
C LEU L 131 52.16 -36.87 7.70
N LEU L 132 51.12 -37.13 8.49
CA LEU L 132 50.09 -36.12 8.69
C LEU L 132 50.66 -34.84 9.26
N ASP L 133 51.92 -34.86 9.70
CA ASP L 133 52.64 -33.66 10.13
C ASP L 133 52.15 -33.18 11.49
N ILE L 134 52.93 -32.32 12.12
CA ILE L 134 52.59 -31.71 13.41
C ILE L 134 53.45 -30.47 13.57
N GLU L 135 54.37 -30.28 12.63
CA GLU L 135 55.35 -29.19 12.67
C GLU L 135 55.01 -28.18 11.57
N ASP L 136 55.97 -27.81 10.72
CA ASP L 136 55.73 -26.90 9.61
C ASP L 136 55.52 -27.70 8.32
N CYS L 137 56.57 -27.82 7.50
CA CYS L 137 56.63 -28.59 6.26
C CYS L 137 57.71 -28.02 5.34
N ASP L 138 57.53 -26.74 5.00
CA ASP L 138 58.45 -25.78 4.36
C ASP L 138 57.75 -25.02 3.24
N LEU L 139 57.45 -25.72 2.14
CA LEU L 139 56.65 -25.22 1.01
C LEU L 139 57.46 -24.50 -0.06
N ASN L 140 58.68 -24.07 0.27
CA ASN L 140 59.54 -23.37 -0.67
C ASN L 140 60.54 -24.30 -1.36
N VAL L 141 60.70 -25.52 -0.85
CA VAL L 141 61.66 -26.51 -1.34
C VAL L 141 60.93 -27.82 -1.61
N VAL L 142 61.16 -28.38 -2.79
CA VAL L 142 60.64 -29.69 -3.15
C VAL L 142 61.77 -30.56 -3.67
N ARG L 143 61.48 -31.85 -3.84
CA ARG L 143 62.36 -32.81 -4.47
C ARG L 143 61.56 -33.65 -5.44
N LEU L 144 62.08 -33.84 -6.64
CA LEU L 144 61.50 -34.79 -7.57
C LEU L 144 61.78 -36.19 -7.05
N CYS L 145 60.75 -37.04 -7.05
CA CYS L 145 60.87 -38.45 -6.65
C CYS L 145 60.45 -39.31 -7.83
N PHE L 146 61.40 -40.05 -8.42
CA PHE L 146 61.17 -40.93 -9.57
C PHE L 146 60.90 -42.37 -9.13
N GLN L 147 59.70 -42.87 -9.40
CA GLN L 147 59.30 -44.25 -9.14
C GLN L 147 59.17 -44.98 -10.48
N VAL L 148 60.00 -46.00 -10.71
CA VAL L 148 59.96 -46.79 -11.95
C VAL L 148 59.44 -48.19 -11.67
N PHE L 149 58.48 -48.62 -12.48
CA PHE L 149 57.86 -49.93 -12.43
C PHE L 149 58.20 -50.70 -13.70
N LEU L 150 58.72 -51.94 -13.56
CA LEU L 150 59.14 -52.73 -14.71
C LEU L 150 58.13 -53.84 -14.99
N PRO L 151 58.10 -54.37 -16.23
CA PRO L 151 56.95 -55.15 -16.70
C PRO L 151 56.55 -56.33 -15.81
N ASP L 152 55.23 -56.60 -15.85
CA ASP L 152 54.51 -57.55 -15.02
C ASP L 152 53.01 -57.23 -15.00
N GLU L 153 52.49 -56.55 -16.02
CA GLU L 153 51.23 -55.81 -15.89
C GLU L 153 49.99 -56.69 -15.75
N HIS L 154 49.14 -56.73 -16.77
CA HIS L 154 47.95 -57.60 -16.73
C HIS L 154 47.29 -57.84 -18.09
N PHE L 157 53.76 -54.07 -15.49
CA PHE L 157 54.35 -52.88 -14.91
C PHE L 157 54.07 -52.74 -13.43
N THR L 158 54.62 -53.65 -12.64
CA THR L 158 54.49 -53.60 -11.18
C THR L 158 55.81 -53.77 -10.45
N THR L 159 56.86 -54.25 -11.11
CA THR L 159 58.15 -54.41 -10.46
C THR L 159 58.70 -53.05 -10.05
N ALA L 160 58.62 -52.68 -8.78
CA ALA L 160 59.04 -51.36 -8.33
C ALA L 160 60.55 -51.31 -8.14
N LEU L 161 61.23 -50.53 -8.98
CA LEU L 161 62.63 -50.22 -8.73
C LEU L 161 62.68 -49.27 -7.52
N PRO L 162 63.83 -49.13 -6.88
CA PRO L 162 63.93 -48.22 -5.72
C PRO L 162 63.64 -46.78 -6.13
N PRO L 163 62.88 -46.04 -5.33
CA PRO L 163 62.63 -44.63 -5.65
C PRO L 163 63.86 -43.79 -5.35
N ILE L 164 64.14 -42.82 -6.24
CA ILE L 164 65.27 -41.91 -6.06
C ILE L 164 64.78 -40.47 -6.09
N VAL L 165 65.49 -39.60 -5.37
CA VAL L 165 65.16 -38.19 -5.32
C VAL L 165 66.17 -37.36 -6.10
N SER L 166 65.71 -36.25 -6.66
CA SER L 166 66.59 -35.30 -7.31
C SER L 166 67.06 -34.26 -6.31
N ASN L 167 67.92 -33.36 -6.78
CA ASN L 167 68.34 -32.27 -5.92
C ASN L 167 67.15 -31.36 -5.58
N PRO L 168 67.18 -30.73 -4.40
CA PRO L 168 66.05 -29.91 -4.00
C PRO L 168 65.89 -28.80 -5.00
N ILE L 169 64.64 -28.49 -5.28
CA ILE L 169 64.27 -27.36 -6.13
C ILE L 169 63.68 -26.28 -5.23
N TYR L 170 64.13 -25.05 -5.42
CA TYR L 170 63.80 -23.93 -4.55
C TYR L 170 62.91 -22.93 -5.29
N ASP L 171 61.90 -22.42 -4.58
CA ASP L 171 60.96 -21.45 -5.12
C ASP L 171 61.63 -20.09 -5.29
N ASN L 172 61.70 -19.60 -6.53
CA ASN L 172 62.36 -18.32 -6.72
C ASN L 172 61.57 -17.17 -6.13
N ARG L 173 60.32 -17.40 -5.73
CA ARG L 173 59.43 -16.34 -5.28
C ARG L 173 59.55 -16.05 -3.80
N ALA L 174 59.98 -17.01 -2.99
CA ALA L 174 60.22 -16.79 -1.57
C ALA L 174 61.59 -16.14 -1.35
N PRO L 175 61.65 -15.03 -0.61
CA PRO L 175 62.93 -14.30 -0.47
C PRO L 175 64.10 -15.12 0.07
N ASN L 176 63.89 -16.13 0.92
CA ASN L 176 65.01 -16.86 1.53
C ASN L 176 65.55 -18.02 0.69
N THR L 177 64.83 -18.44 -0.35
CA THR L 177 65.32 -19.49 -1.23
C THR L 177 65.54 -19.00 -2.64
N ALA L 178 65.26 -17.72 -2.89
CA ALA L 178 65.35 -17.14 -4.22
C ALA L 178 66.80 -17.07 -4.70
N GLU L 179 66.95 -16.99 -6.02
CA GLU L 179 68.25 -16.82 -6.64
C GLU L 179 68.78 -15.42 -6.37
N LEU L 180 70.04 -15.33 -5.91
CA LEU L 180 70.65 -14.03 -5.67
C LEU L 180 71.11 -13.42 -6.99
N LYS L 181 70.82 -12.15 -7.20
CA LYS L 181 71.14 -11.56 -8.49
C LYS L 181 71.45 -10.07 -8.33
N ILE L 182 72.65 -9.67 -8.72
CA ILE L 182 73.00 -8.26 -8.78
C ILE L 182 72.52 -7.73 -10.11
N CYS L 183 71.65 -6.72 -10.07
CA CYS L 183 71.09 -6.27 -11.33
C CYS L 183 71.90 -5.12 -11.92
N ARG L 184 72.39 -4.20 -11.10
CA ARG L 184 73.07 -3.02 -11.65
C ARG L 184 73.77 -2.26 -10.52
N VAL L 185 74.91 -1.62 -10.81
CA VAL L 185 75.63 -0.88 -9.77
C VAL L 185 76.05 0.49 -10.30
N ASN L 186 76.13 1.45 -9.38
CA ASN L 186 76.57 2.81 -9.70
C ASN L 186 78.01 2.86 -10.20
N ARG L 187 78.87 1.98 -9.71
CA ARG L 187 80.27 1.99 -10.12
C ARG L 187 80.94 0.70 -9.68
N ASN L 188 81.92 0.26 -10.46
CA ASN L 188 82.60 -1.01 -10.23
C ASN L 188 84.11 -0.83 -10.14
N SER L 189 84.56 0.20 -9.42
CA SER L 189 85.98 0.44 -9.18
C SER L 189 86.15 1.53 -8.14
N GLY L 190 87.11 1.36 -7.24
CA GLY L 190 87.29 2.32 -6.16
C GLY L 190 88.68 2.23 -5.58
N SER L 191 88.96 3.15 -4.65
CA SER L 191 90.25 3.18 -3.98
C SER L 191 90.49 1.88 -3.23
N CYS L 192 91.72 1.38 -3.29
CA CYS L 192 92.05 0.20 -2.49
C CYS L 192 91.90 0.47 -1.00
N LEU L 193 91.85 1.73 -0.59
CA LEU L 193 91.54 1.99 0.81
C LEU L 193 90.08 1.73 1.13
N GLY L 194 89.21 1.75 0.12
CA GLY L 194 87.81 1.51 0.37
C GLY L 194 87.04 2.75 0.76
N GLY L 195 85.93 2.55 1.46
CA GLY L 195 85.08 3.65 1.86
C GLY L 195 84.26 4.26 0.75
N ASP L 196 84.31 3.73 -0.46
CA ASP L 196 83.50 4.25 -1.56
C ASP L 196 82.08 3.75 -1.43
N GLU L 197 81.12 4.69 -1.48
CA GLU L 197 79.72 4.34 -1.37
C GLU L 197 79.21 3.70 -2.68
N ILE L 198 78.61 2.53 -2.57
CA ILE L 198 78.08 1.80 -3.72
C ILE L 198 76.57 1.63 -3.55
N PHE L 199 75.84 1.99 -4.62
CA PHE L 199 74.40 1.75 -4.76
C PHE L 199 74.25 0.54 -5.66
N LEU L 200 73.78 -0.57 -5.09
CA LEU L 200 73.67 -1.87 -5.76
C LEU L 200 72.19 -2.24 -5.88
N LEU L 201 71.69 -2.36 -7.11
CA LEU L 201 70.32 -2.79 -7.41
C LEU L 201 70.24 -4.31 -7.66
N CYS L 202 69.31 -5.00 -6.97
CA CYS L 202 69.32 -6.47 -6.90
C CYS L 202 67.92 -7.11 -6.88
N ASP L 203 67.86 -8.43 -7.05
CA ASP L 203 66.62 -9.18 -6.82
C ASP L 203 66.34 -9.32 -5.33
N LYS L 204 65.05 -9.34 -4.99
CA LYS L 204 64.52 -9.35 -3.63
C LYS L 204 65.35 -10.19 -2.67
N VAL L 205 65.88 -9.53 -1.65
CA VAL L 205 66.65 -10.10 -0.56
C VAL L 205 65.95 -9.77 0.75
N GLN L 206 66.49 -10.25 1.88
CA GLN L 206 65.96 -9.93 3.20
C GLN L 206 67.01 -9.18 4.02
N LYS L 207 66.67 -7.97 4.45
CA LYS L 207 67.66 -7.12 5.13
C LYS L 207 68.37 -7.83 6.27
N GLU L 208 67.73 -8.76 6.94
CA GLU L 208 68.34 -9.39 8.10
C GLU L 208 69.25 -10.55 7.71
N ASP L 209 69.45 -10.77 6.40
CA ASP L 209 70.11 -11.98 5.95
C ASP L 209 70.69 -11.77 4.56
N ILE L 210 71.59 -10.79 4.43
CA ILE L 210 72.23 -10.45 3.16
C ILE L 210 73.56 -9.79 3.51
N GLU L 211 74.60 -10.11 2.74
CA GLU L 211 75.89 -9.46 2.84
C GLU L 211 76.44 -9.22 1.44
N VAL L 212 77.40 -8.30 1.34
CA VAL L 212 78.12 -8.08 0.10
C VAL L 212 79.54 -8.61 0.28
N TYR L 213 79.90 -9.63 -0.52
CA TYR L 213 81.09 -10.45 -0.32
C TYR L 213 82.10 -10.17 -1.44
N PHE L 214 83.19 -9.46 -1.11
CA PHE L 214 84.32 -9.22 -1.99
C PHE L 214 85.37 -10.30 -1.77
N THR L 215 85.91 -10.86 -2.86
CA THR L 215 86.95 -11.88 -2.78
C THR L 215 87.98 -11.70 -3.87
N GLY L 216 89.17 -12.21 -3.59
CA GLY L 216 90.21 -12.34 -4.57
C GLY L 216 91.10 -13.49 -4.17
N PRO L 217 92.08 -13.85 -5.02
CA PRO L 217 93.04 -14.89 -4.61
C PRO L 217 93.55 -14.64 -3.21
N GLY L 218 93.16 -15.52 -2.29
CA GLY L 218 93.52 -15.38 -0.90
C GLY L 218 93.13 -14.05 -0.29
N TRP L 219 91.87 -13.64 -0.43
CA TRP L 219 91.41 -12.41 0.22
C TRP L 219 89.90 -12.41 0.26
N GLU L 220 89.33 -12.06 1.39
CA GLU L 220 87.88 -11.88 1.49
C GLU L 220 87.58 -10.72 2.41
N ALA L 221 86.53 -9.97 2.07
CA ALA L 221 86.10 -8.81 2.83
C ALA L 221 84.62 -8.58 2.59
N ARG L 222 83.95 -8.02 3.59
CA ARG L 222 82.49 -7.90 3.51
C ARG L 222 82.13 -6.48 3.04
N GLY L 223 80.82 -6.27 2.85
CA GLY L 223 80.25 -5.02 2.38
C GLY L 223 80.55 -3.88 3.31
N SER L 224 79.74 -3.75 4.36
CA SER L 224 79.72 -2.74 5.42
C SER L 224 78.50 -1.86 5.24
N PHE L 225 77.41 -2.24 5.92
CA PHE L 225 76.17 -1.50 5.87
C PHE L 225 75.30 -2.02 6.99
N SER L 226 74.17 -1.35 7.18
CA SER L 226 73.17 -1.77 8.14
C SER L 226 71.90 -2.21 7.40
N GLN L 227 70.99 -2.82 8.17
CA GLN L 227 69.67 -3.11 7.65
C GLN L 227 68.95 -1.85 7.20
N ALA L 228 69.18 -0.72 7.89
CA ALA L 228 68.53 0.52 7.51
C ALA L 228 68.90 0.98 6.11
N ASP L 229 70.03 0.49 5.60
CA ASP L 229 70.56 0.79 4.29
C ASP L 229 70.01 -0.13 3.20
N VAL L 230 69.07 -1.01 3.53
CA VAL L 230 68.47 -1.93 2.56
C VAL L 230 67.10 -1.38 2.15
N HIS L 231 67.04 -0.74 1.00
CA HIS L 231 65.82 -0.06 0.56
C HIS L 231 64.82 -1.05 0.00
N ARG L 232 63.72 -1.30 0.72
CA ARG L 232 62.58 -2.09 0.18
C ARG L 232 63.06 -3.37 -0.49
N GLN L 233 64.06 -4.01 0.11
CA GLN L 233 64.51 -5.35 -0.25
C GLN L 233 65.22 -5.46 -1.60
N VAL L 234 65.35 -4.38 -2.37
CA VAL L 234 65.88 -4.57 -3.71
C VAL L 234 66.97 -3.54 -4.04
N ALA L 235 67.50 -2.90 -3.00
CA ALA L 235 68.60 -1.97 -3.17
C ALA L 235 69.41 -1.93 -1.88
N ILE L 236 70.75 -1.99 -2.04
CA ILE L 236 71.71 -1.92 -0.94
C ILE L 236 72.64 -0.73 -1.17
N VAL L 237 72.83 0.07 -0.14
CA VAL L 237 73.82 1.14 -0.13
C VAL L 237 74.89 0.77 0.90
N PHE L 238 76.10 0.46 0.43
CA PHE L 238 77.16 0.04 1.35
C PHE L 238 78.45 0.77 0.99
N ARG L 239 79.52 0.50 1.74
CA ARG L 239 80.82 1.13 1.51
C ARG L 239 81.90 0.07 1.28
N THR L 240 82.64 0.17 0.17
CA THR L 240 83.62 -0.87 -0.17
C THR L 240 84.60 -1.06 0.98
N PRO L 241 85.04 -2.29 1.23
CA PRO L 241 85.97 -2.55 2.30
C PRO L 241 87.38 -2.24 1.84
N PRO L 242 88.32 -2.01 2.76
CA PRO L 242 89.72 -1.83 2.36
C PRO L 242 90.26 -3.10 1.70
N TYR L 243 91.04 -2.91 0.64
CA TYR L 243 91.69 -4.03 -0.03
C TYR L 243 92.87 -4.53 0.81
N ALA L 244 93.33 -5.75 0.50
CA ALA L 244 94.46 -6.34 1.23
C ALA L 244 95.68 -5.42 1.21
N ASP L 245 96.00 -4.84 0.06
CA ASP L 245 97.18 -4.01 -0.12
C ASP L 245 96.77 -2.54 -0.23
N PRO L 246 96.82 -1.76 0.85
CA PRO L 246 96.44 -0.34 0.77
C PRO L 246 97.44 0.53 0.03
N SER L 247 98.49 -0.06 -0.55
CA SER L 247 99.53 0.66 -1.27
C SER L 247 99.59 0.21 -2.72
N LEU L 248 98.42 0.01 -3.34
CA LEU L 248 98.34 -0.45 -4.72
C LEU L 248 99.03 0.52 -5.68
N GLN L 249 99.86 -0.03 -6.57
CA GLN L 249 100.52 0.73 -7.62
C GLN L 249 99.92 0.49 -9.00
N ALA L 250 99.20 -0.61 -9.19
CA ALA L 250 98.41 -0.85 -10.40
C ALA L 250 97.11 -1.51 -9.98
N PRO L 251 96.05 -1.38 -10.78
CA PRO L 251 94.75 -1.93 -10.37
C PRO L 251 94.78 -3.45 -10.25
N VAL L 252 94.05 -3.97 -9.26
CA VAL L 252 93.81 -5.40 -9.10
C VAL L 252 92.33 -5.67 -9.27
N ARG L 253 92.00 -6.73 -9.99
CA ARG L 253 90.62 -7.11 -10.28
C ARG L 253 90.17 -8.12 -9.24
N VAL L 254 89.09 -7.80 -8.53
CA VAL L 254 88.48 -8.71 -7.57
C VAL L 254 87.05 -9.00 -8.00
N SER L 255 86.42 -9.91 -7.25
CA SER L 255 85.08 -10.40 -7.53
C SER L 255 84.14 -10.06 -6.37
N MET L 256 83.08 -9.29 -6.66
CA MET L 256 82.06 -8.88 -5.70
C MET L 256 80.77 -9.66 -5.92
N GLN L 257 80.12 -10.12 -4.85
CA GLN L 257 78.90 -10.91 -5.04
C GLN L 257 78.04 -10.88 -3.80
N LEU L 258 76.73 -10.97 -4.00
CA LEU L 258 75.79 -11.05 -2.89
C LEU L 258 75.90 -12.40 -2.18
N ARG L 259 75.81 -12.38 -0.85
CA ARG L 259 75.92 -13.62 -0.09
C ARG L 259 74.84 -13.70 0.97
N ARG L 260 74.16 -14.86 1.04
CA ARG L 260 73.11 -15.07 2.03
C ARG L 260 73.62 -15.96 3.15
N PRO L 261 73.91 -15.40 4.32
CA PRO L 261 74.48 -16.22 5.40
C PRO L 261 73.67 -17.47 5.74
N SER L 262 72.33 -17.46 5.68
CA SER L 262 71.53 -18.63 6.08
C SER L 262 71.93 -19.90 5.35
N ASP L 263 71.90 -19.90 4.02
CA ASP L 263 72.31 -21.07 3.26
C ASP L 263 73.60 -20.79 2.48
N ARG L 264 74.39 -19.82 2.95
CA ARG L 264 75.67 -19.44 2.36
C ARG L 264 75.61 -19.40 0.83
N GLU L 265 74.52 -18.90 0.28
CA GLU L 265 74.35 -18.79 -1.17
C GLU L 265 75.04 -17.52 -1.72
N LEU L 266 75.47 -17.60 -2.99
CA LEU L 266 76.23 -16.53 -3.63
C LEU L 266 75.63 -16.20 -4.99
N SER L 267 75.53 -14.93 -5.31
CA SER L 267 75.15 -14.54 -6.66
C SER L 267 76.34 -14.65 -7.60
N GLU L 268 76.04 -14.68 -8.89
CA GLU L 268 77.10 -14.66 -9.89
C GLU L 268 78.00 -13.46 -9.61
N PRO L 269 79.31 -13.66 -9.59
CA PRO L 269 80.20 -12.56 -9.25
C PRO L 269 80.17 -11.48 -10.32
N MET L 270 80.46 -10.25 -9.87
CA MET L 270 80.64 -9.05 -10.68
C MET L 270 82.08 -8.58 -10.51
N GLU L 271 82.69 -8.12 -11.60
CA GLU L 271 84.08 -7.68 -11.54
C GLU L 271 84.17 -6.28 -10.93
N PHE L 272 85.05 -6.12 -9.95
CA PHE L 272 85.30 -4.85 -9.28
C PHE L 272 86.79 -4.57 -9.32
N GLN L 273 87.19 -3.40 -9.83
CA GLN L 273 88.60 -3.06 -10.04
C GLN L 273 89.08 -2.11 -8.93
N TYR L 274 89.85 -2.64 -7.97
CA TYR L 274 90.50 -1.81 -6.98
C TYR L 274 91.66 -1.05 -7.62
N LEU L 275 91.76 0.25 -7.28
CA LEU L 275 92.65 1.21 -7.92
C LEU L 275 93.75 1.73 -6.98
N PRO L 276 94.84 2.24 -7.54
CA PRO L 276 95.94 2.76 -6.70
C PRO L 276 95.57 3.94 -5.82
N ASP L 277 94.76 4.88 -6.29
CA ASP L 277 94.36 6.07 -5.53
C ASP L 277 95.56 6.95 -5.16
N PRO O 2 -49.43 70.95 6.43
CA PRO O 2 -48.00 71.27 6.57
C PRO O 2 -47.14 70.35 5.71
N TYR O 3 -45.83 70.37 5.88
CA TYR O 3 -44.95 69.50 5.10
C TYR O 3 -43.74 69.13 5.94
N VAL O 4 -42.93 68.21 5.42
CA VAL O 4 -41.74 67.71 6.12
C VAL O 4 -40.47 68.11 5.36
N GLU O 5 -39.40 68.38 6.11
CA GLU O 5 -38.12 68.72 5.50
C GLU O 5 -36.98 68.07 6.26
N ILE O 6 -35.94 67.67 5.53
CA ILE O 6 -34.79 66.99 6.11
C ILE O 6 -33.77 68.01 6.63
N ILE O 7 -33.52 67.97 7.94
CA ILE O 7 -32.55 68.88 8.57
C ILE O 7 -31.15 68.32 8.51
N GLU O 8 -30.99 67.04 8.86
CA GLU O 8 -29.71 66.36 8.81
C GLU O 8 -29.81 65.15 7.89
N GLN O 9 -29.37 65.35 6.65
CA GLN O 9 -29.29 64.29 5.68
C GLN O 9 -28.43 63.16 6.21
N PRO O 10 -28.61 61.96 5.69
CA PRO O 10 -27.72 60.86 6.05
C PRO O 10 -26.36 61.02 5.36
N LYS O 11 -25.35 60.35 5.92
CA LYS O 11 -24.11 60.17 5.19
C LYS O 11 -24.35 59.24 4.00
N GLN O 12 -23.55 59.41 2.95
CA GLN O 12 -23.79 58.74 1.68
C GLN O 12 -22.84 57.58 1.41
N ARG O 13 -21.57 57.70 1.81
CA ARG O 13 -20.56 56.68 1.57
C ARG O 13 -19.85 56.33 2.86
N GLY O 14 -19.57 55.06 3.07
CA GLY O 14 -18.83 54.74 4.27
C GLY O 14 -19.23 53.43 4.91
N MET O 15 -20.53 53.22 5.06
CA MET O 15 -21.00 52.02 5.70
C MET O 15 -21.38 50.99 4.63
N ARG O 16 -21.19 49.71 4.98
CA ARG O 16 -21.61 48.60 4.13
C ARG O 16 -22.97 48.13 4.60
N PHE O 17 -23.81 47.76 3.64
CA PHE O 17 -25.08 47.13 3.94
C PHE O 17 -24.80 45.74 4.51
N ARG O 18 -25.08 45.54 5.79
CA ARG O 18 -24.88 44.22 6.34
C ARG O 18 -25.98 43.30 5.82
N TYR O 19 -25.63 42.01 5.66
CA TYR O 19 -26.57 40.98 5.25
C TYR O 19 -27.33 40.41 6.44
N LYS O 20 -28.42 39.69 6.13
CA LYS O 20 -29.22 39.10 7.20
C LYS O 20 -28.36 38.13 7.99
N CYS O 21 -27.53 37.34 7.30
CA CYS O 21 -26.65 36.36 7.95
C CYS O 21 -25.56 37.02 8.80
N GLU O 22 -25.16 38.25 8.50
CA GLU O 22 -24.20 38.82 9.43
C GLU O 22 -24.83 39.22 10.76
N GLY O 23 -26.15 39.11 10.88
CA GLY O 23 -26.87 39.22 12.13
C GLY O 23 -26.67 40.56 12.80
N ARG O 24 -26.72 40.54 14.14
CA ARG O 24 -26.41 41.70 14.96
C ARG O 24 -27.22 42.89 14.46
N SER O 25 -26.60 44.06 14.34
CA SER O 25 -27.26 45.20 13.72
C SER O 25 -26.39 45.81 12.64
N ALA O 26 -27.04 46.43 11.66
CA ALA O 26 -26.35 47.11 10.57
C ALA O 26 -25.82 48.47 11.00
N GLY O 27 -25.13 48.50 12.13
CA GLY O 27 -24.62 49.76 12.68
C GLY O 27 -25.73 50.74 12.95
N SER O 28 -25.56 51.94 12.43
CA SER O 28 -26.55 52.99 12.61
C SER O 28 -26.20 54.09 11.63
N ILE O 29 -27.13 54.43 10.74
CA ILE O 29 -26.82 55.35 9.66
C ILE O 29 -26.38 56.69 10.24
N PRO O 30 -25.18 57.17 9.90
CA PRO O 30 -24.67 58.42 10.48
C PRO O 30 -25.19 59.64 9.73
N GLY O 31 -25.17 60.77 10.44
CA GLY O 31 -25.48 62.03 9.80
C GLY O 31 -24.40 62.49 8.85
N GLU O 32 -24.81 63.28 7.87
CA GLU O 32 -23.90 63.77 6.84
C GLU O 32 -22.74 64.52 7.47
N ARG O 33 -23.02 65.26 8.53
CA ARG O 33 -22.04 66.13 9.19
C ARG O 33 -21.42 65.46 10.41
N SER O 34 -21.41 64.13 10.44
CA SER O 34 -20.79 63.39 11.53
C SER O 34 -19.29 63.55 11.46
N THR O 35 -18.63 63.48 12.63
CA THR O 35 -17.17 63.53 12.76
C THR O 35 -16.76 62.58 13.87
N ASP O 36 -15.49 62.64 14.27
CA ASP O 36 -15.03 61.80 15.35
C ASP O 36 -15.37 62.37 16.72
N THR O 37 -15.45 63.70 16.83
CA THR O 37 -15.83 64.33 18.10
C THR O 37 -17.25 63.93 18.50
N THR O 38 -18.22 64.19 17.63
CA THR O 38 -19.63 63.91 17.86
C THR O 38 -20.23 63.31 16.60
N LYS O 39 -21.08 62.31 16.76
CA LYS O 39 -21.74 61.65 15.64
C LYS O 39 -23.18 62.13 15.53
N THR O 40 -23.56 62.57 14.33
CA THR O 40 -24.91 63.06 14.07
C THR O 40 -25.82 61.96 13.50
N HIS O 41 -27.12 62.24 13.52
CA HIS O 41 -28.11 61.30 13.04
C HIS O 41 -29.08 61.95 12.07
N PRO O 42 -29.60 61.17 11.10
CA PRO O 42 -30.63 61.70 10.21
C PRO O 42 -31.75 62.32 10.99
N THR O 43 -32.01 63.59 10.72
CA THR O 43 -33.00 64.33 11.49
C THR O 43 -33.96 65.05 10.56
N ILE O 44 -35.24 65.07 10.95
CA ILE O 44 -36.25 65.81 10.22
C ILE O 44 -37.06 66.66 11.19
N LYS O 45 -37.80 67.61 10.61
CA LYS O 45 -38.80 68.43 11.28
C LYS O 45 -40.03 68.54 10.41
N ILE O 46 -41.18 68.71 11.06
CA ILE O 46 -42.47 68.86 10.39
C ILE O 46 -42.79 70.36 10.37
N ASN O 47 -42.46 70.99 9.25
CA ASN O 47 -42.67 72.42 9.02
C ASN O 47 -44.10 72.83 9.35
N GLY O 48 -44.25 73.86 10.19
CA GLY O 48 -45.55 74.46 10.41
C GLY O 48 -46.61 73.53 10.97
N TYR O 49 -46.33 72.89 12.10
CA TYR O 49 -47.30 72.01 12.74
C TYR O 49 -46.80 71.65 14.13
N THR O 50 -47.71 71.55 15.09
CA THR O 50 -47.37 71.02 16.39
C THR O 50 -48.51 70.15 16.85
N GLY O 51 -48.19 68.95 17.36
CA GLY O 51 -49.19 67.97 17.72
C GLY O 51 -48.68 66.57 17.46
N PRO O 52 -49.56 65.57 17.59
CA PRO O 52 -49.16 64.16 17.45
C PRO O 52 -49.07 63.72 15.99
N GLY O 53 -48.64 62.48 15.78
CA GLY O 53 -48.58 61.93 14.43
C GLY O 53 -47.80 60.62 14.43
N THR O 54 -47.43 60.19 13.21
CA THR O 54 -46.61 58.99 13.09
C THR O 54 -45.69 59.14 11.88
N VAL O 55 -44.42 58.75 12.04
CA VAL O 55 -43.45 58.82 10.96
C VAL O 55 -43.06 57.40 10.58
N ARG O 56 -43.10 57.13 9.29
CA ARG O 56 -42.72 55.84 8.74
C ARG O 56 -41.60 56.03 7.72
N ILE O 57 -40.49 55.32 7.91
CA ILE O 57 -39.33 55.43 7.04
C ILE O 57 -39.10 54.11 6.32
N SER O 58 -38.98 54.16 5.01
CA SER O 58 -38.68 52.97 4.23
C SER O 58 -37.67 53.30 3.14
N LEU O 59 -36.94 52.29 2.68
CA LEU O 59 -35.95 52.51 1.62
C LEU O 59 -36.55 52.43 0.23
N VAL O 60 -36.21 53.41 -0.62
CA VAL O 60 -36.69 53.46 -1.99
C VAL O 60 -35.54 53.71 -2.95
N THR O 61 -35.76 53.34 -4.22
CA THR O 61 -34.74 53.42 -5.25
C THR O 61 -34.26 54.87 -5.47
N LYS O 62 -33.07 55.00 -6.07
CA LYS O 62 -32.42 56.30 -6.30
C LYS O 62 -33.02 57.09 -7.44
N ASP O 63 -33.49 56.43 -8.49
CA ASP O 63 -33.79 56.99 -9.79
C ASP O 63 -35.20 57.61 -9.84
N PRO O 64 -35.51 58.38 -10.89
CA PRO O 64 -36.73 59.24 -10.86
C PRO O 64 -37.95 58.54 -10.31
N PRO O 65 -38.48 57.46 -10.94
CA PRO O 65 -39.61 56.77 -10.30
C PRO O 65 -39.10 56.13 -9.02
N HIS O 66 -39.45 56.67 -7.86
CA HIS O 66 -38.96 56.15 -6.57
C HIS O 66 -39.76 54.90 -6.18
N ARG O 67 -39.37 53.79 -6.81
CA ARG O 67 -39.92 52.48 -6.49
C ARG O 67 -39.51 52.03 -5.10
N PRO O 68 -40.30 51.16 -4.44
CA PRO O 68 -39.87 50.57 -3.16
C PRO O 68 -38.64 49.71 -3.34
N HIS O 69 -37.81 49.72 -2.33
CA HIS O 69 -36.56 49.01 -2.50
C HIS O 69 -36.56 47.69 -1.75
N PRO O 70 -35.91 46.68 -2.32
CA PRO O 70 -35.80 45.38 -1.60
C PRO O 70 -35.16 45.45 -0.21
N HIS O 71 -34.03 46.14 -0.04
CA HIS O 71 -33.37 46.15 1.27
C HIS O 71 -34.30 46.69 2.34
N GLU O 72 -33.90 46.57 3.60
CA GLU O 72 -34.84 46.91 4.65
C GLU O 72 -34.09 47.39 5.88
N LEU O 73 -34.75 48.27 6.63
CA LEU O 73 -34.19 48.85 7.85
C LEU O 73 -34.51 48.00 9.07
N VAL O 74 -33.62 48.06 10.06
CA VAL O 74 -33.78 47.34 11.32
C VAL O 74 -33.18 48.15 12.44
N GLY O 75 -33.77 48.03 13.63
CA GLY O 75 -33.37 48.75 14.82
C GLY O 75 -34.60 49.14 15.64
N LYS O 76 -34.41 50.07 16.59
CA LYS O 76 -35.51 50.48 17.44
C LYS O 76 -36.65 50.97 16.56
N ASP O 77 -37.88 50.57 16.94
CA ASP O 77 -39.13 50.90 16.24
C ASP O 77 -39.19 50.34 14.82
N CYS O 78 -38.40 49.31 14.50
CA CYS O 78 -38.42 48.65 13.20
C CYS O 78 -39.03 47.25 13.28
N ARG O 79 -39.81 46.91 12.26
CA ARG O 79 -40.43 45.61 12.10
C ARG O 79 -40.79 45.49 10.62
N ASP O 80 -40.80 44.26 10.12
CA ASP O 80 -41.20 43.99 8.74
C ASP O 80 -40.40 44.76 7.71
N GLY O 81 -39.24 45.26 8.09
CA GLY O 81 -38.36 45.94 7.15
C GLY O 81 -38.53 47.44 7.04
N TYR O 82 -39.39 48.05 7.85
CA TYR O 82 -39.51 49.49 7.84
C TYR O 82 -39.54 50.02 9.27
N TYR O 83 -39.40 51.34 9.36
CA TYR O 83 -39.50 52.09 10.61
C TYR O 83 -40.86 52.74 10.63
N GLU O 84 -41.56 52.68 11.76
CA GLU O 84 -42.82 53.39 11.83
C GLU O 84 -43.15 53.80 13.25
N ALA O 85 -43.75 54.98 13.38
CA ALA O 85 -44.58 55.40 14.50
C ALA O 85 -43.78 55.96 15.66
N GLU O 86 -44.52 56.47 16.66
CA GLU O 86 -44.08 57.03 17.94
C GLU O 86 -44.21 58.53 17.83
N PHE O 87 -43.18 59.25 18.30
CA PHE O 87 -43.06 60.71 18.36
C PHE O 87 -44.39 61.43 18.12
N GLY O 88 -45.15 61.62 19.19
CA GLY O 88 -46.41 62.34 19.16
C GLY O 88 -46.35 63.70 19.84
N PRO O 89 -46.00 63.75 21.14
CA PRO O 89 -46.18 65.01 21.89
C PRO O 89 -45.29 66.16 21.45
N GLU O 90 -44.14 66.30 22.11
CA GLU O 90 -43.15 67.30 21.75
C GLU O 90 -41.89 66.57 21.32
N ARG O 91 -40.72 66.91 21.85
CA ARG O 91 -39.44 66.39 21.37
C ARG O 91 -39.32 66.66 19.87
N ARG O 92 -39.26 67.95 19.55
CA ARG O 92 -39.53 68.50 18.22
C ARG O 92 -38.46 68.24 17.17
N PRO O 93 -37.16 68.24 17.51
CA PRO O 93 -36.22 67.59 16.58
C PRO O 93 -36.60 66.12 16.49
N LEU O 94 -36.86 65.66 15.28
CA LEU O 94 -37.31 64.29 15.08
C LEU O 94 -36.18 63.51 14.44
N PHE O 95 -35.30 62.94 15.27
CA PHE O 95 -34.12 62.29 14.73
C PHE O 95 -34.21 60.77 14.87
N PHE O 96 -33.40 60.09 14.06
CA PHE O 96 -33.49 58.64 13.89
C PHE O 96 -32.12 58.01 14.04
N GLN O 97 -31.74 57.66 15.27
CA GLN O 97 -30.37 57.20 15.46
C GLN O 97 -30.19 55.69 15.32
N ASN O 98 -31.23 54.89 15.60
CA ASN O 98 -31.16 53.44 15.71
C ASN O 98 -31.34 52.73 14.37
N LEU O 99 -30.92 53.34 13.26
CA LEU O 99 -31.25 52.89 11.91
C LEU O 99 -30.19 51.92 11.40
N GLY O 100 -30.61 50.92 10.64
CA GLY O 100 -29.65 49.99 10.10
C GLY O 100 -30.08 49.48 8.75
N ILE O 101 -29.22 49.54 7.74
CA ILE O 101 -29.60 49.04 6.42
C ILE O 101 -29.22 47.56 6.32
N ARG O 102 -30.21 46.68 6.20
CA ARG O 102 -30.01 45.26 5.94
C ARG O 102 -30.32 44.96 4.47
N CYS O 103 -29.35 44.43 3.75
CA CYS O 103 -29.59 44.04 2.36
C CYS O 103 -30.08 42.59 2.26
N VAL O 104 -30.90 42.35 1.27
CA VAL O 104 -31.46 41.03 1.03
C VAL O 104 -30.68 40.39 -0.10
N LYS O 105 -30.59 39.06 -0.08
CA LYS O 105 -29.94 38.35 -1.16
C LYS O 105 -30.62 38.67 -2.48
N LYS O 106 -29.86 38.52 -3.57
CA LYS O 106 -30.38 38.82 -4.91
C LYS O 106 -31.58 37.96 -5.23
N LYS O 107 -31.61 36.71 -4.76
CA LYS O 107 -32.75 35.84 -5.04
C LYS O 107 -34.03 36.38 -4.43
N GLU O 108 -33.96 36.78 -3.16
CA GLU O 108 -35.14 37.21 -2.39
C GLU O 108 -35.47 38.69 -2.60
N VAL O 109 -35.14 39.24 -3.75
CA VAL O 109 -35.50 40.64 -4.02
C VAL O 109 -37.01 40.75 -4.21
N LYS O 110 -37.55 39.94 -5.15
CA LYS O 110 -38.98 39.89 -5.40
C LYS O 110 -39.76 39.64 -4.11
N GLU O 111 -39.39 38.58 -3.39
CA GLU O 111 -40.09 38.28 -2.15
C GLU O 111 -40.09 39.46 -1.18
N ALA O 112 -39.11 40.38 -1.29
CA ALA O 112 -39.05 41.57 -0.43
C ALA O 112 -39.94 42.70 -0.95
N ILE O 113 -39.86 43.00 -2.24
CA ILE O 113 -40.67 44.08 -2.79
C ILE O 113 -42.14 43.79 -2.58
N ILE O 114 -42.56 42.56 -2.95
CA ILE O 114 -43.92 42.07 -2.73
C ILE O 114 -44.29 42.16 -1.25
N LEU O 115 -43.38 41.75 -0.35
CA LEU O 115 -43.68 41.83 1.07
C LEU O 115 -43.82 43.27 1.51
N ARG O 116 -43.15 44.18 0.82
CA ARG O 116 -43.28 45.59 1.17
C ARG O 116 -44.63 46.14 0.69
N ILE O 117 -44.90 46.05 -0.62
CA ILE O 117 -46.13 46.61 -1.16
C ILE O 117 -47.37 45.86 -0.67
N SER O 118 -47.22 44.62 -0.19
CA SER O 118 -48.33 43.96 0.50
C SER O 118 -48.70 44.70 1.77
N ALA O 119 -47.70 45.22 2.51
CA ALA O 119 -47.95 46.07 3.67
C ALA O 119 -48.39 47.40 3.28
N GLY O 120 -48.61 47.60 1.98
CA GLY O 120 -49.12 48.86 1.48
C GLY O 120 -48.15 50.00 1.53
N ILE O 121 -46.85 49.70 1.44
CA ILE O 121 -45.80 50.71 1.40
C ILE O 121 -45.42 50.90 -0.07
N ASN O 122 -45.94 51.95 -0.70
CA ASN O 122 -45.48 52.37 -2.03
C ASN O 122 -45.55 53.88 -2.08
N PRO O 123 -44.67 54.57 -1.35
CA PRO O 123 -44.80 56.02 -1.16
C PRO O 123 -45.12 56.84 -2.41
N PHE O 124 -44.50 56.53 -3.55
CA PHE O 124 -44.68 57.30 -4.78
C PHE O 124 -45.57 56.59 -5.80
N ASN O 125 -46.50 55.77 -5.31
CA ASN O 125 -47.47 55.02 -6.11
C ASN O 125 -47.02 54.74 -7.54
N VAL O 126 -45.98 53.91 -7.69
CA VAL O 126 -45.50 53.48 -9.01
C VAL O 126 -46.42 52.36 -9.48
N PRO O 127 -46.71 52.26 -10.78
CA PRO O 127 -47.56 51.15 -11.26
C PRO O 127 -47.01 49.77 -10.92
N GLU O 128 -47.90 48.78 -10.97
CA GLU O 128 -47.47 47.40 -10.78
C GLU O 128 -46.60 46.93 -11.95
N GLN O 129 -46.81 47.51 -13.14
CA GLN O 129 -46.03 47.15 -14.31
C GLN O 129 -44.52 47.39 -14.10
N GLN O 130 -44.15 48.46 -13.37
CA GLN O 130 -42.73 48.78 -13.20
C GLN O 130 -42.10 48.11 -11.99
N LEU O 131 -42.89 47.82 -10.95
CA LEU O 131 -42.35 47.12 -9.78
C LEU O 131 -41.84 45.73 -10.15
N LEU O 132 -42.41 45.14 -11.19
CA LEU O 132 -42.10 43.82 -11.75
C LEU O 132 -40.63 43.73 -12.18
N ASP O 133 -39.93 44.85 -12.11
CA ASP O 133 -38.54 44.98 -12.55
C ASP O 133 -37.66 45.21 -11.33
N ILE O 134 -36.80 46.24 -11.32
CA ILE O 134 -36.05 46.78 -10.17
C ILE O 134 -34.72 46.07 -10.01
N GLU O 135 -34.53 44.92 -10.66
CA GLU O 135 -33.28 44.16 -10.56
C GLU O 135 -32.19 44.82 -11.41
N ASP O 136 -31.10 45.25 -10.75
CA ASP O 136 -30.01 46.02 -11.37
C ASP O 136 -28.97 46.49 -10.35
N CYS O 137 -28.18 47.51 -10.70
CA CYS O 137 -27.27 48.17 -9.77
C CYS O 137 -28.00 48.92 -8.65
N ASP O 138 -29.33 48.91 -8.62
CA ASP O 138 -30.02 49.60 -7.54
C ASP O 138 -29.90 48.87 -6.22
N LEU O 139 -29.17 47.76 -6.15
CA LEU O 139 -28.99 47.06 -4.89
C LEU O 139 -27.88 47.67 -4.03
N ASN O 140 -27.04 48.53 -4.62
CA ASN O 140 -25.95 49.23 -3.93
C ASN O 140 -26.31 50.63 -3.43
N VAL O 141 -27.38 51.22 -3.93
CA VAL O 141 -27.78 52.58 -3.58
C VAL O 141 -29.24 52.58 -3.14
N VAL O 142 -29.51 53.14 -1.95
CA VAL O 142 -30.85 53.26 -1.41
C VAL O 142 -31.09 54.72 -1.04
N ARG O 143 -32.37 55.04 -0.75
CA ARG O 143 -32.79 56.37 -0.29
C ARG O 143 -33.78 56.20 0.85
N LEU O 144 -33.63 57.00 1.90
CA LEU O 144 -34.62 57.04 2.97
C LEU O 144 -35.88 57.76 2.49
N CYS O 145 -37.05 57.16 2.72
CA CYS O 145 -38.32 57.79 2.35
C CYS O 145 -39.16 57.98 3.61
N PHE O 146 -39.37 59.23 3.98
CA PHE O 146 -40.10 59.63 5.18
C PHE O 146 -41.55 59.94 4.83
N GLN O 147 -42.49 59.13 5.33
CA GLN O 147 -43.92 59.35 5.22
C GLN O 147 -44.45 59.72 6.60
N VAL O 148 -44.95 60.94 6.74
CA VAL O 148 -45.49 61.42 8.01
C VAL O 148 -47.01 61.49 7.88
N PHE O 149 -47.69 60.94 8.87
CA PHE O 149 -49.14 60.89 8.91
C PHE O 149 -49.62 61.73 10.08
N LEU O 150 -50.53 62.67 9.81
CA LEU O 150 -50.98 63.60 10.84
C LEU O 150 -52.41 63.29 11.29
N PRO O 151 -52.79 63.65 12.53
CA PRO O 151 -54.07 63.21 13.08
C PRO O 151 -55.24 63.71 12.24
N ASP O 152 -56.37 63.02 12.36
CA ASP O 152 -57.53 63.30 11.53
C ASP O 152 -58.79 62.78 12.21
N GLU O 153 -59.91 63.47 11.92
CA GLU O 153 -61.27 63.23 12.41
C GLU O 153 -61.40 62.17 13.52
N HIS O 154 -61.63 62.63 14.75
CA HIS O 154 -61.79 61.85 15.97
C HIS O 154 -60.44 61.31 16.47
N GLY O 155 -59.33 61.50 15.74
CA GLY O 155 -58.00 61.26 16.29
C GLY O 155 -57.24 60.09 15.70
N ASN O 156 -57.06 60.05 14.38
CA ASN O 156 -56.49 58.88 13.71
C ASN O 156 -55.38 59.30 12.76
N PHE O 157 -54.12 59.00 13.13
CA PHE O 157 -52.94 59.40 12.37
C PHE O 157 -52.97 58.88 10.93
N THR O 158 -53.80 59.49 10.09
CA THR O 158 -54.00 59.02 8.71
C THR O 158 -53.87 60.09 7.64
N THR O 159 -53.71 61.38 7.99
CA THR O 159 -53.76 62.45 7.00
C THR O 159 -52.78 62.22 5.85
N ALA O 160 -51.49 62.09 6.17
CA ALA O 160 -50.40 61.87 5.22
C ALA O 160 -49.96 63.13 4.48
N LEU O 161 -48.83 63.68 4.90
CA LEU O 161 -48.13 64.71 4.15
C LEU O 161 -47.35 64.05 3.01
N PRO O 162 -46.91 64.84 2.02
CA PRO O 162 -46.15 64.28 0.89
C PRO O 162 -44.86 63.60 1.34
N PRO O 163 -44.55 62.46 0.74
CA PRO O 163 -43.30 61.76 1.07
C PRO O 163 -42.09 62.45 0.47
N ILE O 164 -40.99 62.48 1.22
CA ILE O 164 -39.72 63.02 0.74
C ILE O 164 -38.65 61.96 0.85
N VAL O 165 -37.67 62.05 -0.05
CA VAL O 165 -36.53 61.15 -0.07
C VAL O 165 -35.31 61.91 0.45
N SER O 166 -34.38 61.18 1.04
CA SER O 166 -33.07 61.70 1.45
C SER O 166 -32.06 61.50 0.33
N ASN O 167 -30.83 61.91 0.59
CA ASN O 167 -29.73 61.63 -0.31
C ASN O 167 -29.48 60.14 -0.42
N PRO O 168 -28.98 59.68 -1.57
CA PRO O 168 -28.69 58.26 -1.71
C PRO O 168 -27.62 57.82 -0.72
N ILE O 169 -27.78 56.61 -0.20
CA ILE O 169 -26.79 55.94 0.63
C ILE O 169 -26.17 54.78 -0.13
N TYR O 170 -24.83 54.70 -0.13
CA TYR O 170 -24.08 53.77 -0.96
C TYR O 170 -23.46 52.70 -0.09
N ASP O 171 -23.53 51.45 -0.57
CA ASP O 171 -22.95 50.28 0.10
C ASP O 171 -21.44 50.35 0.03
N ASN O 172 -20.78 50.47 1.18
CA ASN O 172 -19.34 50.62 1.08
C ASN O 172 -18.63 49.35 0.61
N ARG O 173 -19.30 48.21 0.61
CA ARG O 173 -18.77 46.90 0.22
C ARG O 173 -18.87 46.64 -1.28
N ALA O 174 -19.82 47.27 -1.96
CA ALA O 174 -19.98 47.08 -3.40
C ALA O 174 -18.86 47.81 -4.14
N PRO O 175 -18.15 47.14 -5.04
CA PRO O 175 -16.97 47.78 -5.66
C PRO O 175 -17.27 49.09 -6.39
N ASN O 176 -18.43 49.25 -7.02
CA ASN O 176 -18.74 50.47 -7.78
C ASN O 176 -19.29 51.60 -6.92
N THR O 177 -19.74 51.31 -5.70
CA THR O 177 -20.20 52.37 -4.82
C THR O 177 -19.29 52.60 -3.64
N ALA O 178 -18.18 51.85 -3.54
CA ALA O 178 -17.27 51.92 -2.42
C ALA O 178 -16.56 53.27 -2.38
N GLU O 179 -16.15 53.63 -1.18
CA GLU O 179 -15.37 54.83 -0.96
C GLU O 179 -13.95 54.59 -1.49
N LEU O 180 -13.44 55.54 -2.30
CA LEU O 180 -12.12 55.41 -2.91
C LEU O 180 -11.01 55.81 -1.93
N LYS O 181 -9.91 55.03 -1.89
CA LYS O 181 -8.85 55.28 -0.89
C LYS O 181 -7.46 54.88 -1.39
N ILE O 182 -6.51 55.79 -1.35
CA ILE O 182 -5.10 55.47 -1.65
C ILE O 182 -4.38 55.06 -0.36
N CYS O 183 -3.89 53.83 -0.32
CA CYS O 183 -3.31 53.37 0.93
C CYS O 183 -1.84 53.64 1.02
N ARG O 184 -1.14 53.49 -0.09
CA ARG O 184 0.31 53.60 0.00
C ARG O 184 0.88 53.73 -1.41
N VAL O 185 1.97 54.50 -1.54
CA VAL O 185 2.50 54.72 -2.89
C VAL O 185 4.00 54.51 -2.95
N ASN O 186 4.44 54.13 -4.16
CA ASN O 186 5.82 53.82 -4.47
C ASN O 186 6.75 54.96 -4.08
N ARG O 187 6.39 56.17 -4.47
CA ARG O 187 7.12 57.42 -4.35
C ARG O 187 6.20 58.53 -4.77
N ASN O 188 6.40 59.71 -4.20
CA ASN O 188 5.49 60.82 -4.42
C ASN O 188 6.24 62.06 -4.92
N SER O 189 7.11 61.85 -5.92
CA SER O 189 7.82 62.94 -6.58
C SER O 189 8.50 62.40 -7.83
N GLY O 190 8.46 63.17 -8.91
CA GLY O 190 9.05 62.70 -10.15
C GLY O 190 9.35 63.83 -11.11
N SER O 191 9.97 63.47 -12.23
CA SER O 191 10.26 64.45 -13.26
C SER O 191 9.00 65.11 -13.76
N CYS O 192 9.07 66.41 -14.02
CA CYS O 192 7.97 67.13 -14.64
C CYS O 192 7.68 66.65 -16.05
N LEU O 193 8.63 65.94 -16.66
CA LEU O 193 8.42 65.34 -17.96
C LEU O 193 7.50 64.13 -17.84
N GLY O 194 7.41 63.55 -16.66
CA GLY O 194 6.57 62.41 -16.39
C GLY O 194 7.29 61.13 -16.73
N GLY O 195 6.50 60.06 -16.91
CA GLY O 195 7.02 58.75 -17.21
C GLY O 195 7.60 57.98 -16.05
N ASP O 196 7.49 58.49 -14.83
CA ASP O 196 7.96 57.76 -13.66
C ASP O 196 6.95 56.69 -13.25
N GLU O 197 7.41 55.46 -13.09
CA GLU O 197 6.52 54.36 -12.73
C GLU O 197 6.15 54.41 -11.26
N ILE O 198 4.84 54.39 -10.98
CA ILE O 198 4.29 54.49 -9.63
C ILE O 198 3.53 53.21 -9.32
N PHE O 199 3.79 52.64 -8.14
CA PHE O 199 3.03 51.50 -7.61
C PHE O 199 2.08 52.02 -6.53
N LEU O 200 0.79 52.01 -6.81
CA LEU O 200 -0.22 52.56 -5.91
C LEU O 200 -1.08 51.44 -5.32
N LEU O 201 -1.01 51.27 -4.00
CA LEU O 201 -1.85 50.34 -3.27
C LEU O 201 -3.08 51.07 -2.76
N CYS O 202 -4.27 50.49 -3.05
CA CYS O 202 -5.55 51.13 -2.77
C CYS O 202 -6.59 50.09 -2.37
N ASP O 203 -7.76 50.59 -1.98
CA ASP O 203 -8.94 49.80 -1.74
C ASP O 203 -9.57 49.37 -3.05
N LYS O 204 -10.21 48.19 -3.03
CA LYS O 204 -10.86 47.55 -4.17
C LYS O 204 -11.44 48.59 -5.13
N VAL O 205 -10.95 48.65 -6.36
CA VAL O 205 -11.53 49.47 -7.43
C VAL O 205 -11.90 48.53 -8.56
N GLN O 206 -12.52 49.02 -9.63
CA GLN O 206 -12.84 48.20 -10.79
C GLN O 206 -11.97 48.64 -11.95
N LYS O 207 -11.13 47.73 -12.44
CA LYS O 207 -10.16 48.09 -13.50
C LYS O 207 -10.78 48.81 -14.70
N GLU O 208 -12.07 48.62 -14.98
CA GLU O 208 -12.69 49.24 -16.15
C GLU O 208 -13.24 50.64 -15.88
N ASP O 209 -13.06 51.15 -14.68
CA ASP O 209 -13.72 52.37 -14.29
C ASP O 209 -12.92 53.03 -13.18
N ILE O 210 -11.64 53.28 -13.43
CA ILE O 210 -10.74 53.91 -12.49
C ILE O 210 -9.67 54.64 -13.28
N GLU O 211 -9.35 55.85 -12.82
CA GLU O 211 -8.18 56.57 -13.32
C GLU O 211 -7.47 57.23 -12.15
N VAL O 212 -6.19 57.55 -12.37
CA VAL O 212 -5.41 58.33 -11.43
C VAL O 212 -5.33 59.75 -11.97
N TYR O 213 -5.86 60.70 -11.20
CA TYR O 213 -6.15 62.07 -11.61
C TYR O 213 -5.19 63.00 -10.88
N PHE O 214 -4.25 63.59 -11.62
CA PHE O 214 -3.36 64.64 -11.12
C PHE O 214 -3.97 65.99 -11.37
N THR O 215 -3.94 66.86 -10.36
CA THR O 215 -4.49 68.20 -10.52
C THR O 215 -3.61 69.27 -9.87
N GLY O 216 -3.70 70.45 -10.43
CA GLY O 216 -3.11 71.63 -9.87
C GLY O 216 -3.93 72.83 -10.29
N PRO O 217 -3.57 74.03 -9.76
CA PRO O 217 -4.27 75.25 -10.16
C PRO O 217 -4.42 75.30 -11.66
N GLY O 218 -5.67 75.17 -12.14
CA GLY O 218 -5.95 75.17 -13.57
C GLY O 218 -5.12 74.20 -14.38
N TRP O 219 -5.11 72.92 -13.96
CA TRP O 219 -4.39 71.87 -14.67
C TRP O 219 -4.92 70.51 -14.26
N GLU O 220 -5.09 69.63 -15.25
CA GLU O 220 -5.51 68.26 -14.99
C GLU O 220 -4.79 67.26 -15.90
N ALA O 221 -4.58 66.06 -15.39
CA ALA O 221 -3.99 65.00 -16.19
C ALA O 221 -4.36 63.66 -15.58
N ARG O 222 -4.45 62.64 -16.41
CA ARG O 222 -4.71 61.30 -15.90
C ARG O 222 -3.40 60.50 -15.85
N GLY O 223 -3.40 59.46 -15.01
CA GLY O 223 -2.28 58.54 -14.98
C GLY O 223 -2.25 57.75 -16.26
N SER O 224 -1.13 57.10 -16.52
CA SER O 224 -0.99 56.38 -17.78
C SER O 224 -0.95 54.87 -17.53
N PHE O 225 -2.08 54.19 -17.72
CA PHE O 225 -2.02 52.74 -17.55
C PHE O 225 -3.19 52.06 -18.26
N SER O 226 -3.10 50.73 -18.34
CA SER O 226 -4.13 49.89 -18.92
C SER O 226 -4.76 49.05 -17.83
N GLN O 227 -5.88 48.44 -18.17
CA GLN O 227 -6.51 47.52 -17.23
C GLN O 227 -5.53 46.42 -16.83
N ALA O 228 -4.68 45.97 -17.75
CA ALA O 228 -3.74 44.90 -17.42
C ALA O 228 -2.79 45.29 -16.29
N ASP O 229 -2.69 46.58 -15.98
CA ASP O 229 -1.84 47.09 -14.91
C ASP O 229 -2.55 47.20 -13.56
N VAL O 230 -3.82 46.80 -13.46
CA VAL O 230 -4.62 46.94 -12.24
C VAL O 230 -4.67 45.57 -11.58
N HIS O 231 -3.79 45.36 -10.59
CA HIS O 231 -3.56 44.05 -10.00
C HIS O 231 -4.66 43.69 -9.01
N ARG O 232 -5.48 42.70 -9.36
CA ARG O 232 -6.42 42.06 -8.42
C ARG O 232 -7.26 43.09 -7.69
N GLN O 233 -7.68 44.13 -8.40
CA GLN O 233 -8.61 45.15 -7.92
C GLN O 233 -8.05 46.09 -6.84
N VAL O 234 -6.79 45.96 -6.40
CA VAL O 234 -6.33 46.81 -5.31
C VAL O 234 -4.93 47.38 -5.49
N ALA O 235 -4.37 47.36 -6.70
CA ALA O 235 -3.07 47.98 -6.93
C ALA O 235 -2.97 48.41 -8.37
N ILE O 236 -2.50 49.64 -8.57
CA ILE O 236 -2.36 50.24 -9.90
C ILE O 236 -0.89 50.56 -10.13
N VAL O 237 -0.33 50.06 -11.22
CA VAL O 237 1.02 50.40 -11.66
C VAL O 237 0.88 51.29 -12.88
N PHE O 238 1.20 52.58 -12.73
CA PHE O 238 1.03 53.52 -13.83
C PHE O 238 2.30 54.36 -14.01
N ARG O 239 2.25 55.27 -14.99
CA ARG O 239 3.33 56.22 -15.26
C ARG O 239 2.79 57.62 -15.06
N THR O 240 3.49 58.45 -14.29
CA THR O 240 3.03 59.81 -14.07
C THR O 240 2.94 60.55 -15.41
N PRO O 241 1.95 61.43 -15.57
CA PRO O 241 1.80 62.17 -16.82
C PRO O 241 2.75 63.35 -16.86
N PRO O 242 3.02 63.90 -18.05
CA PRO O 242 3.82 65.13 -18.13
C PRO O 242 3.10 66.28 -17.45
N TYR O 243 3.86 67.09 -16.73
CA TYR O 243 3.32 68.29 -16.11
C TYR O 243 3.05 69.36 -17.17
N ALA O 244 2.25 70.36 -16.78
CA ALA O 244 1.96 71.50 -17.66
C ALA O 244 3.24 72.18 -18.14
N ASP O 245 4.22 72.36 -17.23
CA ASP O 245 5.47 73.07 -17.49
C ASP O 245 6.66 72.12 -17.59
N PRO O 246 7.07 71.71 -18.80
CA PRO O 246 8.27 70.86 -18.91
C PRO O 246 9.58 71.57 -18.62
N SER O 247 9.56 72.85 -18.23
CA SER O 247 10.78 73.61 -17.98
C SER O 247 10.86 74.06 -16.52
N LEU O 248 10.43 73.18 -15.60
CA LEU O 248 10.41 73.51 -14.19
C LEU O 248 11.80 73.86 -13.68
N GLN O 249 11.89 74.98 -12.96
CA GLN O 249 13.15 75.30 -12.33
C GLN O 249 13.16 74.94 -10.85
N ALA O 250 11.99 74.92 -10.22
CA ALA O 250 11.81 74.53 -8.83
C ALA O 250 10.58 73.64 -8.69
N PRO O 251 10.55 72.78 -7.66
CA PRO O 251 9.45 71.81 -7.52
C PRO O 251 8.08 72.42 -7.27
N VAL O 252 7.07 71.83 -7.91
CA VAL O 252 5.66 72.22 -7.78
C VAL O 252 4.90 71.08 -7.14
N ARG O 253 4.06 71.38 -6.16
CA ARG O 253 3.27 70.34 -5.50
C ARG O 253 1.84 70.34 -6.04
N VAL O 254 1.49 69.24 -6.72
CA VAL O 254 0.14 68.98 -7.20
C VAL O 254 -0.50 67.93 -6.28
N SER O 255 -1.79 67.66 -6.51
CA SER O 255 -2.52 66.67 -5.73
C SER O 255 -2.91 65.53 -6.66
N MET O 256 -2.58 64.31 -6.26
CA MET O 256 -2.89 63.08 -6.98
C MET O 256 -4.03 62.36 -6.28
N GLN O 257 -4.99 61.83 -7.04
CA GLN O 257 -6.08 61.15 -6.35
C GLN O 257 -6.75 60.15 -7.27
N LEU O 258 -7.33 59.10 -6.68
CA LEU O 258 -8.15 58.17 -7.45
C LEU O 258 -9.46 58.84 -7.89
N ARG O 259 -9.88 58.56 -9.12
CA ARG O 259 -11.11 59.11 -9.66
C ARG O 259 -11.90 58.01 -10.37
N ARG O 260 -13.20 57.90 -10.06
CA ARG O 260 -14.06 56.92 -10.71
C ARG O 260 -14.93 57.60 -11.74
N PRO O 261 -14.68 57.41 -13.04
CA PRO O 261 -15.49 58.11 -14.08
C PRO O 261 -17.01 57.94 -13.97
N SER O 262 -17.50 56.76 -13.57
CA SER O 262 -18.95 56.51 -13.53
C SER O 262 -19.68 57.55 -12.71
N ASP O 263 -19.30 57.73 -11.43
CA ASP O 263 -19.94 58.71 -10.56
C ASP O 263 -18.99 59.84 -10.16
N ARG O 264 -17.97 60.10 -10.99
CA ARG O 264 -17.00 61.17 -10.81
C ARG O 264 -16.51 61.34 -9.38
N GLU O 265 -16.45 60.24 -8.64
CA GLU O 265 -16.05 60.28 -7.25
C GLU O 265 -14.54 60.39 -7.16
N LEU O 266 -14.07 61.01 -6.08
CA LEU O 266 -12.65 61.27 -5.88
C LEU O 266 -12.19 60.81 -4.50
N SER O 267 -11.03 60.18 -4.45
CA SER O 267 -10.42 59.82 -3.18
C SER O 267 -9.83 61.05 -2.49
N GLU O 268 -9.51 60.88 -1.22
CA GLU O 268 -8.73 61.87 -0.51
C GLU O 268 -7.44 62.13 -1.28
N PRO O 269 -7.10 63.39 -1.57
CA PRO O 269 -5.90 63.68 -2.36
C PRO O 269 -4.61 63.42 -1.62
N MET O 270 -3.59 63.05 -2.39
CA MET O 270 -2.24 62.80 -1.92
C MET O 270 -1.24 63.75 -2.59
N GLU O 271 -0.36 64.36 -1.82
CA GLU O 271 0.54 65.35 -2.41
C GLU O 271 1.59 64.65 -3.27
N PHE O 272 1.87 65.20 -4.44
CA PHE O 272 2.92 64.73 -5.32
C PHE O 272 3.65 65.95 -5.81
N GLN O 273 4.98 65.95 -5.69
CA GLN O 273 5.76 67.12 -6.09
C GLN O 273 6.52 66.79 -7.37
N TYR O 274 6.12 67.44 -8.46
CA TYR O 274 6.90 67.42 -9.70
C TYR O 274 8.21 68.18 -9.49
N LEU O 275 9.31 67.60 -9.99
CA LEU O 275 10.66 68.08 -9.76
C LEU O 275 11.30 68.57 -11.06
N PRO O 276 12.23 69.52 -10.98
CA PRO O 276 12.90 70.01 -12.20
C PRO O 276 13.69 68.88 -12.82
N ASP O 277 13.38 68.56 -14.06
CA ASP O 277 14.01 67.43 -14.74
C ASP O 277 15.50 67.64 -14.87
N PRO P 2 -0.17 -9.30 -11.08
CA PRO P 2 0.43 -8.00 -11.44
C PRO P 2 -0.03 -6.84 -10.54
N TYR P 3 0.40 -5.62 -10.85
CA TYR P 3 0.12 -4.48 -9.99
C TYR P 3 0.05 -3.23 -10.87
N VAL P 4 -0.34 -2.10 -10.26
CA VAL P 4 -0.53 -0.84 -11.00
C VAL P 4 0.58 0.12 -10.63
N GLU P 5 1.02 0.91 -11.60
CA GLU P 5 2.03 1.92 -11.31
C GLU P 5 1.71 3.21 -12.07
N ILE P 6 1.97 4.34 -11.42
CA ILE P 6 1.71 5.65 -12.02
C ILE P 6 2.95 6.11 -12.79
N ILE P 7 2.82 6.26 -14.10
CA ILE P 7 3.96 6.74 -14.90
C ILE P 7 3.99 8.26 -14.94
N GLU P 8 2.85 8.91 -15.09
CA GLU P 8 2.82 10.37 -15.05
C GLU P 8 1.82 10.78 -13.97
N GLN P 9 2.38 11.16 -12.82
CA GLN P 9 1.67 11.71 -11.67
C GLN P 9 0.89 12.98 -12.06
N PRO P 10 -0.13 13.37 -11.30
CA PRO P 10 -0.78 14.65 -11.59
C PRO P 10 0.12 15.79 -11.17
N LYS P 11 -0.14 16.97 -11.74
CA LYS P 11 0.38 18.17 -11.13
C LYS P 11 -0.28 18.34 -9.79
N GLN P 12 0.43 18.97 -8.86
CA GLN P 12 -0.10 19.02 -7.50
C GLN P 12 -0.73 20.35 -7.17
N ARG P 13 -0.14 21.44 -7.69
CA ARG P 13 -0.60 22.80 -7.40
C ARG P 13 -0.86 23.52 -8.71
N GLY P 14 -2.00 24.22 -8.79
CA GLY P 14 -2.34 24.92 -10.01
C GLY P 14 -3.82 25.05 -10.34
N MET P 15 -4.61 23.98 -10.21
CA MET P 15 -6.01 24.05 -10.60
C MET P 15 -6.90 24.31 -9.40
N ARG P 16 -8.02 25.00 -9.67
CA ARG P 16 -9.02 25.31 -8.67
C ARG P 16 -10.06 24.20 -8.63
N PHE P 17 -10.42 23.79 -7.42
CA PHE P 17 -11.56 22.89 -7.26
C PHE P 17 -12.83 23.64 -7.63
N ARG P 18 -13.45 23.24 -8.73
CA ARG P 18 -14.72 23.84 -9.14
C ARG P 18 -15.85 23.33 -8.24
N TYR P 19 -16.81 24.19 -7.97
CA TYR P 19 -18.03 23.83 -7.25
C TYR P 19 -19.09 23.33 -8.23
N LYS P 20 -20.14 22.73 -7.69
CA LYS P 20 -21.25 22.29 -8.54
C LYS P 20 -21.90 23.47 -9.26
N CYS P 21 -22.07 24.59 -8.56
CA CYS P 21 -22.77 25.74 -9.14
C CYS P 21 -22.06 26.32 -10.36
N GLU P 22 -20.76 26.11 -10.49
CA GLU P 22 -20.02 26.45 -11.71
C GLU P 22 -20.27 25.45 -12.85
N GLY P 23 -21.10 24.42 -12.61
CA GLY P 23 -21.68 23.47 -13.55
C GLY P 23 -20.65 22.65 -14.30
N ARG P 24 -21.02 22.24 -15.52
CA ARG P 24 -20.13 21.66 -16.53
C ARG P 24 -19.12 20.69 -15.92
N SER P 25 -17.89 20.70 -16.44
CA SER P 25 -16.79 19.90 -15.92
C SER P 25 -15.73 20.78 -15.27
N ALA P 26 -15.04 20.20 -14.29
CA ALA P 26 -13.97 20.89 -13.60
C ALA P 26 -12.68 20.87 -14.41
N GLY P 27 -12.79 21.25 -15.70
CA GLY P 27 -11.65 21.29 -16.59
C GLY P 27 -11.04 19.92 -16.72
N SER P 28 -9.75 19.83 -16.40
CA SER P 28 -9.08 18.55 -16.55
C SER P 28 -7.75 18.53 -15.79
N ILE P 29 -7.59 17.57 -14.88
CA ILE P 29 -6.37 17.50 -14.08
C ILE P 29 -5.15 17.31 -14.98
N PRO P 30 -4.11 18.14 -14.84
CA PRO P 30 -2.90 18.04 -15.67
C PRO P 30 -1.88 17.03 -15.15
N GLY P 31 -1.04 16.58 -16.08
CA GLY P 31 0.14 15.83 -15.72
C GLY P 31 1.21 16.68 -15.05
N GLU P 32 2.06 16.00 -14.29
CA GLU P 32 3.07 16.68 -13.49
C GLU P 32 3.98 17.57 -14.35
N ARG P 33 4.37 17.11 -15.54
CA ARG P 33 5.31 17.85 -16.37
C ARG P 33 4.65 18.57 -17.55
N SER P 34 3.36 18.85 -17.45
CA SER P 34 2.65 19.49 -18.54
C SER P 34 3.15 20.92 -18.72
N THR P 35 3.09 21.42 -19.96
CA THR P 35 3.46 22.81 -20.30
C THR P 35 2.58 23.28 -21.45
N ASP P 36 2.95 24.43 -22.05
CA ASP P 36 2.26 24.93 -23.24
C ASP P 36 2.73 24.23 -24.51
N THR P 37 3.95 23.70 -24.53
CA THR P 37 4.36 22.91 -25.69
C THR P 37 3.40 21.74 -25.88
N THR P 38 3.32 20.88 -24.89
CA THR P 38 2.41 19.76 -24.87
C THR P 38 1.91 19.56 -23.45
N LYS P 39 0.64 19.18 -23.32
CA LYS P 39 0.00 18.96 -22.03
C LYS P 39 -0.04 17.46 -21.72
N THR P 40 0.47 17.08 -20.56
CA THR P 40 0.43 15.69 -20.14
C THR P 40 -0.77 15.44 -19.21
N HIS P 41 -1.14 14.18 -19.08
CA HIS P 41 -2.24 13.80 -18.22
C HIS P 41 -1.86 12.67 -17.29
N PRO P 42 -2.50 12.59 -16.12
CA PRO P 42 -2.29 11.44 -15.24
C PRO P 42 -2.42 10.12 -15.99
N THR P 43 -1.32 9.39 -16.08
CA THR P 43 -1.33 8.13 -16.81
C THR P 43 -0.64 7.04 -16.02
N ILE P 44 -1.19 5.82 -16.14
CA ILE P 44 -0.71 4.63 -15.43
C ILE P 44 -0.50 3.48 -16.40
N LYS P 45 0.20 2.45 -15.88
CA LYS P 45 0.39 1.17 -16.55
C LYS P 45 0.19 0.03 -15.56
N ILE P 46 -0.32 -1.10 -16.05
CA ILE P 46 -0.53 -2.30 -15.23
C ILE P 46 0.65 -3.22 -15.47
N ASN P 47 1.65 -3.11 -14.62
CA ASN P 47 2.91 -3.85 -14.76
C ASN P 47 2.68 -5.34 -14.92
N GLY P 48 3.30 -5.90 -15.95
CA GLY P 48 3.27 -7.33 -16.18
C GLY P 48 1.89 -7.85 -16.45
N TYR P 49 1.18 -7.18 -17.38
CA TYR P 49 -0.15 -7.61 -17.79
C TYR P 49 -0.56 -6.85 -19.04
N THR P 50 -1.25 -7.54 -19.93
CA THR P 50 -1.92 -6.95 -21.06
C THR P 50 -3.24 -7.68 -21.25
N GLY P 51 -4.31 -6.93 -21.55
CA GLY P 51 -5.62 -7.50 -21.67
C GLY P 51 -6.71 -6.57 -21.20
N PRO P 52 -7.96 -7.03 -21.13
CA PRO P 52 -9.06 -6.15 -20.73
C PRO P 52 -9.17 -6.05 -19.21
N GLY P 53 -10.04 -5.15 -18.77
CA GLY P 53 -10.20 -4.93 -17.35
C GLY P 53 -11.06 -3.71 -17.06
N THR P 54 -10.96 -3.23 -15.83
CA THR P 54 -11.73 -2.07 -15.40
C THR P 54 -10.91 -1.21 -14.45
N VAL P 55 -10.92 0.10 -14.70
CA VAL P 55 -10.22 1.10 -13.90
C VAL P 55 -11.24 1.98 -13.19
N ARG P 56 -11.12 2.11 -11.88
CA ARG P 56 -11.96 2.98 -11.08
C ARG P 56 -11.07 3.98 -10.35
N ILE P 57 -11.32 5.27 -10.50
CA ILE P 57 -10.57 6.31 -9.82
C ILE P 57 -11.49 7.04 -8.86
N SER P 58 -11.03 7.21 -7.62
CA SER P 58 -11.80 7.83 -6.56
C SER P 58 -10.94 8.84 -5.82
N LEU P 59 -11.55 9.86 -5.26
CA LEU P 59 -10.80 10.83 -4.47
C LEU P 59 -10.68 10.36 -3.02
N VAL P 60 -9.46 10.37 -2.46
CA VAL P 60 -9.25 9.94 -1.09
C VAL P 60 -8.36 10.91 -0.34
N THR P 61 -8.40 10.81 0.98
CA THR P 61 -7.70 11.65 1.93
C THR P 61 -6.21 11.65 1.68
N LYS P 62 -5.54 12.72 2.12
CA LYS P 62 -4.10 12.82 1.92
C LYS P 62 -3.34 11.91 2.87
N ASP P 63 -3.81 11.80 4.12
CA ASP P 63 -3.00 11.22 5.19
C ASP P 63 -3.21 9.71 5.30
N PRO P 64 -2.31 9.01 6.01
CA PRO P 64 -2.27 7.52 5.98
C PRO P 64 -3.61 6.80 5.96
N PRO P 65 -4.56 7.07 6.89
CA PRO P 65 -5.76 6.20 6.89
C PRO P 65 -6.57 6.21 5.60
N HIS P 66 -6.15 6.99 4.59
CA HIS P 66 -6.79 7.23 3.30
C HIS P 66 -8.26 6.85 3.25
N ARG P 67 -9.09 7.58 3.98
CA ARG P 67 -10.52 7.47 3.90
C ARG P 67 -11.00 8.02 2.55
N PRO P 68 -12.17 7.59 2.09
CA PRO P 68 -12.77 8.23 0.91
C PRO P 68 -13.03 9.70 1.19
N HIS P 69 -12.86 10.53 0.15
CA HIS P 69 -12.93 11.99 0.27
C HIS P 69 -14.30 12.49 -0.14
N PRO P 70 -14.80 13.53 0.55
CA PRO P 70 -16.09 14.12 0.17
C PRO P 70 -16.14 14.64 -1.27
N HIS P 71 -15.11 15.36 -1.72
CA HIS P 71 -15.10 15.88 -3.09
C HIS P 71 -15.27 14.75 -4.09
N GLU P 72 -15.51 15.08 -5.34
CA GLU P 72 -15.81 14.01 -6.26
C GLU P 72 -15.33 14.35 -7.66
N LEU P 73 -15.01 13.32 -8.43
CA LEU P 73 -14.53 13.50 -9.79
C LEU P 73 -15.69 13.68 -10.76
N VAL P 74 -15.48 14.43 -11.83
CA VAL P 74 -16.51 14.65 -12.83
C VAL P 74 -15.88 14.79 -14.20
N GLY P 75 -16.55 14.27 -15.21
CA GLY P 75 -16.00 14.33 -16.54
C GLY P 75 -16.26 13.04 -17.28
N LYS P 76 -15.45 12.84 -18.33
CA LYS P 76 -15.60 11.66 -19.18
C LYS P 76 -15.62 10.41 -18.32
N ASP P 77 -16.60 9.55 -18.56
CA ASP P 77 -16.68 8.26 -17.91
C ASP P 77 -16.77 8.35 -16.38
N CYS P 78 -17.20 9.49 -15.86
CA CYS P 78 -17.38 9.70 -14.42
C CYS P 78 -18.87 9.68 -14.10
N ARG P 79 -19.21 9.13 -12.94
CA ARG P 79 -20.59 9.11 -12.46
C ARG P 79 -20.59 8.86 -10.96
N ASP P 80 -21.63 9.35 -10.29
CA ASP P 80 -21.80 9.16 -8.85
C ASP P 80 -20.59 9.64 -8.06
N GLY P 81 -19.76 10.48 -8.64
CA GLY P 81 -18.64 11.03 -7.92
C GLY P 81 -17.34 10.27 -8.06
N TYR P 82 -17.29 9.23 -8.90
CA TYR P 82 -16.03 8.58 -9.18
C TYR P 82 -15.95 8.28 -10.67
N TYR P 83 -14.77 7.84 -11.09
CA TYR P 83 -14.51 7.43 -12.45
C TYR P 83 -14.48 5.92 -12.52
N GLU P 84 -15.12 5.34 -13.52
CA GLU P 84 -15.04 3.90 -13.68
C GLU P 84 -15.25 3.65 -15.18
N ALA P 85 -14.18 3.33 -15.87
CA ALA P 85 -14.27 3.10 -17.30
C ALA P 85 -13.99 1.64 -17.64
N GLU P 86 -14.33 1.29 -18.86
CA GLU P 86 -14.10 -0.03 -19.41
C GLU P 86 -12.76 -0.03 -20.11
N PHE P 87 -11.92 -1.02 -19.80
CA PHE P 87 -10.52 -1.01 -20.15
C PHE P 87 -10.29 -1.93 -21.35
N GLY P 88 -9.45 -1.49 -22.27
CA GLY P 88 -9.20 -2.24 -23.48
C GLY P 88 -7.78 -2.76 -23.60
N PRO P 89 -7.63 -3.96 -24.19
CA PRO P 89 -6.30 -4.58 -24.30
C PRO P 89 -5.26 -3.64 -24.89
N GLU P 90 -5.55 -3.09 -26.06
CA GLU P 90 -4.70 -2.13 -26.75
C GLU P 90 -3.94 -1.23 -25.78
N ARG P 91 -4.59 -0.17 -25.29
CA ARG P 91 -4.04 0.79 -24.31
C ARG P 91 -2.81 1.52 -24.84
N ARG P 92 -2.72 2.83 -24.61
CA ARG P 92 -1.54 3.53 -25.10
C ARG P 92 -1.05 4.67 -24.22
N PRO P 93 -0.74 4.47 -22.92
CA PRO P 93 -1.11 3.36 -22.02
C PRO P 93 -2.47 3.71 -21.40
N LEU P 94 -2.52 4.06 -20.12
CA LEU P 94 -3.79 4.43 -19.51
C LEU P 94 -3.77 5.91 -19.17
N PHE P 95 -4.12 6.75 -20.17
CA PHE P 95 -4.33 8.18 -20.02
C PHE P 95 -5.62 8.47 -19.25
N PHE P 96 -5.62 9.56 -18.49
CA PHE P 96 -6.87 10.07 -17.91
C PHE P 96 -6.89 11.60 -18.03
N GLN P 97 -7.42 12.12 -19.15
CA GLN P 97 -7.33 13.56 -19.36
C GLN P 97 -8.51 14.30 -18.73
N ASN P 98 -9.71 14.06 -19.22
CA ASN P 98 -10.88 14.80 -18.76
C ASN P 98 -11.34 14.31 -17.40
N LEU P 99 -10.45 14.33 -16.41
CA LEU P 99 -10.81 14.15 -15.01
C LEU P 99 -11.01 15.52 -14.39
N GLY P 100 -11.96 15.61 -13.49
CA GLY P 100 -12.18 16.90 -12.89
C GLY P 100 -12.58 16.80 -11.44
N ILE P 101 -11.87 17.52 -10.58
CA ILE P 101 -12.13 17.51 -9.15
C ILE P 101 -13.20 18.59 -8.87
N ARG P 102 -14.40 18.16 -8.49
CA ARG P 102 -15.51 19.01 -8.05
C ARG P 102 -15.64 18.98 -6.53
N CYS P 103 -15.51 20.13 -5.90
CA CYS P 103 -15.63 20.21 -4.45
C CYS P 103 -17.08 20.34 -4.03
N VAL P 104 -17.36 19.87 -2.84
CA VAL P 104 -18.70 20.02 -2.27
C VAL P 104 -18.62 21.12 -1.24
N LYS P 105 -19.74 21.82 -1.05
CA LYS P 105 -19.82 22.81 0.01
C LYS P 105 -19.57 22.15 1.36
N LYS P 106 -19.06 22.94 2.30
CA LYS P 106 -18.71 22.39 3.62
C LYS P 106 -19.94 21.83 4.33
N LYS P 107 -21.13 22.36 4.04
CA LYS P 107 -22.34 21.80 4.65
C LYS P 107 -22.66 20.42 4.09
N GLU P 108 -22.34 20.18 2.82
CA GLU P 108 -22.66 18.92 2.16
C GLU P 108 -21.59 17.84 2.35
N VAL P 109 -20.73 17.96 3.37
CA VAL P 109 -19.67 16.98 3.53
C VAL P 109 -20.22 15.63 3.96
N LYS P 110 -20.97 15.60 5.08
CA LYS P 110 -21.48 14.33 5.57
C LYS P 110 -22.26 13.60 4.48
N GLU P 111 -23.26 14.27 3.89
CA GLU P 111 -24.05 13.65 2.84
C GLU P 111 -23.19 13.15 1.67
N ALA P 112 -21.99 13.70 1.49
CA ALA P 112 -21.11 13.21 0.43
C ALA P 112 -20.41 11.92 0.84
N ILE P 113 -19.84 11.90 2.06
CA ILE P 113 -19.14 10.71 2.53
C ILE P 113 -20.10 9.53 2.57
N ILE P 114 -21.26 9.72 3.18
CA ILE P 114 -22.31 8.73 3.17
C ILE P 114 -22.71 8.37 1.73
N LEU P 115 -22.73 9.35 0.83
CA LEU P 115 -23.02 9.04 -0.56
C LEU P 115 -21.94 8.17 -1.18
N ARG P 116 -20.71 8.33 -0.73
CA ARG P 116 -19.61 7.53 -1.28
C ARG P 116 -19.61 6.13 -0.71
N ILE P 117 -19.59 6.02 0.63
CA ILE P 117 -19.53 4.71 1.26
C ILE P 117 -20.80 3.92 1.00
N SER P 118 -21.90 4.61 0.65
CA SER P 118 -23.08 3.91 0.14
C SER P 118 -22.78 3.20 -1.16
N ALA P 119 -22.03 3.84 -2.05
CA ALA P 119 -21.64 3.07 -3.22
C ALA P 119 -20.60 2.02 -2.89
N GLY P 120 -20.23 1.88 -1.63
CA GLY P 120 -19.30 0.84 -1.28
C GLY P 120 -17.90 1.10 -1.76
N ILE P 121 -17.51 2.36 -1.88
CA ILE P 121 -16.16 2.73 -2.27
C ILE P 121 -15.41 3.02 -0.98
N ASN P 122 -14.61 2.06 -0.54
CA ASN P 122 -13.69 2.24 0.58
C ASN P 122 -12.40 1.53 0.21
N PRO P 123 -11.61 2.14 -0.70
CA PRO P 123 -10.46 1.46 -1.29
C PRO P 123 -9.55 0.76 -0.29
N PHE P 124 -9.30 1.35 0.88
CA PHE P 124 -8.39 0.81 1.85
C PHE P 124 -9.12 0.26 3.08
N ASN P 125 -10.36 -0.19 2.88
CA ASN P 125 -11.24 -0.76 3.91
C ASN P 125 -10.89 -0.25 5.31
N VAL P 126 -11.10 1.04 5.56
CA VAL P 126 -10.75 1.64 6.84
C VAL P 126 -11.79 1.27 7.90
N PRO P 127 -11.39 1.17 9.18
CA PRO P 127 -12.38 0.88 10.22
C PRO P 127 -13.50 1.90 10.19
N GLU P 128 -14.69 1.47 10.63
CA GLU P 128 -15.91 2.22 10.37
C GLU P 128 -16.13 3.36 11.35
N GLN P 129 -15.63 3.24 12.58
CA GLN P 129 -15.79 4.34 13.53
C GLN P 129 -14.96 5.58 13.16
N GLN P 130 -13.92 5.45 12.35
CA GLN P 130 -13.12 6.63 12.01
C GLN P 130 -13.47 7.21 10.65
N LEU P 131 -14.01 6.40 9.74
CA LEU P 131 -14.38 6.91 8.42
C LEU P 131 -15.40 8.04 8.53
N LEU P 132 -16.40 7.88 9.39
CA LEU P 132 -17.47 8.87 9.48
C LEU P 132 -16.93 10.12 10.15
N ASP P 133 -15.65 10.12 10.48
CA ASP P 133 -14.92 11.31 10.91
C ASP P 133 -15.34 11.77 12.30
N ILE P 134 -14.50 12.61 12.92
CA ILE P 134 -14.77 13.20 14.23
C ILE P 134 -13.94 14.48 14.40
N GLU P 135 -13.10 14.79 13.42
CA GLU P 135 -12.20 15.94 13.49
C GLU P 135 -12.60 16.95 12.40
N ASP P 136 -11.67 17.41 11.57
CA ASP P 136 -11.95 18.28 10.44
C ASP P 136 -12.20 17.43 9.20
N CYS P 137 -11.18 17.31 8.35
CA CYS P 137 -11.14 16.46 7.16
C CYS P 137 -10.04 16.94 6.24
N ASP P 138 -10.13 18.24 5.91
CA ASP P 138 -9.22 19.13 5.19
C ASP P 138 -9.95 19.89 4.09
N LEU P 139 -10.19 19.23 2.95
CA LEU P 139 -11.05 19.67 1.84
C LEU P 139 -10.26 20.37 0.75
N ASN P 140 -9.04 20.82 1.07
CA ASN P 140 -8.19 21.50 0.12
C ASN P 140 -7.19 20.56 -0.56
N VAL P 141 -7.02 19.34 -0.03
CA VAL P 141 -6.08 18.37 -0.55
C VAL P 141 -6.80 17.05 -0.78
N VAL P 142 -6.68 16.49 -1.97
CA VAL P 142 -7.18 15.17 -2.26
C VAL P 142 -6.05 14.37 -2.90
N ARG P 143 -6.25 13.08 -3.01
CA ARG P 143 -5.36 12.17 -3.70
C ARG P 143 -6.19 11.30 -4.64
N LEU P 144 -5.69 11.10 -5.85
CA LEU P 144 -6.31 10.13 -6.74
C LEU P 144 -6.06 8.70 -6.28
N CYS P 145 -7.09 7.87 -6.31
CA CYS P 145 -7.00 6.46 -5.92
C CYS P 145 -7.41 5.57 -7.08
N PHE P 146 -6.44 4.83 -7.64
CA PHE P 146 -6.65 3.93 -8.77
C PHE P 146 -6.91 2.50 -8.30
N GLN P 147 -8.11 1.99 -8.55
CA GLN P 147 -8.49 0.60 -8.30
C GLN P 147 -8.62 -0.11 -9.64
N VAL P 148 -7.77 -1.09 -9.90
CA VAL P 148 -7.80 -1.86 -11.14
C VAL P 148 -8.32 -3.26 -10.86
N PHE P 149 -9.28 -3.70 -11.67
CA PHE P 149 -9.88 -5.01 -11.61
C PHE P 149 -9.56 -5.77 -12.90
N LEU P 150 -9.08 -7.02 -12.75
CA LEU P 150 -8.62 -7.91 -13.81
C LEU P 150 -9.64 -9.00 -14.10
N PRO P 151 -9.59 -9.59 -15.30
CA PRO P 151 -10.72 -10.39 -15.80
C PRO P 151 -11.19 -11.51 -14.87
N ASP P 152 -12.52 -11.76 -14.95
CA ASP P 152 -13.30 -12.64 -14.10
C ASP P 152 -14.81 -12.38 -14.20
N GLU P 153 -15.26 -11.59 -15.19
CA GLU P 153 -16.53 -10.86 -15.09
C GLU P 153 -17.79 -11.71 -15.00
N HIS P 154 -18.65 -11.64 -16.02
CA HIS P 154 -19.91 -12.38 -16.00
C HIS P 154 -20.50 -12.61 -17.39
N PHE P 157 -14.15 -9.08 -14.60
CA PHE P 157 -13.45 -7.98 -13.97
C PHE P 157 -13.73 -7.90 -12.48
N THR P 158 -13.15 -8.84 -11.72
CA THR P 158 -13.24 -8.83 -10.27
C THR P 158 -11.89 -8.97 -9.59
N THR P 159 -10.86 -9.48 -10.26
CA THR P 159 -9.55 -9.63 -9.62
C THR P 159 -8.99 -8.26 -9.23
N ALA P 160 -9.10 -7.89 -7.96
CA ALA P 160 -8.68 -6.56 -7.52
C ALA P 160 -7.17 -6.46 -7.39
N LEU P 161 -6.53 -5.63 -8.21
CA LEU P 161 -5.13 -5.30 -7.94
C LEU P 161 -5.06 -4.40 -6.71
N PRO P 162 -3.88 -4.27 -6.10
CA PRO P 162 -3.77 -3.38 -4.95
C PRO P 162 -4.08 -1.94 -5.35
N PRO P 163 -4.85 -1.22 -4.55
CA PRO P 163 -5.10 0.20 -4.83
C PRO P 163 -3.89 1.04 -4.52
N ILE P 164 -3.58 2.00 -5.41
CA ILE P 164 -2.46 2.91 -5.21
C ILE P 164 -2.97 4.35 -5.30
N VAL P 165 -2.30 5.24 -4.59
CA VAL P 165 -2.68 6.64 -4.57
C VAL P 165 -1.65 7.48 -5.33
N SER P 166 -2.11 8.62 -5.84
CA SER P 166 -1.26 9.61 -6.48
C SER P 166 -0.71 10.60 -5.46
N ASN P 167 0.17 11.49 -5.92
CA ASN P 167 0.60 12.57 -5.04
C ASN P 167 -0.56 13.51 -4.76
N PRO P 168 -0.56 14.17 -3.61
CA PRO P 168 -1.72 15.00 -3.25
C PRO P 168 -1.89 16.13 -4.24
N ILE P 169 -3.15 16.42 -4.55
CA ILE P 169 -3.54 17.53 -5.40
C ILE P 169 -4.16 18.60 -4.51
N TYR P 170 -3.69 19.85 -4.67
CA TYR P 170 -4.05 20.95 -3.78
C TYR P 170 -4.88 22.01 -4.51
N ASP P 171 -5.93 22.45 -3.83
CA ASP P 171 -6.86 23.44 -4.37
C ASP P 171 -6.17 24.78 -4.48
N ASN P 172 -6.01 25.26 -5.72
CA ASN P 172 -5.33 26.54 -5.90
C ASN P 172 -6.14 27.71 -5.36
N ARG P 173 -7.38 27.47 -4.94
CA ARG P 173 -8.27 28.51 -4.48
C ARG P 173 -8.13 28.74 -2.98
N ALA P 174 -7.65 27.75 -2.24
CA ALA P 174 -7.38 27.97 -0.81
C ALA P 174 -6.03 28.67 -0.63
N PRO P 175 -5.99 29.78 0.10
CA PRO P 175 -4.73 30.54 0.21
C PRO P 175 -3.56 29.74 0.77
N ASN P 176 -3.80 28.78 1.66
CA ASN P 176 -2.71 28.03 2.29
C ASN P 176 -2.21 26.89 1.44
N THR P 177 -2.97 26.49 0.43
CA THR P 177 -2.53 25.46 -0.49
C THR P 177 -2.29 25.98 -1.89
N ALA P 178 -2.48 27.29 -2.10
CA ALA P 178 -2.35 27.89 -3.42
C ALA P 178 -0.92 27.84 -3.92
N GLU P 179 -0.79 27.95 -5.24
CA GLU P 179 0.50 28.12 -5.89
C GLU P 179 1.07 29.50 -5.63
N LEU P 180 2.34 29.56 -5.21
CA LEU P 180 2.98 30.84 -4.95
C LEU P 180 3.46 31.45 -6.25
N LYS P 181 3.22 32.74 -6.42
CA LYS P 181 3.51 33.37 -7.69
C LYS P 181 3.82 34.84 -7.49
N ILE P 182 5.02 35.25 -7.89
CA ILE P 182 5.39 36.65 -7.93
C ILE P 182 4.95 37.19 -9.28
N CYS P 183 4.03 38.17 -9.27
CA CYS P 183 3.47 38.68 -10.50
C CYS P 183 4.27 39.85 -11.06
N ARG P 184 4.71 40.77 -10.21
CA ARG P 184 5.38 41.94 -10.78
C ARG P 184 6.08 42.68 -9.66
N VAL P 185 7.23 43.29 -9.95
CA VAL P 185 7.94 44.00 -8.91
C VAL P 185 8.39 45.35 -9.41
N ASN P 186 8.44 46.31 -8.48
CA ASN P 186 8.86 47.66 -8.81
C ASN P 186 10.29 47.72 -9.33
N ARG P 187 11.16 46.81 -8.89
CA ARG P 187 12.57 46.87 -9.29
C ARG P 187 13.25 45.57 -8.92
N ASN P 188 14.23 45.17 -9.71
CA ASN P 188 14.88 43.89 -9.50
C ASN P 188 16.39 44.03 -9.41
N SER P 189 16.84 45.04 -8.66
CA SER P 189 18.25 45.34 -8.43
C SER P 189 18.36 46.41 -7.34
N GLY P 190 19.38 46.31 -6.51
CA GLY P 190 19.55 47.26 -5.41
C GLY P 190 20.96 47.22 -4.87
N SER P 191 21.22 48.09 -3.89
CA SER P 191 22.50 48.13 -3.20
C SER P 191 22.79 46.80 -2.49
N CYS P 192 24.06 46.37 -2.52
CA CYS P 192 24.43 45.20 -1.73
C CYS P 192 24.27 45.43 -0.23
N LEU P 193 24.17 46.69 0.21
CA LEU P 193 23.82 46.95 1.61
C LEU P 193 22.34 46.74 1.89
N GLY P 194 21.49 46.78 0.87
CA GLY P 194 20.08 46.52 1.09
C GLY P 194 19.30 47.74 1.51
N GLY P 195 18.16 47.47 2.16
CA GLY P 195 17.26 48.52 2.60
C GLY P 195 16.43 49.15 1.51
N ASP P 196 16.50 48.62 0.29
CA ASP P 196 15.72 49.17 -0.82
C ASP P 196 14.28 48.72 -0.67
N GLU P 197 13.34 49.66 -0.68
CA GLU P 197 11.94 49.30 -0.57
C GLU P 197 11.47 48.68 -1.88
N ILE P 198 10.86 47.51 -1.78
CA ILE P 198 10.35 46.77 -2.92
C ILE P 198 8.85 46.60 -2.76
N PHE P 199 8.12 46.90 -3.82
CA PHE P 199 6.69 46.64 -3.94
C PHE P 199 6.53 45.40 -4.81
N LEU P 200 6.09 44.29 -4.21
CA LEU P 200 5.96 43.00 -4.88
C LEU P 200 4.48 42.66 -5.01
N LEU P 201 4.00 42.55 -6.25
CA LEU P 201 2.64 42.10 -6.54
C LEU P 201 2.63 40.60 -6.78
N CYS P 202 1.71 39.89 -6.07
CA CYS P 202 1.71 38.42 -6.01
C CYS P 202 0.28 37.88 -6.01
N ASP P 203 0.13 36.57 -6.17
CA ASP P 203 -1.15 35.87 -5.99
C ASP P 203 -1.47 35.69 -4.52
N LYS P 204 -2.75 35.68 -4.20
CA LYS P 204 -3.28 35.62 -2.84
C LYS P 204 -2.49 34.77 -1.86
N VAL P 205 -1.92 35.41 -0.83
CA VAL P 205 -1.21 34.77 0.27
C VAL P 205 -1.87 35.18 1.59
N GLN P 206 -1.42 34.60 2.68
CA GLN P 206 -1.90 34.93 4.02
C GLN P 206 -0.76 35.62 4.79
N LYS P 207 -1.01 36.87 5.23
CA LYS P 207 0.04 37.67 5.86
C LYS P 207 0.74 36.97 7.03
N GLU P 208 0.03 36.08 7.75
CA GLU P 208 0.55 35.42 8.93
C GLU P 208 1.37 34.20 8.60
N ASP P 209 1.63 33.98 7.31
CA ASP P 209 2.28 32.79 6.79
C ASP P 209 2.88 33.06 5.41
N ILE P 210 3.83 33.99 5.32
CA ILE P 210 4.47 34.36 4.05
C ILE P 210 5.80 35.03 4.35
N GLU P 211 6.82 34.73 3.55
CA GLU P 211 8.10 35.41 3.61
C GLU P 211 8.66 35.65 2.21
N VAL P 212 9.62 36.57 2.13
CA VAL P 212 10.37 36.83 0.91
C VAL P 212 11.78 36.29 1.10
N TYR P 213 12.15 35.28 0.34
CA TYR P 213 13.35 34.45 0.54
C TYR P 213 14.33 34.74 -0.58
N PHE P 214 15.42 35.45 -0.26
CA PHE P 214 16.55 35.67 -1.19
C PHE P 214 17.60 34.60 -0.96
N THR P 215 18.11 34.00 -2.04
CA THR P 215 19.14 32.96 -1.96
C THR P 215 20.17 33.09 -3.07
N GLY P 216 21.37 32.61 -2.78
CA GLY P 216 22.40 32.45 -3.77
C GLY P 216 23.37 31.36 -3.33
N PRO P 217 24.32 31.00 -4.20
CA PRO P 217 25.35 30.03 -3.79
C PRO P 217 25.90 30.32 -2.40
N GLY P 218 25.60 29.42 -1.48
CA GLY P 218 25.98 29.56 -0.09
C GLY P 218 25.53 30.86 0.55
N TRP P 219 24.26 31.22 0.41
CA TRP P 219 23.75 32.41 1.08
C TRP P 219 22.22 32.40 1.09
N GLU P 220 21.63 32.77 2.23
CA GLU P 220 20.19 32.99 2.33
C GLU P 220 19.87 34.16 3.24
N ALA P 221 18.81 34.88 2.90
CA ALA P 221 18.36 36.04 3.65
C ALA P 221 16.87 36.23 3.39
N ARG P 222 16.20 36.81 4.38
CA ARG P 222 14.76 36.97 4.28
C ARG P 222 14.41 38.39 3.82
N GLY P 223 13.10 38.60 3.64
CA GLY P 223 12.52 39.85 3.21
C GLY P 223 12.84 40.95 4.16
N SER P 224 12.03 41.08 5.21
CA SER P 224 12.03 42.09 6.28
C SER P 224 10.78 42.93 6.08
N PHE P 225 9.72 42.54 6.77
CA PHE P 225 8.48 43.28 6.71
C PHE P 225 7.58 42.82 7.84
N SER P 226 6.49 43.52 8.01
CA SER P 226 5.49 43.15 8.99
C SER P 226 4.22 42.69 8.27
N GLN P 227 3.32 42.08 9.04
CA GLN P 227 2.02 41.76 8.50
C GLN P 227 1.31 43.00 8.01
N ALA P 228 1.52 44.14 8.70
CA ALA P 228 0.92 45.41 8.31
C ALA P 228 1.35 45.85 6.92
N ASP P 229 2.45 45.33 6.41
CA ASP P 229 2.96 45.59 5.07
C ASP P 229 2.35 44.69 4.00
N VAL P 230 1.40 43.83 4.34
CA VAL P 230 0.80 42.88 3.39
C VAL P 230 -0.57 43.42 2.98
N HIS P 231 -0.64 44.07 1.82
CA HIS P 231 -1.86 44.76 1.37
C HIS P 231 -2.85 43.79 0.77
N ARG P 232 -3.97 43.57 1.47
CA ARG P 232 -5.11 42.82 0.94
C ARG P 232 -4.67 41.50 0.30
N GLN P 233 -3.68 40.84 0.92
CA GLN P 233 -3.26 39.49 0.56
C GLN P 233 -2.56 39.42 -0.79
N VAL P 234 -2.38 40.52 -1.53
CA VAL P 234 -1.83 40.36 -2.87
C VAL P 234 -0.72 41.35 -3.19
N ALA P 235 -0.18 42.02 -2.16
CA ALA P 235 0.96 42.92 -2.36
C ALA P 235 1.77 43.00 -1.06
N ILE P 236 3.08 42.91 -1.20
CA ILE P 236 4.02 42.94 -0.09
C ILE P 236 4.98 44.09 -0.28
N VAL P 237 5.11 44.95 0.73
CA VAL P 237 6.09 46.03 0.73
C VAL P 237 7.16 45.67 1.74
N PHE P 238 8.36 45.36 1.26
CA PHE P 238 9.44 44.95 2.17
C PHE P 238 10.74 45.67 1.78
N ARG P 239 11.80 45.46 2.57
CA ARG P 239 13.09 46.04 2.27
C ARG P 239 14.12 44.94 2.09
N THR P 240 14.91 45.00 1.01
CA THR P 240 15.85 43.94 0.70
C THR P 240 16.86 43.75 1.83
N PRO P 241 17.28 42.53 2.09
CA PRO P 241 18.24 42.28 3.14
C PRO P 241 19.64 42.60 2.64
N PRO P 242 20.57 42.86 3.54
CA PRO P 242 21.96 43.06 3.12
C PRO P 242 22.51 41.79 2.51
N TYR P 243 23.25 41.94 1.42
CA TYR P 243 23.92 40.83 0.79
C TYR P 243 25.15 40.43 1.60
N ALA P 244 25.64 39.21 1.34
CA ALA P 244 26.82 38.70 2.04
C ALA P 244 28.01 39.66 1.95
N ASP P 245 28.25 40.23 0.77
CA ASP P 245 29.42 41.07 0.56
C ASP P 245 29.01 42.54 0.54
N PRO P 246 29.19 43.30 1.63
CA PRO P 246 28.84 44.72 1.61
C PRO P 246 29.77 45.58 0.79
N SER P 247 30.80 45.01 0.18
CA SER P 247 31.80 45.75 -0.61
C SER P 247 31.82 45.29 -2.06
N LEU P 248 30.64 45.09 -2.64
CA LEU P 248 30.56 44.57 -4.00
C LEU P 248 31.27 45.47 -4.99
N GLN P 249 32.12 44.88 -5.83
CA GLN P 249 32.77 45.58 -6.92
C GLN P 249 32.17 45.26 -8.28
N ALA P 250 31.48 44.12 -8.41
CA ALA P 250 30.73 43.78 -9.60
C ALA P 250 29.38 43.21 -9.17
N PRO P 251 28.34 43.38 -9.99
CA PRO P 251 27.01 42.92 -9.58
C PRO P 251 26.98 41.40 -9.46
N VAL P 252 26.24 40.91 -8.46
CA VAL P 252 25.99 39.48 -8.33
C VAL P 252 24.52 39.25 -8.57
N ARG P 253 24.21 38.14 -9.22
CA ARG P 253 22.84 37.74 -9.51
C ARG P 253 22.42 36.76 -8.44
N VAL P 254 21.35 37.07 -7.71
CA VAL P 254 20.76 36.12 -6.76
C VAL P 254 19.32 35.84 -7.15
N SER P 255 18.69 34.94 -6.42
CA SER P 255 17.36 34.45 -6.71
C SER P 255 16.42 34.85 -5.58
N MET P 256 15.39 35.63 -5.89
CA MET P 256 14.38 36.05 -4.93
C MET P 256 13.08 35.27 -5.14
N GLN P 257 12.45 34.81 -4.06
CA GLN P 257 11.24 34.03 -4.26
C GLN P 257 10.36 34.08 -3.00
N LEU P 258 9.05 34.00 -3.22
CA LEU P 258 8.13 33.87 -2.09
C LEU P 258 8.28 32.51 -1.43
N ARG P 259 8.18 32.48 -0.10
CA ARG P 259 8.28 31.25 0.68
C ARG P 259 7.20 31.17 1.73
N ARG P 260 6.51 30.03 1.82
CA ARG P 260 5.47 29.80 2.82
C ARG P 260 6.01 28.93 3.94
N PRO P 261 6.21 29.46 5.15
CA PRO P 261 6.79 28.63 6.24
C PRO P 261 6.04 27.35 6.54
N SER P 262 4.70 27.37 6.48
CA SER P 262 3.87 26.23 6.87
C SER P 262 4.29 24.96 6.17
N ASP P 263 4.28 24.96 4.83
CA ASP P 263 4.67 23.78 4.07
C ASP P 263 5.95 24.00 3.27
N ARG P 264 6.77 24.94 3.73
CA ARG P 264 8.04 25.32 3.12
C ARG P 264 7.96 25.41 1.59
N GLU P 265 6.84 25.91 1.08
CA GLU P 265 6.62 26.05 -0.35
C GLU P 265 7.25 27.32 -0.92
N LEU P 266 7.68 27.25 -2.18
CA LEU P 266 8.41 28.33 -2.83
C LEU P 266 7.80 28.69 -4.18
N SER P 267 7.76 29.98 -4.48
CA SER P 267 7.38 30.38 -5.83
C SER P 267 8.54 30.18 -6.79
N GLU P 268 8.24 30.20 -8.08
CA GLU P 268 9.31 30.23 -9.09
C GLU P 268 10.21 31.43 -8.82
N PRO P 269 11.52 31.25 -8.84
CA PRO P 269 12.41 32.37 -8.50
C PRO P 269 12.35 33.47 -9.53
N MET P 270 12.61 34.68 -9.04
CA MET P 270 12.78 35.89 -9.84
C MET P 270 14.23 36.33 -9.70
N GLU P 271 14.87 36.70 -10.80
CA GLU P 271 16.27 37.09 -10.75
C GLU P 271 16.38 38.50 -10.16
N PHE P 272 17.23 38.66 -9.15
CA PHE P 272 17.47 39.95 -8.49
C PHE P 272 18.96 40.23 -8.54
N GLN P 273 19.34 41.43 -8.98
CA GLN P 273 20.74 41.78 -9.19
C GLN P 273 21.20 42.71 -8.08
N TYR P 274 22.08 42.21 -7.21
CA TYR P 274 22.74 43.08 -6.24
C TYR P 274 23.87 43.86 -6.92
N LEU P 275 23.96 45.14 -6.58
CA LEU P 275 24.82 46.09 -7.24
C LEU P 275 25.90 46.62 -6.29
N PRO P 276 27.02 47.11 -6.84
CA PRO P 276 28.10 47.61 -5.98
C PRO P 276 27.74 48.78 -5.08
N ASP P 277 26.98 49.76 -5.58
CA ASP P 277 26.60 50.93 -4.80
C ASP P 277 27.80 51.81 -4.41
#